data_8VAK
#
_entry.id   8VAK
#
_cell.length_a   1.00
_cell.length_b   1.00
_cell.length_c   1.00
_cell.angle_alpha   90.00
_cell.angle_beta   90.00
_cell.angle_gamma   90.00
#
_symmetry.space_group_name_H-M   'P 1'
#
loop_
_entity.id
_entity.type
_entity.pdbx_description
1 polymer 'Polyribonucleotide nucleotidyltransferase'
2 polymer "RNA (5'-R(P*AP*AP*AP*AP*AP*AP*A*A*A)-3')"
3 polymer "RNA (5'-R(P*CP*AP*(8GM)P*(8GM))-3')"
#
loop_
_entity_poly.entity_id
_entity_poly.type
_entity_poly.pdbx_seq_one_letter_code
_entity_poly.pdbx_strand_id
1 'polypeptide(L)'
;MLNPIVRKFQYGQHTVTLETGMMARQATAAVMVSMDDTAVFVTVVGQKKAKPGQDFFPLTVNYQERTYAAGRIPGSFFRR
EGRPSEGETLIARLIDRPIRPLFPEGFVNEVQVIATVVSVNPQVNPDIVAMIGASAALSLSGIPFNGPIGAARVGYINDQ
YVLNPTQDELKESKLDLVVAGTEAAVLMVESEAQLLSEDQMLGAVVFGHEQQQVVIQNINELVKEAGKPRWDWQPEPVNE
ALNARVAALAEARLSDAYRITDKQERYAQVDVIKSETIATLLAEDETLDENELGEILHAIEKNVVRSRVLAGEPRIDGRE
KDMIRGLDVRTGVLPRTHGSALFTRGETQALVTATLGTARDAQVLDELMGERTDTFLFHYNFPPYSVGETGMVGSPKRRE
IGHGRLAKRGVLAVMPDMDKFPYTVRVVSEITESNGSSSMASVCGASLALMDAGVPIKAAVAGIAMGLVKEGDNYVVLSD
ILGDEDHLGDMDFKVAGSRDGISALQMDIKIEGITKEIMQVALNQAKGARLHILGVMEQAINAPRGDISEFAPRIHTIKI
NPDKIKDVIGKGGSVIRALTEETGTTIEIEDDGTVKIAATDGEKAKHAIRRIEEITAEIEVGRVYTGKVTRIVDFGAFVA
IGGGKEGLVHISQIADKRVEKVTDYLQMGQEVPVKVLEVDRQGRIRLSIKEATEQSQPAAAPEAPAAEQGE
;
A,B,C
2 'polyribonucleotide' AAAAAAAAA G
3 'polyribonucleotide' CA(8GM)(8GM) D,E,F
#
# COMPACT_ATOMS: atom_id res chain seq x y z
N MET A 1 10.56 23.73 -38.37
CA MET A 1 10.95 24.91 -37.60
C MET A 1 12.19 24.61 -36.78
N LEU A 2 12.00 24.05 -35.58
CA LEU A 2 13.12 23.66 -34.75
C LEU A 2 13.83 22.44 -35.35
N ASN A 3 15.14 22.38 -35.13
CA ASN A 3 15.97 21.34 -35.72
C ASN A 3 16.87 20.71 -34.67
N PRO A 4 16.97 19.40 -34.62
CA PRO A 4 17.78 18.75 -33.61
C PRO A 4 19.23 18.60 -34.05
N ILE A 5 20.10 18.45 -33.06
CA ILE A 5 21.51 18.16 -33.28
C ILE A 5 21.74 16.71 -32.91
N VAL A 6 22.16 15.91 -33.87
CA VAL A 6 22.29 14.46 -33.68
C VAL A 6 23.71 14.06 -33.99
N ARG A 7 24.20 13.06 -33.28
CA ARG A 7 25.50 12.47 -33.55
C ARG A 7 25.45 11.02 -33.11
N LYS A 8 25.66 10.10 -34.05
CA LYS A 8 25.55 8.69 -33.78
C LYS A 8 26.86 8.00 -34.13
N PHE A 9 27.22 6.99 -33.35
CA PHE A 9 28.50 6.31 -33.52
C PHE A 9 28.32 4.83 -33.33
N GLN A 10 29.43 4.10 -33.37
CA GLN A 10 29.45 2.65 -33.18
C GLN A 10 30.09 2.34 -31.85
N TYR A 11 29.40 1.55 -31.03
CA TYR A 11 29.83 1.25 -29.67
C TYR A 11 29.66 -0.24 -29.43
N GLY A 12 30.72 -0.99 -29.67
CA GLY A 12 30.66 -2.43 -29.48
C GLY A 12 29.92 -3.13 -30.60
N GLN A 13 28.64 -3.41 -30.38
CA GLN A 13 27.81 -4.08 -31.37
C GLN A 13 26.66 -3.22 -31.86
N HIS A 14 25.95 -2.56 -30.95
CA HIS A 14 24.86 -1.69 -31.33
C HIS A 14 25.39 -0.32 -31.78
N THR A 15 24.48 0.58 -32.14
CA THR A 15 24.85 1.90 -32.62
C THR A 15 24.12 2.95 -31.80
N VAL A 16 24.84 3.59 -30.90
CA VAL A 16 24.26 4.60 -30.04
C VAL A 16 23.97 5.85 -30.86
N THR A 17 22.90 6.56 -30.50
CA THR A 17 22.51 7.78 -31.19
C THR A 17 22.20 8.85 -30.16
N LEU A 18 23.08 9.84 -30.06
CA LEU A 18 22.87 10.97 -29.17
C LEU A 18 22.13 12.05 -29.93
N GLU A 19 21.12 12.65 -29.28
CA GLU A 19 20.24 13.58 -29.98
C GLU A 19 19.73 14.61 -29.00
N THR A 20 20.00 15.89 -29.28
CA THR A 20 19.63 16.97 -28.38
C THR A 20 19.12 18.14 -29.18
N GLY A 21 18.66 19.17 -28.44
CA GLY A 21 18.24 20.41 -29.04
C GLY A 21 16.79 20.45 -29.47
N MET A 22 16.12 19.32 -29.56
CA MET A 22 14.74 19.28 -30.04
C MET A 22 13.73 19.43 -28.91
N MET A 23 13.86 18.62 -27.88
CA MET A 23 12.86 18.53 -26.82
C MET A 23 13.40 19.06 -25.50
N ALA A 24 12.47 19.50 -24.66
CA ALA A 24 12.77 19.95 -23.29
C ALA A 24 13.72 21.14 -23.29
N ARG A 25 13.56 22.04 -24.25
CA ARG A 25 14.45 23.18 -24.37
C ARG A 25 14.49 24.03 -23.11
N GLN A 26 13.48 23.94 -22.25
CA GLN A 26 13.40 24.80 -21.08
C GLN A 26 14.22 24.32 -19.91
N ALA A 27 14.50 23.03 -19.83
CA ALA A 27 15.43 22.55 -18.82
C ALA A 27 16.83 23.08 -19.13
N THR A 28 17.77 22.84 -18.22
CA THR A 28 19.11 23.34 -18.46
C THR A 28 19.76 22.63 -19.64
N ALA A 29 19.63 21.31 -19.71
CA ALA A 29 20.02 20.57 -20.90
C ALA A 29 19.21 19.29 -20.95
N ALA A 30 19.09 18.71 -22.14
CA ALA A 30 18.30 17.50 -22.29
C ALA A 30 18.70 16.79 -23.57
N VAL A 31 19.03 15.53 -23.46
CA VAL A 31 19.46 14.71 -24.58
C VAL A 31 18.73 13.39 -24.53
N MET A 32 18.31 12.88 -25.68
CA MET A 32 17.61 11.62 -25.79
C MET A 32 18.58 10.62 -26.42
N VAL A 33 19.22 9.82 -25.60
CA VAL A 33 20.19 8.83 -26.06
C VAL A 33 19.49 7.51 -26.32
N SER A 34 19.73 6.94 -27.49
CA SER A 34 19.13 5.68 -27.86
C SER A 34 20.22 4.74 -28.35
N MET A 35 20.11 3.47 -27.96
CA MET A 35 21.10 2.45 -28.32
C MET A 35 20.37 1.27 -28.92
N ASP A 36 20.13 1.33 -30.23
CA ASP A 36 19.48 0.26 -30.97
C ASP A 36 18.09 0.00 -30.42
N ASP A 37 17.19 0.94 -30.69
CA ASP A 37 15.80 0.86 -30.25
C ASP A 37 15.68 0.67 -28.74
N THR A 38 16.43 1.47 -28.00
CA THR A 38 16.24 1.57 -26.56
C THR A 38 16.62 2.99 -26.20
N ALA A 39 15.64 3.87 -26.14
CA ALA A 39 15.90 5.28 -25.92
C ALA A 39 15.70 5.61 -24.45
N VAL A 40 16.46 6.58 -23.98
CA VAL A 40 16.33 7.06 -22.61
C VAL A 40 16.55 8.56 -22.63
N PHE A 41 15.60 9.29 -22.05
CA PHE A 41 15.48 10.73 -22.24
C PHE A 41 15.89 11.42 -20.95
N VAL A 42 17.13 11.90 -20.90
CA VAL A 42 17.73 12.44 -19.68
C VAL A 42 17.66 13.96 -19.70
N THR A 43 17.31 14.56 -18.56
CA THR A 43 17.20 16.00 -18.42
C THR A 43 17.81 16.46 -17.12
N VAL A 44 18.66 17.48 -17.18
CA VAL A 44 19.31 18.04 -16.00
C VAL A 44 18.79 19.45 -15.78
N VAL A 45 18.49 19.79 -14.53
CA VAL A 45 17.97 21.10 -14.16
C VAL A 45 18.78 21.61 -12.98
N GLY A 46 19.67 22.56 -13.23
CA GLY A 46 20.47 23.07 -12.14
C GLY A 46 20.13 24.51 -11.82
N GLN A 47 19.92 24.81 -10.55
CA GLN A 47 19.55 26.17 -10.17
C GLN A 47 20.73 27.10 -10.36
N LYS A 48 20.43 28.37 -10.65
CA LYS A 48 21.48 29.32 -10.96
C LYS A 48 22.11 29.89 -9.70
N LYS A 49 21.31 30.15 -8.68
CA LYS A 49 21.78 30.79 -7.46
C LYS A 49 21.74 29.79 -6.30
N ALA A 50 22.84 29.74 -5.56
CA ALA A 50 22.98 28.76 -4.48
C ALA A 50 21.95 29.02 -3.40
N LYS A 51 21.62 27.96 -2.66
CA LYS A 51 20.75 28.11 -1.51
C LYS A 51 21.50 28.83 -0.39
N PRO A 52 20.88 29.80 0.26
CA PRO A 52 21.61 30.57 1.30
C PRO A 52 21.84 29.71 2.52
N GLY A 53 23.11 29.60 2.91
CA GLY A 53 23.49 28.76 4.03
C GLY A 53 23.23 27.29 3.79
N GLN A 54 23.79 26.76 2.71
CA GLN A 54 23.72 25.34 2.40
C GLN A 54 25.07 24.70 2.71
N ASP A 55 25.05 23.42 3.05
CA ASP A 55 26.28 22.77 3.49
C ASP A 55 26.59 21.49 2.71
N PHE A 56 25.57 20.74 2.31
CA PHE A 56 25.76 19.47 1.63
C PHE A 56 25.16 19.52 0.24
N PHE A 57 25.86 18.91 -0.70
CA PHE A 57 25.45 18.91 -2.10
C PHE A 57 24.13 18.18 -2.26
N PRO A 58 23.07 18.83 -2.74
CA PRO A 58 21.77 18.17 -2.80
C PRO A 58 21.47 17.51 -4.14
N LEU A 59 22.43 16.80 -4.72
CA LEU A 59 22.17 16.10 -5.96
C LEU A 59 21.14 15.00 -5.73
N THR A 60 20.11 14.98 -6.55
CA THR A 60 19.07 13.96 -6.48
C THR A 60 18.83 13.42 -7.88
N VAL A 61 19.03 12.11 -8.07
CA VAL A 61 18.83 11.48 -9.36
C VAL A 61 17.60 10.60 -9.27
N ASN A 62 16.67 10.81 -10.20
CA ASN A 62 15.49 9.97 -10.33
C ASN A 62 15.56 9.23 -11.65
N TYR A 63 15.11 7.98 -11.65
CA TYR A 63 15.08 7.16 -12.85
C TYR A 63 13.74 6.44 -12.87
N GLN A 64 12.87 6.81 -13.79
CA GLN A 64 11.54 6.25 -13.87
C GLN A 64 11.39 5.48 -15.17
N GLU A 65 10.88 4.26 -15.08
CA GLU A 65 10.69 3.39 -16.24
C GLU A 65 9.23 3.42 -16.62
N ARG A 66 8.90 4.13 -17.69
CA ARG A 66 7.53 4.15 -18.17
C ARG A 66 7.18 2.80 -18.78
N THR A 67 6.06 2.23 -18.33
CA THR A 67 5.69 0.90 -18.81
C THR A 67 5.26 0.92 -20.26
N TYR A 68 4.82 2.07 -20.77
CA TYR A 68 4.43 2.12 -22.18
C TYR A 68 5.61 1.87 -23.10
N ALA A 69 6.83 1.90 -22.56
CA ALA A 69 8.00 1.62 -23.37
C ALA A 69 7.94 0.21 -23.95
N ALA A 70 7.79 -0.79 -23.10
CA ALA A 70 7.78 -2.16 -23.61
C ALA A 70 6.60 -2.39 -24.52
N GLY A 71 5.45 -1.81 -24.19
CA GLY A 71 4.26 -2.00 -24.97
C GLY A 71 3.14 -2.64 -24.17
N ARG A 72 3.16 -2.43 -22.86
CA ARG A 72 2.19 -3.03 -21.97
C ARG A 72 1.60 -1.97 -21.05
N ILE A 73 0.28 -1.94 -20.95
CA ILE A 73 -0.39 -1.17 -19.90
C ILE A 73 0.03 -1.73 -18.56
N PRO A 74 0.39 -0.90 -17.58
CA PRO A 74 0.91 -1.44 -16.31
C PRO A 74 -0.12 -2.29 -15.61
N GLY A 75 0.33 -2.99 -14.57
CA GLY A 75 -0.51 -3.95 -13.89
C GLY A 75 -1.15 -3.42 -12.63
N SER A 76 -0.61 -2.32 -12.09
CA SER A 76 -1.11 -1.78 -10.84
C SER A 76 -2.58 -1.46 -10.96
N PHE A 77 -3.33 -1.70 -9.88
CA PHE A 77 -4.77 -1.61 -9.97
C PHE A 77 -5.26 -0.26 -10.47
N PHE A 78 -4.49 0.80 -10.28
CA PHE A 78 -4.84 2.10 -10.82
C PHE A 78 -4.34 2.29 -12.25
N ARG A 79 -3.77 1.25 -12.84
CA ARG A 79 -3.31 1.30 -14.23
C ARG A 79 -2.37 2.47 -14.45
N ARG A 80 -1.49 2.72 -13.49
CA ARG A 80 -0.55 3.82 -13.62
C ARG A 80 0.73 3.46 -12.86
N GLU A 81 1.84 4.00 -13.33
CA GLU A 81 3.13 3.71 -12.74
C GLU A 81 3.24 4.38 -11.38
N GLY A 82 3.25 3.58 -10.33
CA GLY A 82 3.31 4.10 -8.98
C GLY A 82 4.70 4.59 -8.62
N ARG A 83 4.97 4.64 -7.32
CA ARG A 83 6.27 5.07 -6.86
C ARG A 83 7.33 4.04 -7.26
N PRO A 84 8.59 4.46 -7.39
CA PRO A 84 9.58 3.63 -8.07
C PRO A 84 9.79 2.29 -7.39
N SER A 85 9.89 1.24 -8.22
CA SER A 85 10.16 -0.10 -7.72
C SER A 85 11.62 -0.24 -7.33
N GLU A 86 11.97 -1.44 -6.85
CA GLU A 86 13.34 -1.67 -6.38
C GLU A 86 14.35 -1.59 -7.51
N GLY A 87 14.01 -2.12 -8.68
CA GLY A 87 14.95 -2.07 -9.79
C GLY A 87 15.31 -0.66 -10.20
N GLU A 88 14.30 0.21 -10.29
CA GLU A 88 14.56 1.59 -10.68
C GLU A 88 15.36 2.32 -9.61
N THR A 89 15.06 2.07 -8.34
CA THR A 89 15.86 2.65 -7.28
C THR A 89 17.32 2.21 -7.38
N LEU A 90 17.55 0.94 -7.71
CA LEU A 90 18.90 0.45 -7.88
C LEU A 90 19.62 1.19 -9.00
N ILE A 91 18.96 1.33 -10.15
CA ILE A 91 19.62 2.01 -11.26
C ILE A 91 19.79 3.48 -10.97
N ALA A 92 18.93 4.07 -10.15
CA ALA A 92 19.11 5.45 -9.76
C ALA A 92 20.36 5.61 -8.90
N ARG A 93 20.53 4.71 -7.92
CA ARG A 93 21.77 4.74 -7.14
C ARG A 93 22.98 4.50 -8.02
N LEU A 94 22.82 3.68 -9.06
CA LEU A 94 23.92 3.42 -9.98
C LEU A 94 24.32 4.67 -10.74
N ILE A 95 23.34 5.46 -11.18
CA ILE A 95 23.67 6.73 -11.82
C ILE A 95 24.24 7.70 -10.81
N ASP A 96 23.78 7.64 -9.56
CA ASP A 96 24.20 8.61 -8.55
C ASP A 96 25.67 8.42 -8.18
N ARG A 97 26.11 7.18 -8.00
CA ARG A 97 27.43 6.94 -7.42
C ARG A 97 28.57 7.58 -8.21
N PRO A 98 28.69 7.38 -9.53
CA PRO A 98 29.86 7.96 -10.21
C PRO A 98 29.83 9.46 -10.35
N ILE A 99 28.68 10.06 -10.63
CA ILE A 99 28.65 11.49 -10.97
C ILE A 99 28.96 12.34 -9.75
N ARG A 100 28.55 11.90 -8.56
CA ARG A 100 28.66 12.78 -7.39
C ARG A 100 30.07 13.25 -7.08
N PRO A 101 31.11 12.41 -7.12
CA PRO A 101 32.45 12.93 -6.85
C PRO A 101 32.93 13.96 -7.87
N LEU A 102 32.39 13.92 -9.09
CA LEU A 102 32.95 14.74 -10.16
C LEU A 102 32.75 16.22 -9.90
N PHE A 103 31.59 16.61 -9.38
CA PHE A 103 31.31 18.00 -9.14
C PHE A 103 32.40 18.64 -8.29
N PRO A 104 32.79 19.88 -8.57
CA PRO A 104 33.93 20.47 -7.88
C PRO A 104 33.64 20.63 -6.39
N GLU A 105 34.69 20.90 -5.64
CA GLU A 105 34.56 21.04 -4.20
C GLU A 105 33.87 22.34 -3.86
N GLY A 106 32.85 22.27 -3.00
CA GLY A 106 32.14 23.44 -2.56
C GLY A 106 30.90 23.77 -3.36
N PHE A 107 30.65 23.08 -4.46
CA PHE A 107 29.42 23.28 -5.21
C PHE A 107 28.22 22.88 -4.36
N VAL A 108 27.19 23.72 -4.37
CA VAL A 108 26.06 23.48 -3.47
C VAL A 108 24.73 23.80 -4.14
N ASN A 109 24.76 24.28 -5.38
CA ASN A 109 23.52 24.49 -6.09
C ASN A 109 22.81 23.18 -6.31
N GLU A 110 21.49 23.16 -6.08
CA GLU A 110 20.73 21.95 -6.29
C GLU A 110 20.77 21.53 -7.74
N VAL A 111 20.81 20.22 -7.97
CA VAL A 111 20.88 19.64 -9.30
C VAL A 111 20.03 18.38 -9.32
N GLN A 112 19.17 18.25 -10.32
CA GLN A 112 18.27 17.11 -10.41
C GLN A 112 18.35 16.50 -11.79
N VAL A 113 18.64 15.20 -11.86
CA VAL A 113 18.79 14.49 -13.12
C VAL A 113 17.65 13.49 -13.22
N ILE A 114 16.69 13.76 -14.10
CA ILE A 114 15.58 12.84 -14.34
C ILE A 114 15.85 12.10 -15.63
N ALA A 115 15.80 10.78 -15.59
CA ALA A 115 16.09 9.93 -16.73
C ALA A 115 14.91 9.00 -16.96
N THR A 116 14.12 9.27 -17.99
CA THR A 116 12.97 8.45 -18.33
C THR A 116 13.36 7.39 -19.36
N VAL A 117 12.62 6.29 -19.37
CA VAL A 117 12.86 5.25 -20.37
C VAL A 117 11.66 5.17 -21.30
N VAL A 118 11.74 5.87 -22.43
CA VAL A 118 10.59 5.97 -23.32
C VAL A 118 10.40 4.68 -24.12
N SER A 119 11.48 4.02 -24.51
CA SER A 119 11.35 2.81 -25.31
C SER A 119 12.46 1.82 -24.95
N VAL A 120 12.15 0.53 -25.11
CA VAL A 120 13.11 -0.50 -24.73
C VAL A 120 12.98 -1.75 -25.59
N ASN A 121 14.03 -2.06 -26.33
CA ASN A 121 14.11 -3.36 -26.98
C ASN A 121 14.54 -4.38 -25.94
N PRO A 122 13.76 -5.42 -25.67
CA PRO A 122 14.03 -6.28 -24.51
C PRO A 122 15.39 -6.94 -24.53
N GLN A 123 16.16 -6.81 -25.61
CA GLN A 123 17.47 -7.43 -25.70
C GLN A 123 18.60 -6.50 -25.28
N VAL A 124 18.31 -5.27 -24.86
CA VAL A 124 19.34 -4.31 -24.49
C VAL A 124 18.89 -3.62 -23.22
N ASN A 125 19.56 -3.93 -22.10
CA ASN A 125 19.22 -3.32 -20.83
C ASN A 125 19.42 -1.81 -20.93
N PRO A 126 18.48 -1.02 -20.41
CA PRO A 126 18.59 0.44 -20.53
C PRO A 126 19.36 1.15 -19.41
N ASP A 127 19.97 0.44 -18.46
CA ASP A 127 20.71 1.16 -17.43
C ASP A 127 21.98 1.77 -18.01
N ILE A 128 22.70 1.03 -18.87
CA ILE A 128 23.87 1.59 -19.52
C ILE A 128 23.49 2.81 -20.34
N VAL A 129 22.35 2.73 -21.03
CA VAL A 129 21.93 3.86 -21.84
C VAL A 129 21.59 5.05 -20.95
N ALA A 130 20.91 4.82 -19.84
CA ALA A 130 20.59 5.92 -18.95
C ALA A 130 21.85 6.54 -18.35
N MET A 131 22.88 5.73 -18.11
CA MET A 131 24.11 6.27 -17.56
C MET A 131 24.83 7.14 -18.59
N ILE A 132 24.96 6.63 -19.81
CA ILE A 132 25.51 7.46 -20.89
C ILE A 132 24.71 8.74 -21.05
N GLY A 133 23.39 8.65 -20.87
CA GLY A 133 22.56 9.82 -21.06
C GLY A 133 22.75 10.86 -19.98
N ALA A 134 22.81 10.43 -18.72
CA ALA A 134 23.07 11.37 -17.64
C ALA A 134 24.42 12.02 -17.81
N SER A 135 25.41 11.26 -18.27
CA SER A 135 26.73 11.84 -18.51
C SER A 135 26.68 12.88 -19.61
N ALA A 136 26.08 12.54 -20.75
CA ALA A 136 26.02 13.47 -21.86
C ALA A 136 25.24 14.73 -21.49
N ALA A 137 24.16 14.56 -20.72
CA ALA A 137 23.37 15.71 -20.29
C ALA A 137 24.20 16.63 -19.40
N LEU A 138 24.77 16.07 -18.32
CA LEU A 138 25.53 16.92 -17.41
C LEU A 138 26.68 17.59 -18.12
N SER A 139 27.46 16.84 -18.89
CA SER A 139 28.59 17.44 -19.59
C SER A 139 28.12 18.45 -20.64
N LEU A 140 26.89 18.30 -21.10
CA LEU A 140 26.34 19.19 -22.11
C LEU A 140 25.79 20.47 -21.50
N SER A 141 25.32 20.41 -20.26
CA SER A 141 24.62 21.52 -19.66
C SER A 141 25.54 22.70 -19.34
N GLY A 142 26.81 22.44 -19.12
CA GLY A 142 27.67 23.49 -18.66
C GLY A 142 27.66 23.70 -17.17
N ILE A 143 26.92 22.88 -16.42
CA ILE A 143 27.10 22.90 -14.97
C ILE A 143 28.54 22.56 -14.64
N PRO A 144 29.15 23.18 -13.64
CA PRO A 144 30.51 22.80 -13.27
C PRO A 144 30.61 21.31 -13.07
N PHE A 145 31.29 20.58 -13.97
CA PHE A 145 31.37 19.09 -13.93
C PHE A 145 32.74 18.67 -14.43
N ASN A 146 33.50 17.93 -13.64
CA ASN A 146 34.91 17.65 -14.01
C ASN A 146 35.09 16.85 -15.30
N GLY A 147 34.30 15.82 -15.58
CA GLY A 147 34.58 15.11 -16.85
C GLY A 147 33.39 14.44 -17.50
N PRO A 148 33.38 14.22 -18.82
CA PRO A 148 32.30 13.44 -19.38
C PRO A 148 32.59 12.02 -18.86
N ILE A 149 31.59 11.19 -18.58
CA ILE A 149 31.81 9.84 -17.97
C ILE A 149 31.10 8.78 -18.79
N GLY A 150 31.77 7.71 -19.20
CA GLY A 150 31.15 6.71 -20.02
C GLY A 150 30.45 5.66 -19.18
N ALA A 151 30.38 4.44 -19.72
CA ALA A 151 29.80 3.31 -19.03
C ALA A 151 29.99 2.06 -19.88
N ALA A 152 30.04 0.91 -19.23
CA ALA A 152 30.15 -0.34 -19.97
C ALA A 152 29.76 -1.46 -19.03
N ARG A 153 29.14 -2.48 -19.60
CA ARG A 153 28.79 -3.69 -18.85
C ARG A 153 29.53 -4.84 -19.49
N VAL A 154 30.44 -5.43 -18.77
CA VAL A 154 31.32 -6.46 -19.33
C VAL A 154 30.77 -7.83 -18.98
N GLY A 155 30.91 -8.76 -19.91
CA GLY A 155 30.51 -10.13 -19.69
C GLY A 155 31.67 -11.06 -19.96
N TYR A 156 31.57 -12.24 -19.37
CA TYR A 156 32.61 -13.26 -19.44
C TYR A 156 32.02 -14.50 -20.08
N ILE A 157 32.51 -14.84 -21.27
CA ILE A 157 31.99 -15.97 -22.03
C ILE A 157 33.16 -16.69 -22.68
N ASN A 158 33.28 -17.99 -22.42
CA ASN A 158 34.34 -18.81 -22.99
C ASN A 158 35.72 -18.17 -22.80
N ASP A 159 35.92 -17.58 -21.63
CA ASP A 159 37.16 -16.88 -21.31
C ASP A 159 37.47 -15.77 -22.30
N GLN A 160 36.42 -15.15 -22.84
CA GLN A 160 36.57 -14.01 -23.72
C GLN A 160 35.68 -12.88 -23.21
N TYR A 161 36.28 -11.72 -23.00
CA TYR A 161 35.55 -10.55 -22.52
C TYR A 161 34.64 -10.04 -23.63
N VAL A 162 33.34 -10.11 -23.41
CA VAL A 162 32.35 -9.61 -24.37
C VAL A 162 31.82 -8.30 -23.84
N LEU A 163 31.85 -7.27 -24.68
CA LEU A 163 31.47 -5.94 -24.26
C LEU A 163 29.98 -5.71 -24.46
N ASN A 164 29.31 -5.29 -23.41
CA ASN A 164 27.90 -4.92 -23.45
C ASN A 164 27.06 -6.06 -24.01
N PRO A 165 26.93 -7.17 -23.30
CA PRO A 165 26.24 -8.32 -23.86
C PRO A 165 24.73 -8.11 -23.91
N THR A 166 24.09 -8.78 -24.86
CA THR A 166 22.65 -8.83 -24.90
C THR A 166 22.15 -9.72 -23.77
N GLN A 167 20.85 -9.59 -23.46
CA GLN A 167 20.28 -10.33 -22.36
C GLN A 167 20.43 -11.84 -22.56
N ASP A 168 20.33 -12.30 -23.80
CA ASP A 168 20.53 -13.72 -24.08
C ASP A 168 21.93 -14.16 -23.68
N GLU A 169 22.96 -13.46 -24.16
CA GLU A 169 24.33 -13.83 -23.84
C GLU A 169 24.63 -13.79 -22.35
N LEU A 170 23.78 -13.16 -21.55
CA LEU A 170 24.04 -13.09 -20.12
C LEU A 170 23.69 -14.40 -19.43
N LYS A 171 22.79 -15.18 -20.02
CA LYS A 171 22.43 -16.47 -19.44
C LYS A 171 23.65 -17.38 -19.34
N GLU A 172 24.63 -17.21 -20.21
CA GLU A 172 25.84 -18.02 -20.21
C GLU A 172 27.08 -17.20 -19.89
N SER A 173 26.93 -16.15 -19.09
CA SER A 173 28.04 -15.28 -18.73
C SER A 173 28.28 -15.37 -17.24
N LYS A 174 29.52 -15.66 -16.86
CA LYS A 174 29.84 -15.79 -15.45
C LYS A 174 29.77 -14.45 -14.74
N LEU A 175 30.28 -13.40 -15.36
CA LEU A 175 30.48 -12.12 -14.69
C LEU A 175 29.64 -11.03 -15.35
N ASP A 176 29.15 -10.10 -14.54
CA ASP A 176 28.27 -9.00 -14.98
C ASP A 176 28.80 -7.72 -14.36
N LEU A 177 29.79 -7.11 -14.99
CA LEU A 177 30.61 -6.06 -14.38
C LEU A 177 30.29 -4.71 -15.00
N VAL A 178 29.53 -3.89 -14.30
CA VAL A 178 29.27 -2.52 -14.75
C VAL A 178 30.44 -1.64 -14.32
N VAL A 179 31.21 -1.14 -15.27
CA VAL A 179 32.33 -0.25 -14.99
C VAL A 179 32.09 1.09 -15.68
N ALA A 180 32.19 2.17 -14.92
CA ALA A 180 32.03 3.51 -15.45
C ALA A 180 33.17 4.39 -14.98
N GLY A 181 33.79 5.12 -15.91
CA GLY A 181 34.91 5.94 -15.53
C GLY A 181 35.32 6.96 -16.57
N THR A 182 35.83 8.10 -16.12
CA THR A 182 36.38 9.08 -17.03
C THR A 182 37.65 8.54 -17.69
N GLU A 183 38.19 9.33 -18.62
CA GLU A 183 39.41 8.90 -19.31
C GLU A 183 40.56 8.74 -18.33
N ALA A 184 40.55 9.52 -17.24
CA ALA A 184 41.66 9.45 -16.29
C ALA A 184 41.73 8.10 -15.59
N ALA A 185 40.62 7.65 -14.99
CA ALA A 185 40.65 6.42 -14.22
C ALA A 185 39.23 5.96 -13.91
N VAL A 186 39.14 4.79 -13.30
CA VAL A 186 37.86 4.12 -13.04
C VAL A 186 37.19 4.77 -11.84
N LEU A 187 35.87 4.91 -11.90
CA LEU A 187 35.12 5.55 -10.82
C LEU A 187 34.26 4.56 -10.05
N MET A 188 33.34 3.87 -10.72
CA MET A 188 32.43 2.96 -10.04
C MET A 188 32.48 1.61 -10.71
N VAL A 189 32.53 0.56 -9.89
CA VAL A 189 32.55 -0.81 -10.38
C VAL A 189 31.48 -1.59 -9.61
N GLU A 190 30.76 -2.46 -10.30
CA GLU A 190 29.75 -3.30 -9.69
C GLU A 190 29.77 -4.65 -10.40
N SER A 191 29.39 -5.72 -9.70
CA SER A 191 29.56 -7.04 -10.30
C SER A 191 28.70 -8.07 -9.62
N GLU A 192 28.78 -9.30 -10.14
CA GLU A 192 28.12 -10.48 -9.62
C GLU A 192 28.69 -11.70 -10.34
N ALA A 193 29.93 -12.05 -10.05
CA ALA A 193 30.54 -13.19 -10.72
C ALA A 193 30.28 -14.48 -9.97
N GLN A 194 30.49 -15.60 -10.68
CA GLN A 194 30.39 -16.93 -10.08
C GLN A 194 31.77 -17.40 -9.64
N LEU A 195 32.24 -16.81 -8.54
CA LEU A 195 33.48 -17.22 -7.88
C LEU A 195 34.68 -17.16 -8.83
N LEU A 196 34.74 -16.08 -9.61
CA LEU A 196 35.88 -15.87 -10.49
C LEU A 196 37.11 -15.47 -9.69
N SER A 197 38.28 -15.75 -10.24
CA SER A 197 39.52 -15.36 -9.61
C SER A 197 39.74 -13.86 -9.69
N GLU A 198 40.50 -13.33 -8.72
CA GLU A 198 40.75 -11.89 -8.65
C GLU A 198 41.36 -11.36 -9.95
N ASP A 199 42.25 -12.14 -10.57
CA ASP A 199 42.93 -11.67 -11.77
C ASP A 199 41.93 -11.45 -12.89
N GLN A 200 41.00 -12.39 -13.07
CA GLN A 200 39.96 -12.22 -14.08
C GLN A 200 39.15 -10.97 -13.81
N MET A 201 38.80 -10.72 -12.56
CA MET A 201 38.04 -9.52 -12.21
C MET A 201 38.79 -8.26 -12.58
N LEU A 202 40.07 -8.19 -12.24
CA LEU A 202 40.82 -6.98 -12.56
C LEU A 202 40.98 -6.81 -14.06
N GLY A 203 41.18 -7.91 -14.78
CA GLY A 203 41.25 -7.83 -16.22
C GLY A 203 39.94 -7.34 -16.83
N ALA A 204 38.81 -7.81 -16.29
CA ALA A 204 37.53 -7.35 -16.78
C ALA A 204 37.34 -5.87 -16.51
N VAL A 205 37.79 -5.39 -15.36
CA VAL A 205 37.66 -3.97 -15.09
C VAL A 205 38.51 -3.15 -16.06
N VAL A 206 39.76 -3.55 -16.26
CA VAL A 206 40.61 -2.75 -17.13
C VAL A 206 40.12 -2.82 -18.57
N PHE A 207 39.55 -3.94 -18.99
CA PHE A 207 39.04 -4.04 -20.35
C PHE A 207 37.79 -3.21 -20.52
N GLY A 208 36.84 -3.34 -19.59
CA GLY A 208 35.65 -2.51 -19.64
C GLY A 208 35.97 -1.03 -19.68
N HIS A 209 37.07 -0.62 -19.09
CA HIS A 209 37.43 0.82 -19.19
C HIS A 209 37.87 1.15 -20.60
N GLU A 210 38.66 0.32 -21.25
CA GLU A 210 39.16 0.78 -22.58
C GLU A 210 38.01 0.98 -23.56
N GLN A 211 37.06 0.08 -23.59
CA GLN A 211 35.94 0.19 -24.57
C GLN A 211 35.15 1.46 -24.27
N GLN A 212 34.96 1.79 -23.00
CA GLN A 212 34.09 2.93 -22.61
C GLN A 212 34.72 4.18 -23.19
N GLN A 213 36.01 4.14 -23.47
CA GLN A 213 36.68 5.37 -23.90
C GLN A 213 36.01 5.90 -25.17
N VAL A 214 35.55 5.08 -26.09
CA VAL A 214 34.98 5.68 -27.34
C VAL A 214 33.81 6.58 -26.94
N VAL A 215 32.98 6.17 -25.98
CA VAL A 215 31.81 7.02 -25.67
C VAL A 215 32.34 8.35 -25.18
N ILE A 216 33.39 8.38 -24.38
CA ILE A 216 33.78 9.70 -23.86
C ILE A 216 34.18 10.60 -25.02
N GLN A 217 34.91 10.11 -26.01
CA GLN A 217 35.35 11.07 -27.05
C GLN A 217 34.13 11.69 -27.71
N ASN A 218 33.24 10.87 -28.22
CA ASN A 218 32.07 11.31 -28.98
C ASN A 218 31.23 12.28 -28.17
N ILE A 219 31.10 12.05 -26.87
CA ILE A 219 30.36 13.00 -26.04
C ILE A 219 31.07 14.34 -26.03
N ASN A 220 32.41 14.33 -25.98
CA ASN A 220 33.14 15.59 -26.01
C ASN A 220 32.97 16.29 -27.35
N GLU A 221 32.99 15.53 -28.44
CA GLU A 221 32.75 16.14 -29.75
C GLU A 221 31.38 16.80 -29.81
N LEU A 222 30.35 16.11 -29.30
CA LEU A 222 29.01 16.68 -29.32
C LEU A 222 28.95 17.92 -28.44
N VAL A 223 29.62 17.91 -27.29
CA VAL A 223 29.64 19.10 -26.45
C VAL A 223 30.30 20.26 -27.16
N LYS A 224 31.37 19.99 -27.92
CA LYS A 224 31.94 21.04 -28.75
C LYS A 224 30.93 21.55 -29.76
N GLU A 225 30.10 20.66 -30.31
CA GLU A 225 29.13 21.06 -31.32
C GLU A 225 28.04 21.95 -30.72
N ALA A 226 27.26 21.43 -29.78
CA ALA A 226 26.06 22.11 -29.32
C ALA A 226 25.93 22.04 -27.81
N GLY A 227 26.82 22.75 -27.12
CA GLY A 227 26.81 22.81 -25.66
C GLY A 227 26.66 24.23 -25.17
N LYS A 228 25.90 24.40 -24.09
CA LYS A 228 25.76 25.70 -23.47
C LYS A 228 27.11 26.19 -22.96
N PRO A 229 27.26 27.48 -22.71
CA PRO A 229 28.52 27.98 -22.14
C PRO A 229 28.60 27.67 -20.66
N ARG A 230 29.78 27.19 -20.24
CA ARG A 230 29.96 26.76 -18.86
C ARG A 230 29.69 27.91 -17.90
N TRP A 231 29.05 27.59 -16.78
CA TRP A 231 28.72 28.61 -15.80
C TRP A 231 29.96 29.34 -15.33
N ASP A 232 29.79 30.61 -15.00
CA ASP A 232 30.85 31.39 -14.39
C ASP A 232 30.75 31.17 -12.89
N TRP A 233 31.34 30.07 -12.44
CA TRP A 233 31.30 29.69 -11.04
C TRP A 233 32.71 29.52 -10.51
N GLN A 234 32.95 30.03 -9.32
CA GLN A 234 34.26 30.00 -8.70
C GLN A 234 34.15 29.36 -7.33
N PRO A 235 35.12 28.54 -6.94
CA PRO A 235 35.10 27.97 -5.60
C PRO A 235 35.28 29.05 -4.55
N GLU A 236 34.95 28.70 -3.32
CA GLU A 236 35.08 29.64 -2.22
C GLU A 236 36.55 30.00 -2.03
N PRO A 237 36.92 31.27 -2.09
CA PRO A 237 38.32 31.64 -1.90
C PRO A 237 38.81 31.24 -0.51
N VAL A 238 39.94 30.54 -0.48
CA VAL A 238 40.47 30.03 0.77
C VAL A 238 40.82 31.18 1.70
N ASN A 239 40.39 31.07 2.94
CA ASN A 239 40.68 32.08 3.96
C ASN A 239 41.99 31.69 4.63
N GLU A 240 43.07 32.36 4.25
CA GLU A 240 44.38 32.05 4.84
C GLU A 240 44.45 32.51 6.28
N ALA A 241 43.88 33.68 6.59
CA ALA A 241 43.97 34.24 7.93
C ALA A 241 43.28 33.34 8.95
N LEU A 242 42.00 33.05 8.73
CA LEU A 242 41.26 32.20 9.67
C LEU A 242 41.88 30.82 9.76
N ASN A 243 42.25 30.24 8.61
CA ASN A 243 42.84 28.90 8.62
C ASN A 243 44.11 28.87 9.46
N ALA A 244 45.04 29.78 9.18
CA ALA A 244 46.29 29.80 9.93
C ALA A 244 46.05 30.08 11.40
N ARG A 245 45.10 30.97 11.72
CA ARG A 245 44.84 31.30 13.11
C ARG A 245 44.33 30.09 13.87
N VAL A 246 43.27 29.46 13.38
CA VAL A 246 42.69 28.32 14.10
C VAL A 246 43.67 27.16 14.10
N ALA A 247 44.42 26.97 13.01
CA ALA A 247 45.37 25.87 12.95
C ALA A 247 46.48 26.04 13.98
N ALA A 248 47.13 27.19 13.99
CA ALA A 248 48.11 27.47 15.03
C ALA A 248 47.42 27.43 16.38
N LEU A 249 48.09 26.83 17.36
CA LEU A 249 47.61 26.61 18.73
C LEU A 249 46.62 25.46 18.80
N ALA A 250 46.18 24.89 17.66
CA ALA A 250 45.31 23.73 17.68
C ALA A 250 45.81 22.60 16.79
N GLU A 251 47.03 22.69 16.25
CA GLU A 251 47.52 21.68 15.33
C GLU A 251 48.38 20.64 16.02
N ALA A 252 49.47 21.07 16.66
CA ALA A 252 50.39 20.13 17.29
C ALA A 252 49.70 19.34 18.39
N ARG A 253 49.01 20.03 19.30
CA ARG A 253 48.31 19.33 20.37
C ARG A 253 47.29 18.36 19.82
N LEU A 254 46.65 18.69 18.70
CA LEU A 254 45.75 17.75 18.05
C LEU A 254 46.48 16.46 17.67
N SER A 255 47.70 16.59 17.15
CA SER A 255 48.50 15.41 16.85
C SER A 255 48.82 14.64 18.13
N ASP A 256 49.20 15.36 19.19
CA ASP A 256 49.43 14.69 20.46
C ASP A 256 48.14 14.19 21.09
N ALA A 257 47.04 14.94 20.95
CA ALA A 257 45.77 14.48 21.47
C ALA A 257 45.25 13.26 20.76
N TYR A 258 45.81 12.90 19.61
CA TYR A 258 45.42 11.69 18.91
C TYR A 258 46.40 10.55 19.17
N ARG A 259 47.38 10.75 20.04
CA ARG A 259 48.24 9.66 20.50
C ARG A 259 47.62 8.86 21.62
N ILE A 260 46.48 9.29 22.16
CA ILE A 260 45.84 8.56 23.25
C ILE A 260 45.42 7.18 22.78
N THR A 261 45.48 6.22 23.70
CA THR A 261 45.18 4.83 23.36
C THR A 261 43.68 4.55 23.35
N ASP A 262 42.95 5.05 24.34
CA ASP A 262 41.52 4.82 24.41
C ASP A 262 40.79 5.70 23.41
N LYS A 263 39.88 5.11 22.64
CA LYS A 263 39.18 5.86 21.61
C LYS A 263 38.26 6.91 22.21
N GLN A 264 37.55 6.58 23.28
CA GLN A 264 36.59 7.52 23.85
C GLN A 264 37.26 8.60 24.70
N GLU A 265 38.38 8.27 25.35
CA GLU A 265 39.14 9.29 26.06
C GLU A 265 39.67 10.32 25.07
N ARG A 266 40.22 9.85 23.95
CA ARG A 266 40.62 10.75 22.87
C ARG A 266 39.42 11.54 22.36
N TYR A 267 38.28 10.87 22.18
CA TYR A 267 37.05 11.54 21.77
C TYR A 267 36.79 12.76 22.65
N ALA A 268 36.64 12.53 23.95
CA ALA A 268 36.32 13.61 24.87
C ALA A 268 37.41 14.67 24.91
N GLN A 269 38.68 14.25 24.93
CA GLN A 269 39.77 15.21 25.09
C GLN A 269 39.88 16.13 23.87
N VAL A 270 39.76 15.57 22.67
CA VAL A 270 39.82 16.41 21.47
C VAL A 270 38.56 17.27 21.34
N ASP A 271 37.41 16.78 21.84
CA ASP A 271 36.26 17.67 21.92
C ASP A 271 36.54 18.85 22.85
N VAL A 272 37.26 18.60 23.95
CA VAL A 272 37.62 19.70 24.84
C VAL A 272 38.54 20.69 24.14
N ILE A 273 39.51 20.18 23.38
CA ILE A 273 40.41 21.05 22.64
C ILE A 273 39.62 21.89 21.64
N LYS A 274 38.72 21.25 20.90
CA LYS A 274 37.95 21.97 19.89
C LYS A 274 37.05 23.02 20.54
N SER A 275 36.50 22.71 21.72
CA SER A 275 35.63 23.65 22.41
C SER A 275 36.43 24.86 22.89
N GLU A 276 37.59 24.64 23.50
CA GLU A 276 38.37 25.79 23.98
C GLU A 276 38.86 26.63 22.81
N THR A 277 39.25 25.99 21.70
CA THR A 277 39.74 26.75 20.56
C THR A 277 38.61 27.54 19.91
N ILE A 278 37.41 26.95 19.79
CA ILE A 278 36.31 27.70 19.21
C ILE A 278 35.90 28.82 20.14
N ALA A 279 35.98 28.61 21.44
CA ALA A 279 35.66 29.66 22.40
C ALA A 279 36.62 30.84 22.25
N THR A 280 37.92 30.56 22.21
CA THR A 280 38.89 31.65 22.10
C THR A 280 38.78 32.36 20.76
N LEU A 281 38.52 31.62 19.67
CA LEU A 281 38.41 32.29 18.37
C LEU A 281 37.16 33.15 18.29
N LEU A 282 36.04 32.68 18.87
CA LEU A 282 34.85 33.53 18.93
C LEU A 282 35.09 34.74 19.83
N ALA A 283 35.89 34.57 20.88
CA ALA A 283 36.22 35.70 21.75
C ALA A 283 37.02 36.76 20.99
N GLU A 284 37.96 36.32 20.13
CA GLU A 284 38.72 37.28 19.35
C GLU A 284 37.82 38.05 18.38
N ASP A 285 36.88 37.36 17.75
CA ASP A 285 35.91 37.99 16.86
C ASP A 285 34.68 37.11 16.79
N GLU A 286 33.51 37.73 16.79
CA GLU A 286 32.25 37.00 16.84
C GLU A 286 31.56 36.87 15.48
N THR A 287 32.01 37.60 14.46
CA THR A 287 31.34 37.53 13.16
C THR A 287 31.60 36.22 12.44
N LEU A 288 32.50 35.37 12.95
CA LEU A 288 32.78 34.11 12.30
C LEU A 288 31.60 33.16 12.45
N ASP A 289 31.01 32.77 11.32
CA ASP A 289 29.90 31.82 11.34
C ASP A 289 30.38 30.45 11.80
N GLU A 290 29.42 29.62 12.21
CA GLU A 290 29.77 28.35 12.84
C GLU A 290 30.09 27.27 11.82
N ASN A 291 29.39 27.27 10.68
CA ASN A 291 29.56 26.19 9.72
C ASN A 291 31.00 26.12 9.20
N GLU A 292 31.56 27.27 8.81
CA GLU A 292 32.91 27.27 8.26
C GLU A 292 33.95 26.91 9.30
N LEU A 293 33.77 27.37 10.54
CA LEU A 293 34.73 27.05 11.59
C LEU A 293 34.71 25.57 11.93
N GLY A 294 33.52 25.01 12.13
CA GLY A 294 33.42 23.58 12.31
C GLY A 294 33.97 22.80 11.14
N GLU A 295 33.82 23.34 9.93
CA GLU A 295 34.40 22.71 8.75
C GLU A 295 35.92 22.71 8.84
N ILE A 296 36.52 23.82 9.27
CA ILE A 296 37.98 23.87 9.42
C ILE A 296 38.44 22.88 10.46
N LEU A 297 37.68 22.74 11.55
CA LEU A 297 38.06 21.78 12.59
C LEU A 297 37.99 20.35 12.05
N HIS A 298 36.89 20.00 11.40
CA HIS A 298 36.78 18.69 10.78
C HIS A 298 37.90 18.45 9.80
N ALA A 299 38.27 19.47 9.02
CA ALA A 299 39.30 19.30 8.01
C ALA A 299 40.67 19.09 8.64
N ILE A 300 40.99 19.83 9.70
CA ILE A 300 42.30 19.65 10.31
C ILE A 300 42.37 18.30 11.00
N GLU A 301 41.27 17.86 11.64
CA GLU A 301 41.28 16.52 12.23
C GLU A 301 41.48 15.46 11.17
N LYS A 302 40.75 15.58 10.06
CA LYS A 302 40.88 14.63 8.96
C LYS A 302 42.31 14.60 8.43
N ASN A 303 42.92 15.78 8.28
CA ASN A 303 44.29 15.84 7.80
C ASN A 303 45.23 15.15 8.76
N VAL A 304 45.03 15.36 10.06
CA VAL A 304 45.87 14.69 11.05
C VAL A 304 45.76 13.17 10.87
N VAL A 305 44.53 12.66 10.86
CA VAL A 305 44.35 11.21 10.81
C VAL A 305 44.96 10.63 9.54
N ARG A 306 44.71 11.29 8.41
CA ARG A 306 45.26 10.82 7.15
C ARG A 306 46.78 10.80 7.18
N SER A 307 47.39 11.88 7.70
CA SER A 307 48.84 11.94 7.77
C SER A 307 49.40 10.83 8.64
N ARG A 308 48.75 10.55 9.77
CA ARG A 308 49.20 9.47 10.63
C ARG A 308 49.12 8.13 9.90
N VAL A 309 47.99 7.85 9.27
CA VAL A 309 47.81 6.57 8.60
C VAL A 309 48.86 6.40 7.51
N LEU A 310 49.16 7.47 6.79
CA LEU A 310 50.17 7.40 5.75
C LEU A 310 51.55 7.12 6.36
N ALA A 311 51.83 7.71 7.51
CA ALA A 311 53.14 7.52 8.15
C ALA A 311 53.35 6.08 8.56
N GLY A 312 52.27 5.35 8.86
CA GLY A 312 52.37 3.97 9.29
C GLY A 312 52.20 3.76 10.78
N GLU A 313 51.87 4.80 11.53
CA GLU A 313 51.55 4.64 12.93
C GLU A 313 50.16 4.03 13.09
N PRO A 314 49.85 3.44 14.24
CA PRO A 314 48.59 2.69 14.38
C PRO A 314 47.37 3.56 14.14
N ARG A 315 46.34 2.95 13.57
CA ARG A 315 45.11 3.64 13.26
C ARG A 315 44.35 3.99 14.53
N ILE A 316 43.32 4.83 14.37
CA ILE A 316 42.60 5.35 15.53
C ILE A 316 42.03 4.22 16.38
N ASP A 317 41.51 3.19 15.73
CA ASP A 317 41.00 2.04 16.47
C ASP A 317 42.12 1.36 17.26
N GLY A 318 43.36 1.50 16.82
CA GLY A 318 44.49 0.88 17.45
C GLY A 318 45.10 -0.27 16.68
N ARG A 319 44.36 -0.85 15.74
CA ARG A 319 44.85 -1.97 14.96
C ARG A 319 45.93 -1.50 13.98
N GLU A 320 46.65 -2.47 13.44
CA GLU A 320 47.58 -2.21 12.35
C GLU A 320 46.83 -2.06 11.04
N LYS A 321 47.57 -1.76 9.98
CA LYS A 321 46.93 -1.58 8.68
C LYS A 321 46.50 -2.90 8.04
N ASP A 322 46.71 -4.04 8.69
CA ASP A 322 46.34 -5.33 8.12
C ASP A 322 45.29 -6.08 8.92
N MET A 323 45.34 -6.02 10.24
CA MET A 323 44.54 -6.92 11.06
C MET A 323 43.07 -6.54 11.03
N ILE A 324 42.23 -7.55 11.19
CA ILE A 324 40.78 -7.40 11.18
C ILE A 324 40.30 -7.15 12.59
N ARG A 325 39.21 -6.40 12.70
CA ARG A 325 38.57 -6.20 14.00
C ARG A 325 38.22 -7.55 14.63
N GLY A 326 38.02 -7.54 15.94
CA GLY A 326 37.65 -8.76 16.65
C GLY A 326 36.47 -9.44 16.01
N LEU A 327 36.52 -10.76 15.92
CA LEU A 327 35.50 -11.53 15.21
C LEU A 327 34.80 -12.45 16.21
N ASP A 328 33.48 -12.58 16.06
CA ASP A 328 32.73 -13.46 16.94
C ASP A 328 31.40 -13.78 16.28
N VAL A 329 31.09 -15.05 16.12
CA VAL A 329 29.91 -15.49 15.40
C VAL A 329 29.18 -16.54 16.23
N ARG A 330 27.85 -16.41 16.30
CA ARG A 330 27.00 -17.39 16.95
C ARG A 330 25.90 -17.81 15.99
N THR A 331 25.31 -18.96 16.24
CA THR A 331 24.32 -19.51 15.34
C THR A 331 23.11 -19.98 16.13
N GLY A 332 21.97 -20.08 15.44
CA GLY A 332 20.74 -20.51 16.07
C GLY A 332 20.31 -19.66 17.24
N VAL A 333 20.49 -18.34 17.15
CA VAL A 333 20.17 -17.47 18.27
C VAL A 333 18.67 -17.27 18.42
N LEU A 334 17.88 -17.61 17.42
CA LEU A 334 16.44 -17.41 17.55
C LEU A 334 15.73 -18.74 17.64
N PRO A 335 14.67 -18.83 18.44
CA PRO A 335 14.13 -20.14 18.77
C PRO A 335 13.23 -20.74 17.70
N ARG A 336 12.60 -19.93 16.86
CA ARG A 336 11.57 -20.45 15.97
C ARG A 336 11.72 -20.07 14.51
N THR A 337 12.64 -19.17 14.17
CA THR A 337 12.91 -18.93 12.76
C THR A 337 13.61 -20.15 12.17
N HIS A 338 13.46 -20.32 10.86
CA HIS A 338 14.02 -21.51 10.24
C HIS A 338 15.53 -21.57 10.39
N GLY A 339 16.19 -20.43 10.22
CA GLY A 339 17.61 -20.34 10.50
C GLY A 339 17.94 -18.97 11.04
N SER A 340 18.94 -18.86 11.90
CA SER A 340 19.31 -17.58 12.47
C SER A 340 20.79 -17.57 12.76
N ALA A 341 21.38 -16.38 12.72
CA ALA A 341 22.79 -16.28 13.05
C ALA A 341 23.10 -14.86 13.50
N LEU A 342 24.14 -14.73 14.31
CA LEU A 342 24.63 -13.45 14.78
C LEU A 342 26.10 -13.35 14.41
N PHE A 343 26.44 -12.35 13.61
CA PHE A 343 27.82 -12.18 13.16
C PHE A 343 28.36 -10.88 13.74
N THR A 344 28.90 -10.96 14.93
CA THR A 344 29.47 -9.79 15.61
C THR A 344 30.90 -9.60 15.14
N ARG A 345 31.14 -8.54 14.39
CA ARG A 345 32.49 -8.19 13.96
C ARG A 345 32.79 -6.79 14.48
N GLY A 346 33.68 -6.71 15.46
CA GLY A 346 33.99 -5.42 16.07
C GLY A 346 32.74 -4.81 16.65
N GLU A 347 32.42 -3.62 16.17
CA GLU A 347 31.15 -3.00 16.50
C GLU A 347 30.05 -3.33 15.50
N THR A 348 30.39 -3.82 14.32
CA THR A 348 29.40 -4.07 13.28
C THR A 348 28.73 -5.41 13.58
N GLN A 349 27.44 -5.37 13.85
CA GLN A 349 26.68 -6.55 14.21
C GLN A 349 25.54 -6.71 13.22
N ALA A 350 25.30 -7.94 12.78
CA ALA A 350 24.17 -8.23 11.92
C ALA A 350 23.46 -9.47 12.43
N LEU A 351 22.16 -9.36 12.63
CA LEU A 351 21.33 -10.52 12.96
C LEU A 351 20.65 -10.96 11.68
N VAL A 352 21.03 -12.13 11.17
CA VAL A 352 20.58 -12.60 9.88
C VAL A 352 19.77 -13.87 10.07
N THR A 353 18.64 -13.96 9.39
CA THR A 353 17.73 -15.08 9.54
C THR A 353 17.18 -15.49 8.20
N ALA A 354 17.33 -16.77 7.86
CA ALA A 354 16.81 -17.31 6.61
C ALA A 354 15.52 -18.05 6.86
N THR A 355 14.53 -17.81 6.01
CA THR A 355 13.23 -18.46 6.14
C THR A 355 12.85 -19.09 4.81
N LEU A 356 12.59 -20.39 4.81
CA LEU A 356 12.20 -21.06 3.58
C LEU A 356 10.72 -20.87 3.32
N GLY A 357 10.27 -21.35 2.18
CA GLY A 357 8.86 -21.25 1.83
C GLY A 357 8.58 -22.07 0.59
N THR A 358 7.30 -22.23 0.30
CA THR A 358 6.91 -22.99 -0.87
C THR A 358 6.83 -22.08 -2.08
N ALA A 359 6.83 -22.70 -3.27
CA ALA A 359 7.00 -21.97 -4.52
C ALA A 359 5.88 -20.97 -4.79
N ARG A 360 4.79 -21.01 -4.03
CA ARG A 360 3.66 -20.13 -4.28
C ARG A 360 3.97 -18.66 -4.01
N ASP A 361 4.98 -18.36 -3.20
CA ASP A 361 5.20 -17.00 -2.74
C ASP A 361 6.39 -16.31 -3.38
N ALA A 362 7.08 -16.96 -4.32
CA ALA A 362 8.18 -16.34 -5.04
C ALA A 362 7.73 -15.01 -5.62
N GLN A 363 8.57 -13.99 -5.51
CA GLN A 363 8.20 -12.67 -6.00
C GLN A 363 8.05 -12.70 -7.51
N VAL A 364 6.98 -12.08 -8.00
CA VAL A 364 6.71 -12.01 -9.43
C VAL A 364 7.06 -10.59 -9.86
N LEU A 365 8.23 -10.44 -10.48
CA LEU A 365 8.70 -9.14 -10.91
C LEU A 365 8.18 -8.84 -12.31
N ASP A 366 7.69 -7.63 -12.51
CA ASP A 366 7.18 -7.21 -13.81
C ASP A 366 8.09 -6.13 -14.37
N GLU A 367 9.34 -6.51 -14.61
CA GLU A 367 10.31 -5.57 -15.13
C GLU A 367 10.01 -5.23 -16.58
N LEU A 368 10.74 -4.25 -17.11
CA LEU A 368 10.58 -3.89 -18.52
C LEU A 368 11.01 -5.03 -19.43
N MET A 369 12.18 -5.60 -19.16
CA MET A 369 12.70 -6.65 -20.03
C MET A 369 11.75 -7.83 -20.14
N GLY A 370 10.99 -8.09 -19.10
CA GLY A 370 10.02 -9.17 -19.13
C GLY A 370 9.71 -9.66 -17.74
N GLU A 371 8.58 -10.33 -17.61
CA GLU A 371 8.19 -10.89 -16.32
C GLU A 371 9.23 -11.90 -15.86
N ARG A 372 9.68 -11.75 -14.63
CA ARG A 372 10.73 -12.60 -14.08
C ARG A 372 10.35 -12.98 -12.66
N THR A 373 10.52 -14.26 -12.33
CA THR A 373 10.12 -14.80 -11.04
C THR A 373 11.35 -15.01 -10.19
N ASP A 374 11.46 -14.24 -9.11
CA ASP A 374 12.59 -14.32 -8.20
C ASP A 374 12.33 -15.41 -7.16
N THR A 375 13.31 -16.27 -6.95
CA THR A 375 13.23 -17.29 -5.92
C THR A 375 14.22 -17.08 -4.81
N PHE A 376 14.97 -15.98 -4.82
CA PHE A 376 15.89 -15.64 -3.75
C PHE A 376 15.66 -14.18 -3.42
N LEU A 377 15.21 -13.91 -2.21
CA LEU A 377 14.95 -12.55 -1.75
C LEU A 377 15.92 -12.22 -0.63
N PHE A 378 16.57 -11.07 -0.73
CA PHE A 378 17.45 -10.60 0.33
C PHE A 378 16.99 -9.20 0.70
N HIS A 379 16.54 -9.05 1.94
CA HIS A 379 16.10 -7.76 2.45
C HIS A 379 17.05 -7.32 3.55
N TYR A 380 17.37 -6.03 3.57
CA TYR A 380 18.37 -5.50 4.47
C TYR A 380 17.76 -4.33 5.22
N ASN A 381 17.69 -4.43 6.54
CA ASN A 381 17.06 -3.44 7.38
C ASN A 381 18.12 -2.72 8.21
N PHE A 382 18.08 -1.39 8.19
CA PHE A 382 19.04 -0.56 8.91
C PHE A 382 18.25 0.31 9.88
N PRO A 383 17.84 -0.25 11.02
CA PRO A 383 17.05 0.53 11.95
C PRO A 383 17.92 1.56 12.65
N PRO A 384 17.33 2.67 13.09
CA PRO A 384 18.14 3.79 13.56
C PRO A 384 18.80 3.58 14.91
N TYR A 385 18.40 2.59 15.70
CA TYR A 385 19.09 2.39 16.97
C TYR A 385 20.50 1.90 16.74
N SER A 386 20.79 1.42 15.54
CA SER A 386 22.13 0.93 15.23
C SER A 386 23.19 1.98 15.47
N VAL A 387 23.00 3.17 14.88
CA VAL A 387 24.04 4.21 14.99
C VAL A 387 23.99 4.93 16.32
N GLY A 388 23.00 4.65 17.16
CA GLY A 388 22.89 5.30 18.44
C GLY A 388 22.07 6.58 18.44
N GLU A 389 21.38 6.89 17.34
CA GLU A 389 20.57 8.09 17.24
C GLU A 389 19.13 7.71 16.95
N THR A 390 18.22 8.43 17.58
CA THR A 390 16.80 8.23 17.30
C THR A 390 16.50 8.64 15.86
N GLY A 391 15.43 8.07 15.31
CA GLY A 391 15.06 8.36 13.95
C GLY A 391 13.62 7.94 13.74
N MET A 392 13.18 8.07 12.49
CA MET A 392 11.80 7.75 12.11
C MET A 392 11.81 6.50 11.25
N VAL A 393 11.30 5.40 11.81
CA VAL A 393 11.20 4.16 11.04
C VAL A 393 10.08 4.31 10.02
N GLY A 394 10.40 4.01 8.77
CA GLY A 394 9.44 4.14 7.68
C GLY A 394 9.80 3.22 6.54
N SER A 395 9.52 3.66 5.33
CA SER A 395 9.84 2.88 4.15
C SER A 395 11.36 2.74 4.03
N PRO A 396 11.84 1.67 3.40
CA PRO A 396 13.28 1.45 3.28
C PRO A 396 13.93 2.50 2.38
N LYS A 397 14.86 3.27 2.96
CA LYS A 397 15.54 4.32 2.22
C LYS A 397 16.43 3.72 1.12
N ARG A 398 16.98 4.59 0.28
CA ARG A 398 17.72 4.13 -0.88
C ARG A 398 18.90 3.24 -0.51
N ARG A 399 19.73 3.67 0.43
CA ARG A 399 20.93 2.91 0.76
C ARG A 399 20.59 1.49 1.20
N GLU A 400 19.45 1.28 1.83
CA GLU A 400 19.09 -0.07 2.24
C GLU A 400 18.76 -0.94 1.03
N ILE A 401 18.08 -0.39 0.04
CA ILE A 401 17.82 -1.17 -1.17
C ILE A 401 19.13 -1.50 -1.86
N GLY A 402 20.02 -0.51 -1.94
CA GLY A 402 21.31 -0.75 -2.59
C GLY A 402 22.10 -1.85 -1.89
N HIS A 403 22.17 -1.80 -0.57
CA HIS A 403 22.94 -2.81 0.14
C HIS A 403 22.25 -4.16 0.14
N GLY A 404 20.92 -4.18 0.09
CA GLY A 404 20.23 -5.43 -0.11
C GLY A 404 20.65 -6.09 -1.40
N ARG A 405 20.62 -5.34 -2.49
CA ARG A 405 21.04 -5.93 -3.76
C ARG A 405 22.50 -6.33 -3.72
N LEU A 406 23.34 -5.55 -3.05
CA LEU A 406 24.76 -5.90 -2.99
C LEU A 406 24.96 -7.21 -2.28
N ALA A 407 24.36 -7.38 -1.12
CA ALA A 407 24.47 -8.65 -0.41
C ALA A 407 23.94 -9.79 -1.25
N LYS A 408 22.77 -9.61 -1.88
CA LYS A 408 22.21 -10.68 -2.69
C LYS A 408 23.17 -11.08 -3.80
N ARG A 409 23.85 -10.11 -4.39
CA ARG A 409 24.86 -10.43 -5.38
C ARG A 409 26.04 -11.12 -4.74
N GLY A 410 26.26 -10.88 -3.45
CA GLY A 410 27.33 -11.55 -2.75
C GLY A 410 27.05 -13.02 -2.48
N VAL A 411 25.78 -13.37 -2.28
CA VAL A 411 25.42 -14.75 -1.97
C VAL A 411 24.89 -15.52 -3.16
N LEU A 412 24.33 -14.84 -4.17
CA LEU A 412 23.70 -15.52 -5.29
C LEU A 412 24.66 -16.42 -6.04
N ALA A 413 25.96 -16.28 -5.82
CA ALA A 413 26.92 -17.11 -6.55
C ALA A 413 26.89 -18.56 -6.07
N VAL A 414 26.45 -18.81 -4.84
CA VAL A 414 26.62 -20.13 -4.24
C VAL A 414 25.31 -20.86 -4.00
N MET A 415 24.17 -20.18 -4.01
CA MET A 415 22.92 -20.87 -3.70
C MET A 415 22.60 -21.92 -4.76
N PRO A 416 21.94 -23.00 -4.39
CA PRO A 416 21.73 -24.10 -5.32
C PRO A 416 20.62 -23.81 -6.32
N ASP A 417 20.72 -24.43 -7.48
CA ASP A 417 19.69 -24.29 -8.49
C ASP A 417 18.37 -24.85 -8.00
N MET A 418 17.28 -24.33 -8.56
CA MET A 418 15.95 -24.69 -8.10
C MET A 418 15.68 -26.19 -8.21
N ASP A 419 16.45 -26.90 -9.01
CA ASP A 419 16.23 -28.34 -9.15
C ASP A 419 16.70 -29.10 -7.91
N LYS A 420 17.85 -28.70 -7.36
CA LYS A 420 18.43 -29.43 -6.23
C LYS A 420 17.71 -29.13 -4.91
N PHE A 421 16.88 -28.09 -4.87
CA PHE A 421 16.35 -27.61 -3.61
C PHE A 421 15.10 -26.77 -3.87
N PRO A 422 13.94 -27.38 -3.97
CA PRO A 422 12.73 -26.69 -4.45
C PRO A 422 12.02 -25.84 -3.41
N TYR A 423 12.58 -24.67 -3.13
CA TYR A 423 12.05 -23.74 -2.14
C TYR A 423 12.21 -22.33 -2.67
N THR A 424 12.05 -21.34 -1.79
CA THR A 424 12.15 -19.93 -2.17
C THR A 424 12.71 -19.15 -0.98
N VAL A 425 14.01 -19.33 -0.73
CA VAL A 425 14.66 -18.76 0.43
C VAL A 425 14.48 -17.26 0.46
N ARG A 426 14.17 -16.71 1.64
CA ARG A 426 14.17 -15.28 1.87
C ARG A 426 15.04 -15.00 3.08
N VAL A 427 16.08 -14.19 2.89
CA VAL A 427 17.06 -13.94 3.93
C VAL A 427 16.95 -12.48 4.30
N VAL A 428 16.26 -12.17 5.38
CA VAL A 428 16.18 -10.81 5.87
C VAL A 428 17.28 -10.61 6.89
N SER A 429 18.02 -9.51 6.76
CA SER A 429 19.14 -9.24 7.63
C SER A 429 18.91 -7.94 8.36
N GLU A 430 18.81 -8.01 9.68
CA GLU A 430 18.61 -6.83 10.52
C GLU A 430 19.94 -6.41 11.10
N ILE A 431 20.27 -5.14 10.96
CA ILE A 431 21.55 -4.62 11.44
C ILE A 431 21.31 -4.00 12.81
N THR A 432 21.72 -4.71 13.86
CA THR A 432 21.53 -4.20 15.20
C THR A 432 22.51 -3.07 15.52
N GLU A 433 23.73 -3.16 15.00
CA GLU A 433 24.73 -2.15 15.32
C GLU A 433 25.69 -2.01 14.16
N SER A 434 25.93 -0.78 13.72
CA SER A 434 26.57 -0.51 12.43
C SER A 434 27.68 0.52 12.57
N ASN A 435 28.92 0.04 12.73
CA ASN A 435 30.09 0.92 12.65
C ASN A 435 30.99 0.49 11.49
N GLY A 436 30.46 0.64 10.30
CA GLY A 436 31.26 0.41 9.10
C GLY A 436 31.15 -1.01 8.58
N SER A 437 31.12 -1.12 7.26
CA SER A 437 31.07 -2.42 6.58
C SER A 437 29.86 -3.23 7.02
N SER A 438 28.72 -2.58 7.10
CA SER A 438 27.51 -3.27 7.51
C SER A 438 27.10 -4.34 6.50
N SER A 439 27.20 -4.01 5.21
CA SER A 439 26.70 -4.92 4.18
C SER A 439 27.50 -6.21 4.14
N MET A 440 28.81 -6.14 4.39
CA MET A 440 29.60 -7.37 4.33
C MET A 440 29.35 -8.25 5.54
N ALA A 441 29.19 -7.66 6.72
CA ALA A 441 28.72 -8.43 7.86
C ALA A 441 27.38 -9.07 7.54
N SER A 442 26.53 -8.37 6.80
CA SER A 442 25.27 -8.95 6.39
C SER A 442 25.48 -10.15 5.49
N VAL A 443 26.44 -10.08 4.57
CA VAL A 443 26.70 -11.19 3.67
C VAL A 443 27.17 -12.41 4.46
N CYS A 444 28.11 -12.19 5.37
CA CYS A 444 28.63 -13.30 6.15
C CYS A 444 27.54 -13.93 7.02
N GLY A 445 26.77 -13.10 7.70
CA GLY A 445 25.64 -13.61 8.46
C GLY A 445 24.64 -14.36 7.59
N ALA A 446 24.47 -13.93 6.34
CA ALA A 446 23.56 -14.64 5.45
C ALA A 446 24.10 -16.01 5.11
N SER A 447 25.40 -16.11 4.87
CA SER A 447 25.97 -17.43 4.62
C SER A 447 25.79 -18.33 5.82
N LEU A 448 26.03 -17.79 7.02
CA LEU A 448 25.81 -18.56 8.25
C LEU A 448 24.37 -19.04 8.34
N ALA A 449 23.40 -18.14 8.18
CA ALA A 449 22.00 -18.50 8.31
C ALA A 449 21.61 -19.57 7.30
N LEU A 450 21.91 -19.32 6.02
CA LEU A 450 21.63 -20.30 4.99
C LEU A 450 22.21 -21.65 5.36
N MET A 451 23.47 -21.68 5.79
CA MET A 451 24.07 -22.96 6.14
C MET A 451 23.42 -23.58 7.35
N ASP A 452 22.73 -22.77 8.16
CA ASP A 452 22.08 -23.31 9.35
C ASP A 452 20.72 -23.89 9.01
N ALA A 453 19.89 -23.15 8.28
CA ALA A 453 18.54 -23.61 8.00
C ALA A 453 18.50 -24.85 7.11
N GLY A 454 19.65 -25.36 6.68
CA GLY A 454 19.68 -26.58 5.91
C GLY A 454 19.80 -26.39 4.42
N VAL A 455 19.92 -25.17 3.94
CA VAL A 455 20.00 -24.91 2.51
C VAL A 455 21.35 -25.42 2.00
N PRO A 456 21.38 -26.42 1.15
CA PRO A 456 22.67 -26.97 0.73
C PRO A 456 23.44 -26.03 -0.18
N ILE A 457 23.98 -24.95 0.36
CA ILE A 457 24.78 -24.05 -0.46
C ILE A 457 26.10 -24.74 -0.83
N LYS A 458 26.75 -24.19 -1.86
CA LYS A 458 27.96 -24.81 -2.38
C LYS A 458 29.10 -24.69 -1.38
N ALA A 459 29.44 -23.47 -0.97
CA ALA A 459 30.51 -23.28 0.00
C ALA A 459 30.27 -21.97 0.72
N ALA A 460 30.80 -21.90 1.94
CA ALA A 460 30.66 -20.68 2.74
C ALA A 460 31.21 -19.49 1.99
N VAL A 461 30.57 -18.34 2.18
CA VAL A 461 30.97 -17.12 1.48
C VAL A 461 30.88 -15.94 2.44
N ALA A 462 32.00 -15.28 2.68
CA ALA A 462 32.05 -14.11 3.54
C ALA A 462 32.72 -12.98 2.79
N GLY A 463 32.59 -11.78 3.30
CA GLY A 463 33.09 -10.60 2.62
C GLY A 463 33.61 -9.57 3.58
N ILE A 464 34.55 -8.78 3.11
CA ILE A 464 35.16 -7.71 3.87
C ILE A 464 35.01 -6.43 3.05
N ALA A 465 35.40 -5.30 3.64
CA ALA A 465 35.19 -4.02 2.96
C ALA A 465 36.35 -3.10 3.32
N MET A 466 37.41 -3.17 2.53
CA MET A 466 38.59 -2.37 2.80
C MET A 466 38.46 -0.97 2.22
N GLY A 467 39.51 -0.18 2.41
CA GLY A 467 39.58 1.17 1.89
C GLY A 467 40.96 1.46 1.36
N LEU A 468 41.27 2.72 1.12
CA LEU A 468 42.58 3.06 0.56
C LEU A 468 42.83 4.55 0.74
N VAL A 469 44.08 4.90 0.99
CA VAL A 469 44.49 6.29 1.11
C VAL A 469 45.83 6.44 0.40
N LYS A 470 45.89 7.36 -0.55
CA LYS A 470 47.08 7.56 -1.36
C LYS A 470 47.35 9.04 -1.55
N GLU A 471 48.61 9.42 -1.38
CA GLU A 471 49.06 10.80 -1.61
C GLU A 471 50.34 10.75 -2.43
N GLY A 472 50.29 11.35 -3.61
CA GLY A 472 51.44 11.34 -4.50
C GLY A 472 51.80 9.92 -4.86
N ASP A 473 53.01 9.51 -4.49
CA ASP A 473 53.47 8.16 -4.79
C ASP A 473 53.17 7.20 -3.64
N ASN A 474 53.36 7.65 -2.40
CA ASN A 474 53.18 6.76 -1.25
C ASN A 474 51.70 6.47 -1.06
N TYR A 475 51.36 5.18 -1.04
CA TYR A 475 49.99 4.75 -0.83
C TYR A 475 49.97 3.64 0.21
N VAL A 476 48.95 3.66 1.06
CA VAL A 476 48.76 2.64 2.08
C VAL A 476 47.33 2.16 2.02
N VAL A 477 47.14 0.85 2.04
CA VAL A 477 45.83 0.24 1.96
C VAL A 477 45.50 -0.38 3.31
N LEU A 478 44.27 -0.19 3.75
CA LEU A 478 43.80 -0.72 5.02
C LEU A 478 42.78 -1.83 4.77
N SER A 479 42.40 -2.51 5.84
CA SER A 479 41.36 -3.52 5.78
C SER A 479 40.34 -3.27 6.87
N ASP A 480 39.08 -3.55 6.54
CA ASP A 480 37.96 -3.40 7.47
C ASP A 480 37.88 -1.99 8.05
N ILE A 481 37.90 -0.99 7.17
CA ILE A 481 37.81 0.40 7.59
C ILE A 481 36.53 0.64 8.37
N LEU A 482 36.66 1.26 9.54
CA LEU A 482 35.51 1.62 10.34
C LEU A 482 34.98 2.98 9.92
N GLY A 483 33.71 3.24 10.29
CA GLY A 483 32.98 4.38 9.75
C GLY A 483 33.72 5.69 9.77
N ASP A 484 34.58 5.91 10.77
CA ASP A 484 35.34 7.15 10.82
C ASP A 484 36.35 7.23 9.69
N GLU A 485 37.00 6.11 9.38
CA GLU A 485 38.07 6.13 8.39
C GLU A 485 37.55 6.42 7.00
N ASP A 486 36.36 5.90 6.66
CA ASP A 486 35.93 5.89 5.26
C ASP A 486 35.80 7.30 4.71
N HIS A 487 35.31 8.23 5.54
CA HIS A 487 35.23 9.62 5.08
C HIS A 487 36.61 10.14 4.70
N LEU A 488 37.61 9.77 5.48
CA LEU A 488 38.97 10.23 5.20
C LEU A 488 39.64 9.37 4.13
N GLY A 489 39.29 8.08 4.07
CA GLY A 489 39.85 7.21 3.05
C GLY A 489 39.37 7.58 1.67
N ASP A 490 40.27 7.44 0.69
CA ASP A 490 39.96 7.84 -0.68
C ASP A 490 39.00 6.87 -1.37
N MET A 491 39.27 5.58 -1.30
CA MET A 491 38.54 4.58 -2.08
C MET A 491 37.88 3.59 -1.14
N ASP A 492 36.76 3.03 -1.57
CA ASP A 492 35.94 2.16 -0.71
C ASP A 492 35.69 0.83 -1.42
N PHE A 493 36.57 -0.12 -1.18
CA PHE A 493 36.44 -1.45 -1.77
C PHE A 493 35.46 -2.30 -0.98
N LYS A 494 34.66 -3.10 -1.68
CA LYS A 494 33.91 -4.18 -1.06
C LYS A 494 34.10 -5.44 -1.88
N VAL A 495 34.64 -6.48 -1.26
CA VAL A 495 34.93 -7.74 -1.92
C VAL A 495 34.32 -8.87 -1.12
N ALA A 496 33.51 -9.69 -1.76
CA ALA A 496 32.78 -10.75 -1.06
C ALA A 496 32.83 -12.01 -1.90
N GLY A 497 33.58 -13.01 -1.44
CA GLY A 497 33.68 -14.25 -2.17
C GLY A 497 33.95 -15.42 -1.23
N SER A 498 33.72 -16.61 -1.76
CA SER A 498 34.19 -17.81 -1.08
C SER A 498 35.71 -17.85 -1.12
N ARG A 499 36.27 -18.84 -0.44
CA ARG A 499 37.72 -18.98 -0.44
C ARG A 499 38.26 -19.22 -1.85
N ASP A 500 37.47 -19.87 -2.71
CA ASP A 500 37.95 -20.17 -4.05
C ASP A 500 38.02 -18.92 -4.92
N GLY A 501 36.94 -18.16 -5.00
CA GLY A 501 36.88 -17.06 -5.94
C GLY A 501 35.94 -15.96 -5.51
N ILE A 502 36.18 -14.77 -6.04
CA ILE A 502 35.38 -13.60 -5.68
C ILE A 502 33.98 -13.73 -6.23
N SER A 503 32.99 -13.31 -5.45
CA SER A 503 31.61 -13.38 -5.88
C SER A 503 31.00 -12.03 -6.22
N ALA A 504 31.24 -11.00 -5.43
CA ALA A 504 30.74 -9.67 -5.71
C ALA A 504 31.82 -8.65 -5.42
N LEU A 505 31.86 -7.60 -6.23
CA LEU A 505 32.91 -6.59 -6.11
C LEU A 505 32.25 -5.24 -6.33
N GLN A 506 32.70 -4.21 -5.62
CA GLN A 506 31.99 -2.95 -5.69
C GLN A 506 32.87 -1.77 -5.25
N MET A 507 33.93 -1.47 -6.01
CA MET A 507 34.75 -0.31 -5.71
C MET A 507 33.98 0.97 -5.96
N ASP A 508 34.44 2.05 -5.36
CA ASP A 508 33.82 3.37 -5.51
C ASP A 508 34.88 4.42 -5.22
N ILE A 509 35.88 4.50 -6.12
CA ILE A 509 37.02 5.37 -5.89
C ILE A 509 36.63 6.83 -6.07
N LYS A 510 37.40 7.72 -5.42
CA LYS A 510 37.16 9.15 -5.51
C LYS A 510 38.39 9.90 -5.96
N ILE A 511 39.58 9.39 -5.62
CA ILE A 511 40.81 10.02 -6.08
C ILE A 511 40.90 9.89 -7.60
N GLU A 512 41.55 10.85 -8.23
CA GLU A 512 41.55 10.88 -9.69
C GLU A 512 42.40 9.76 -10.29
N GLY A 513 43.53 9.45 -9.68
CA GLY A 513 44.40 8.47 -10.29
C GLY A 513 44.78 7.27 -9.44
N ILE A 514 44.48 6.07 -9.93
CA ILE A 514 44.97 4.83 -9.34
C ILE A 514 45.44 3.94 -10.48
N THR A 515 46.72 3.56 -10.46
CA THR A 515 47.18 2.57 -11.42
C THR A 515 46.59 1.20 -11.09
N LYS A 516 46.63 0.31 -12.08
CA LYS A 516 46.07 -1.03 -11.94
C LYS A 516 46.72 -1.79 -10.78
N GLU A 517 48.05 -1.69 -10.66
CA GLU A 517 48.76 -2.47 -9.64
C GLU A 517 48.27 -2.17 -8.24
N ILE A 518 47.85 -0.93 -7.98
CA ILE A 518 47.27 -0.62 -6.69
C ILE A 518 46.03 -1.46 -6.45
N MET A 519 45.16 -1.54 -7.46
CA MET A 519 43.98 -2.37 -7.35
C MET A 519 44.37 -3.83 -7.12
N GLN A 520 45.44 -4.28 -7.75
CA GLN A 520 45.84 -5.68 -7.57
C GLN A 520 46.31 -5.95 -6.15
N VAL A 521 47.09 -5.03 -5.58
CA VAL A 521 47.54 -5.19 -4.20
C VAL A 521 46.35 -5.18 -3.26
N ALA A 522 45.41 -4.26 -3.48
CA ALA A 522 44.22 -4.21 -2.65
C ALA A 522 43.46 -5.52 -2.72
N LEU A 523 43.31 -6.08 -3.91
CA LEU A 523 42.59 -7.34 -4.05
C LEU A 523 43.33 -8.48 -3.35
N ASN A 524 44.65 -8.47 -3.39
CA ASN A 524 45.41 -9.51 -2.68
C ASN A 524 45.14 -9.44 -1.18
N GLN A 525 45.24 -8.25 -0.61
CA GLN A 525 44.94 -8.11 0.81
C GLN A 525 43.49 -8.49 1.11
N ALA A 526 42.59 -8.21 0.18
CA ALA A 526 41.19 -8.61 0.38
C ALA A 526 41.07 -10.11 0.47
N LYS A 527 41.72 -10.84 -0.44
CA LYS A 527 41.67 -12.29 -0.38
C LYS A 527 42.26 -12.79 0.92
N GLY A 528 43.36 -12.19 1.38
CA GLY A 528 43.94 -12.61 2.64
C GLY A 528 42.99 -12.47 3.81
N ALA A 529 42.44 -11.27 3.97
CA ALA A 529 41.55 -11.00 5.10
C ALA A 529 40.30 -11.85 5.02
N ARG A 530 39.73 -11.99 3.83
CA ARG A 530 38.52 -12.78 3.69
C ARG A 530 38.79 -14.26 3.96
N LEU A 531 39.98 -14.74 3.60
CA LEU A 531 40.36 -16.09 3.96
C LEU A 531 40.41 -16.25 5.47
N HIS A 532 40.95 -15.25 6.17
CA HIS A 532 40.97 -15.30 7.63
C HIS A 532 39.55 -15.38 8.20
N ILE A 533 38.67 -14.51 7.70
CA ILE A 533 37.29 -14.50 8.19
C ILE A 533 36.65 -15.85 8.00
N LEU A 534 36.71 -16.38 6.77
CA LEU A 534 36.22 -17.75 6.54
C LEU A 534 36.89 -18.75 7.45
N GLY A 535 38.12 -18.49 7.87
CA GLY A 535 38.75 -19.35 8.85
C GLY A 535 37.98 -19.37 10.16
N VAL A 536 37.74 -18.19 10.72
CA VAL A 536 37.02 -18.12 12.00
C VAL A 536 35.57 -18.55 11.82
N MET A 537 34.90 -17.98 10.83
CA MET A 537 33.49 -18.27 10.61
C MET A 537 33.22 -19.76 10.43
N GLU A 538 34.23 -20.51 9.97
CA GLU A 538 34.04 -21.93 9.74
C GLU A 538 33.94 -22.71 11.05
N GLN A 539 34.61 -22.23 12.10
CA GLN A 539 34.59 -22.93 13.38
C GLN A 539 33.17 -23.12 13.90
N ALA A 540 32.36 -22.07 13.82
CA ALA A 540 31.03 -22.12 14.43
C ALA A 540 30.13 -23.14 13.73
N ILE A 541 29.99 -23.04 12.41
CA ILE A 541 29.22 -24.00 11.63
C ILE A 541 30.15 -24.58 10.57
N ASN A 542 30.16 -25.90 10.47
CA ASN A 542 31.14 -26.57 9.62
C ASN A 542 30.62 -26.84 8.21
N ALA A 543 29.36 -27.21 8.09
CA ALA A 543 28.80 -27.61 6.80
C ALA A 543 27.29 -27.45 6.89
N PRO A 544 26.61 -27.30 5.75
CA PRO A 544 25.15 -27.15 5.77
C PRO A 544 24.49 -28.25 6.58
N ARG A 545 23.63 -27.84 7.51
CA ARG A 545 22.93 -28.77 8.38
C ARG A 545 22.26 -29.87 7.56
N GLY A 546 22.36 -31.10 8.05
CA GLY A 546 21.93 -32.24 7.28
C GLY A 546 20.43 -32.33 7.08
N ASP A 547 19.65 -31.74 7.98
CA ASP A 547 18.19 -31.84 7.90
C ASP A 547 17.59 -30.45 8.04
N ILE A 548 16.52 -30.21 7.28
CA ILE A 548 15.86 -28.92 7.33
C ILE A 548 15.32 -28.69 8.74
N SER A 549 15.19 -27.42 9.11
CA SER A 549 14.67 -27.09 10.43
C SER A 549 13.26 -27.61 10.60
N GLU A 550 12.94 -28.05 11.81
CA GLU A 550 11.71 -28.78 12.07
C GLU A 550 10.46 -28.01 11.65
N PHE A 551 10.55 -26.71 11.48
CA PHE A 551 9.39 -25.89 11.19
C PHE A 551 9.31 -25.48 9.72
N ALA A 552 10.05 -26.08 8.88
CA ALA A 552 9.94 -25.62 7.51
C ALA A 552 8.94 -26.45 6.73
N PRO A 553 8.32 -25.87 5.71
CA PRO A 553 7.46 -26.66 4.82
C PRO A 553 8.27 -27.73 4.13
N ARG A 554 7.67 -28.90 3.97
CA ARG A 554 8.35 -30.03 3.36
C ARG A 554 7.33 -30.85 2.59
N ILE A 555 7.84 -31.77 1.78
CA ILE A 555 7.02 -32.71 1.03
C ILE A 555 7.37 -34.12 1.50
N HIS A 556 6.37 -34.86 1.94
CA HIS A 556 6.55 -36.23 2.41
C HIS A 556 5.99 -37.18 1.37
N THR A 557 6.82 -38.13 0.94
CA THR A 557 6.47 -39.08 -0.10
C THR A 557 6.44 -40.48 0.47
N ILE A 558 5.32 -41.18 0.26
CA ILE A 558 5.20 -42.58 0.63
C ILE A 558 4.54 -43.32 -0.54
N LYS A 559 4.94 -44.57 -0.74
CA LYS A 559 4.45 -45.39 -1.84
C LYS A 559 3.47 -46.42 -1.29
N ILE A 560 2.21 -46.32 -1.70
CA ILE A 560 1.18 -47.25 -1.31
C ILE A 560 0.71 -48.01 -2.55
N ASN A 561 0.27 -49.24 -2.33
CA ASN A 561 -0.19 -50.09 -3.42
C ASN A 561 -1.22 -49.35 -4.28
N PRO A 562 -1.07 -49.36 -5.61
CA PRO A 562 -1.94 -48.54 -6.46
C PRO A 562 -3.40 -48.95 -6.44
N ASP A 563 -3.70 -50.22 -6.14
CA ASP A 563 -5.06 -50.70 -6.27
C ASP A 563 -5.94 -50.32 -5.08
N LYS A 564 -5.33 -50.08 -3.93
CA LYS A 564 -6.10 -49.87 -2.70
C LYS A 564 -6.42 -48.40 -2.44
N ILE A 565 -6.15 -47.51 -3.41
CA ILE A 565 -6.46 -46.10 -3.20
C ILE A 565 -7.96 -45.88 -3.14
N LYS A 566 -8.72 -46.66 -3.91
CA LYS A 566 -10.17 -46.46 -3.99
C LYS A 566 -10.89 -46.86 -2.70
N ASP A 567 -10.28 -47.70 -1.87
CA ASP A 567 -10.90 -48.04 -0.59
C ASP A 567 -10.98 -46.80 0.31
N VAL A 568 -9.92 -45.99 0.30
CA VAL A 568 -9.81 -44.87 1.23
C VAL A 568 -10.18 -43.52 0.61
N ILE A 569 -10.17 -43.40 -0.71
CA ILE A 569 -10.48 -42.12 -1.34
C ILE A 569 -11.93 -41.73 -1.03
N GLY A 570 -12.84 -42.69 -1.09
CA GLY A 570 -14.25 -42.44 -0.86
C GLY A 570 -14.97 -41.99 -2.11
N LYS A 571 -16.29 -42.07 -2.06
CA LYS A 571 -17.12 -41.57 -3.14
C LYS A 571 -17.13 -40.04 -3.13
N GLY A 572 -16.76 -39.44 -4.26
CA GLY A 572 -16.70 -37.99 -4.37
C GLY A 572 -15.60 -37.38 -3.55
N GLY A 573 -14.72 -38.21 -3.00
CA GLY A 573 -13.59 -37.71 -2.25
C GLY A 573 -13.92 -37.16 -0.88
N SER A 574 -14.96 -37.68 -0.23
CA SER A 574 -15.31 -37.17 1.10
C SER A 574 -14.22 -37.47 2.11
N VAL A 575 -13.69 -38.69 2.09
CA VAL A 575 -12.72 -39.10 3.10
C VAL A 575 -11.45 -38.26 3.00
N ILE A 576 -10.95 -38.05 1.78
CA ILE A 576 -9.69 -37.33 1.61
C ILE A 576 -9.83 -35.88 2.07
N ARG A 577 -10.90 -35.20 1.65
CA ARG A 577 -11.04 -33.81 2.05
C ARG A 577 -11.30 -33.69 3.55
N ALA A 578 -12.07 -34.62 4.12
CA ALA A 578 -12.25 -34.63 5.56
C ALA A 578 -10.91 -34.76 6.27
N LEU A 579 -10.05 -35.66 5.78
CA LEU A 579 -8.75 -35.84 6.41
C LEU A 579 -7.88 -34.60 6.27
N THR A 580 -7.90 -33.96 5.11
CA THR A 580 -7.11 -32.75 4.93
C THR A 580 -7.57 -31.63 5.85
N GLU A 581 -8.89 -31.40 5.92
CA GLU A 581 -9.40 -30.40 6.84
C GLU A 581 -9.15 -30.79 8.29
N GLU A 582 -8.99 -32.08 8.57
CA GLU A 582 -8.67 -32.50 9.94
C GLU A 582 -7.21 -32.19 10.27
N THR A 583 -6.30 -32.45 9.34
CA THR A 583 -4.87 -32.31 9.59
C THR A 583 -4.31 -30.98 9.10
N GLY A 584 -5.09 -30.18 8.39
CA GLY A 584 -4.62 -28.89 7.93
C GLY A 584 -3.50 -28.94 6.92
N THR A 585 -3.41 -30.02 6.15
CA THR A 585 -2.40 -30.18 5.11
C THR A 585 -3.11 -30.48 3.79
N THR A 586 -2.31 -30.71 2.76
CA THR A 586 -2.81 -31.07 1.43
C THR A 586 -2.19 -32.39 1.01
N ILE A 587 -3.01 -33.41 0.83
CA ILE A 587 -2.56 -34.74 0.41
C ILE A 587 -2.71 -34.84 -1.09
N GLU A 588 -1.74 -35.50 -1.73
CA GLU A 588 -1.76 -35.71 -3.16
C GLU A 588 -1.57 -37.19 -3.45
N ILE A 589 -2.42 -37.73 -4.32
CA ILE A 589 -2.40 -39.14 -4.68
C ILE A 589 -2.45 -39.25 -6.19
N GLU A 590 -1.65 -40.15 -6.74
CA GLU A 590 -1.58 -40.39 -8.18
C GLU A 590 -2.10 -41.80 -8.47
N ASP A 591 -2.41 -42.04 -9.75
CA ASP A 591 -2.98 -43.32 -10.16
C ASP A 591 -2.10 -44.50 -9.78
N ASP A 592 -0.79 -44.28 -9.65
CA ASP A 592 0.13 -45.34 -9.23
C ASP A 592 0.06 -45.60 -7.73
N GLY A 593 -0.80 -44.90 -7.01
CA GLY A 593 -0.89 -45.10 -5.58
C GLY A 593 0.17 -44.40 -4.75
N THR A 594 1.03 -43.60 -5.38
CA THR A 594 2.03 -42.86 -4.65
C THR A 594 1.39 -41.68 -3.92
N VAL A 595 1.55 -41.65 -2.60
CA VAL A 595 0.88 -40.68 -1.74
C VAL A 595 1.85 -39.55 -1.45
N LYS A 596 1.47 -38.33 -1.82
CA LYS A 596 2.29 -37.14 -1.60
C LYS A 596 1.63 -36.28 -0.53
N ILE A 597 2.34 -36.06 0.58
CA ILE A 597 1.84 -35.25 1.68
C ILE A 597 2.68 -33.99 1.74
N ALA A 598 2.06 -32.86 1.40
CA ALA A 598 2.68 -31.55 1.54
C ALA A 598 2.15 -30.89 2.79
N ALA A 599 3.05 -30.40 3.63
CA ALA A 599 2.67 -29.83 4.91
C ALA A 599 3.51 -28.59 5.19
N THR A 600 2.95 -27.68 5.98
CA THR A 600 3.65 -26.47 6.37
C THR A 600 4.35 -26.59 7.71
N ASP A 601 4.43 -27.80 8.25
CA ASP A 601 5.07 -28.03 9.54
C ASP A 601 5.39 -29.51 9.68
N GLY A 602 6.43 -29.81 10.44
CA GLY A 602 6.72 -31.20 10.74
C GLY A 602 5.67 -31.85 11.60
N GLU A 603 5.08 -31.10 12.54
CA GLU A 603 4.08 -31.67 13.43
C GLU A 603 2.82 -32.04 12.68
N LYS A 604 2.32 -31.13 11.83
CA LYS A 604 1.18 -31.48 10.99
C LYS A 604 1.52 -32.61 10.05
N ALA A 605 2.77 -32.70 9.61
CA ALA A 605 3.20 -33.84 8.81
C ALA A 605 3.03 -35.13 9.58
N LYS A 606 3.47 -35.15 10.85
CA LYS A 606 3.32 -36.36 11.65
C LYS A 606 1.85 -36.69 11.88
N HIS A 607 1.04 -35.68 12.13
CA HIS A 607 -0.39 -35.90 12.36
C HIS A 607 -1.04 -36.53 11.14
N ALA A 608 -0.87 -35.90 9.98
CA ALA A 608 -1.44 -36.43 8.74
C ALA A 608 -0.90 -37.81 8.44
N ILE A 609 0.41 -38.02 8.59
CA ILE A 609 0.97 -39.31 8.20
C ILE A 609 0.45 -40.41 9.11
N ARG A 610 0.28 -40.13 10.41
CA ARG A 610 -0.30 -41.11 11.31
C ARG A 610 -1.73 -41.43 10.92
N ARG A 611 -2.54 -40.40 10.64
CA ARG A 611 -3.91 -40.62 10.25
C ARG A 611 -3.99 -41.43 8.96
N ILE A 612 -3.01 -41.25 8.08
CA ILE A 612 -2.90 -42.08 6.88
C ILE A 612 -2.58 -43.52 7.25
N GLU A 613 -1.68 -43.72 8.22
CA GLU A 613 -1.35 -45.09 8.61
C GLU A 613 -2.56 -45.83 9.15
N GLU A 614 -3.43 -45.14 9.89
CA GLU A 614 -4.56 -45.85 10.50
C GLU A 614 -5.48 -46.48 9.46
N ILE A 615 -5.85 -45.73 8.43
CA ILE A 615 -6.82 -46.22 7.45
C ILE A 615 -6.16 -46.49 6.09
N THR A 616 -5.49 -45.49 5.52
CA THR A 616 -4.97 -45.57 4.16
C THR A 616 -3.89 -46.64 4.01
N ALA A 617 -3.20 -47.00 5.08
CA ALA A 617 -2.16 -48.01 4.97
C ALA A 617 -2.75 -49.34 4.55
N GLU A 618 -1.98 -50.10 3.78
CA GLU A 618 -2.41 -51.43 3.37
C GLU A 618 -2.70 -52.29 4.60
N ILE A 619 -3.71 -53.16 4.49
CA ILE A 619 -4.12 -53.96 5.63
C ILE A 619 -2.94 -54.82 6.10
N GLU A 620 -2.68 -54.79 7.39
CA GLU A 620 -1.56 -55.50 7.99
C GLU A 620 -2.07 -56.55 8.96
N VAL A 621 -1.48 -57.74 8.89
CA VAL A 621 -1.82 -58.81 9.83
C VAL A 621 -1.28 -58.45 11.22
N GLY A 622 -2.10 -58.70 12.23
CA GLY A 622 -1.76 -58.33 13.59
C GLY A 622 -2.14 -56.91 13.97
N ARG A 623 -2.74 -56.15 13.06
CA ARG A 623 -3.25 -54.83 13.37
C ARG A 623 -4.66 -54.98 13.92
N VAL A 624 -4.92 -54.36 15.06
CA VAL A 624 -6.19 -54.56 15.75
C VAL A 624 -7.19 -53.55 15.24
N TYR A 625 -8.44 -54.01 15.06
CA TYR A 625 -9.53 -53.17 14.56
C TYR A 625 -10.52 -52.91 15.67
N THR A 626 -10.90 -51.65 15.86
CA THR A 626 -11.84 -51.26 16.91
C THR A 626 -13.25 -51.50 16.39
N GLY A 627 -13.92 -52.50 16.95
CA GLY A 627 -15.27 -52.81 16.56
C GLY A 627 -16.28 -52.53 17.66
N LYS A 628 -17.22 -51.63 17.39
CA LYS A 628 -18.23 -51.22 18.37
C LYS A 628 -19.61 -51.40 17.77
N VAL A 629 -20.46 -52.15 18.46
CA VAL A 629 -21.86 -52.28 18.05
C VAL A 629 -22.62 -51.03 18.45
N THR A 630 -23.50 -50.58 17.58
CA THR A 630 -24.30 -49.37 17.83
C THR A 630 -25.68 -49.67 18.36
N ARG A 631 -26.21 -50.86 18.11
CA ARG A 631 -27.57 -51.19 18.52
C ARG A 631 -27.68 -52.70 18.75
N ILE A 632 -28.32 -53.06 19.87
CA ILE A 632 -28.54 -54.46 20.21
C ILE A 632 -29.87 -54.90 19.60
N VAL A 633 -29.81 -55.93 18.75
CA VAL A 633 -30.96 -56.36 17.96
C VAL A 633 -31.08 -57.87 17.99
N ASP A 634 -32.21 -58.36 17.48
CA ASP A 634 -32.52 -59.79 17.53
C ASP A 634 -31.68 -60.59 16.55
N PHE A 635 -31.41 -60.06 15.35
CA PHE A 635 -30.78 -60.85 14.30
C PHE A 635 -29.27 -60.96 14.46
N GLY A 636 -28.67 -60.28 15.45
CA GLY A 636 -27.25 -60.42 15.68
C GLY A 636 -26.57 -59.14 16.12
N ALA A 637 -25.33 -58.93 15.67
CA ALA A 637 -24.54 -57.76 16.02
C ALA A 637 -24.28 -56.93 14.78
N PHE A 638 -24.62 -55.65 14.85
CA PHE A 638 -24.43 -54.71 13.74
C PHE A 638 -23.15 -53.92 13.99
N VAL A 639 -22.20 -54.02 13.06
CA VAL A 639 -20.91 -53.35 13.16
C VAL A 639 -20.93 -52.16 12.22
N ALA A 640 -20.88 -50.96 12.80
CA ALA A 640 -20.82 -49.72 12.03
C ALA A 640 -19.48 -49.05 12.26
N ILE A 641 -18.74 -48.83 11.18
CA ILE A 641 -17.45 -48.14 11.24
C ILE A 641 -17.54 -46.85 10.45
N GLY A 642 -18.34 -46.86 9.39
CA GLY A 642 -18.52 -45.70 8.55
C GLY A 642 -17.66 -45.74 7.30
N GLY A 643 -18.05 -44.93 6.32
CA GLY A 643 -17.33 -44.87 5.06
C GLY A 643 -17.68 -45.96 4.07
N GLY A 644 -18.89 -46.53 4.17
CA GLY A 644 -19.30 -47.55 3.24
C GLY A 644 -18.75 -48.93 3.51
N LYS A 645 -18.47 -49.25 4.78
CA LYS A 645 -17.90 -50.53 5.16
C LYS A 645 -18.94 -51.33 5.95
N GLU A 646 -19.21 -52.55 5.50
CA GLU A 646 -20.21 -53.41 6.13
C GLU A 646 -19.68 -54.83 6.19
N GLY A 647 -19.99 -55.53 7.29
CA GLY A 647 -19.56 -56.90 7.46
C GLY A 647 -20.70 -57.78 7.89
N LEU A 648 -20.56 -59.07 7.56
CA LEU A 648 -21.54 -60.09 7.93
C LEU A 648 -20.91 -61.02 8.96
N VAL A 649 -21.65 -61.29 10.03
CA VAL A 649 -21.18 -62.18 11.09
C VAL A 649 -21.92 -63.50 10.96
N HIS A 650 -21.16 -64.58 10.82
CA HIS A 650 -21.75 -65.91 10.80
C HIS A 650 -22.00 -66.39 12.22
N ILE A 651 -23.07 -67.15 12.40
CA ILE A 651 -23.44 -67.60 13.73
C ILE A 651 -22.66 -68.86 14.13
N SER A 652 -22.26 -69.67 13.16
CA SER A 652 -21.55 -70.93 13.43
C SER A 652 -20.06 -70.85 13.16
N GLN A 653 -19.53 -69.67 12.87
CA GLN A 653 -18.12 -69.50 12.53
C GLN A 653 -17.31 -68.87 13.67
N ILE A 654 -17.80 -68.98 14.91
CA ILE A 654 -17.09 -68.39 16.04
C ILE A 654 -15.96 -69.30 16.51
N ALA A 655 -16.21 -70.60 16.55
CA ALA A 655 -15.22 -71.56 17.05
C ALA A 655 -15.64 -72.95 16.58
N ASP A 656 -14.87 -73.96 17.02
CA ASP A 656 -15.20 -75.34 16.69
C ASP A 656 -16.47 -75.81 17.39
N LYS A 657 -16.84 -75.19 18.50
CA LYS A 657 -18.02 -75.58 19.26
C LYS A 657 -19.21 -74.71 18.89
N ARG A 658 -20.40 -75.29 18.99
CA ARG A 658 -21.64 -74.58 18.68
C ARG A 658 -21.99 -73.62 19.80
N VAL A 659 -22.05 -72.33 19.48
CA VAL A 659 -22.42 -71.30 20.43
C VAL A 659 -23.93 -71.10 20.33
N GLU A 660 -24.54 -70.70 21.45
CA GLU A 660 -25.96 -70.33 21.41
C GLU A 660 -26.13 -68.90 20.91
N LYS A 661 -25.38 -67.96 21.49
CA LYS A 661 -25.46 -66.56 21.11
C LYS A 661 -24.06 -65.95 21.20
N VAL A 662 -23.68 -65.16 20.20
CA VAL A 662 -22.39 -64.48 20.23
C VAL A 662 -22.34 -63.38 21.27
N THR A 663 -23.50 -62.89 21.73
CA THR A 663 -23.54 -61.79 22.67
C THR A 663 -23.22 -62.22 24.11
N ASP A 664 -23.30 -63.52 24.41
CA ASP A 664 -23.00 -63.97 25.77
C ASP A 664 -21.51 -64.00 26.06
N TYR A 665 -20.67 -64.06 25.02
CA TYR A 665 -19.22 -64.03 25.18
C TYR A 665 -18.61 -62.70 24.81
N LEU A 666 -19.27 -61.88 24.00
CA LEU A 666 -18.81 -60.56 23.63
C LEU A 666 -19.67 -59.51 24.31
N GLN A 667 -19.02 -58.54 24.96
CA GLN A 667 -19.70 -57.53 25.74
C GLN A 667 -19.52 -56.16 25.09
N MET A 668 -20.51 -55.29 25.31
CA MET A 668 -20.48 -53.96 24.74
C MET A 668 -19.34 -53.14 25.33
N GLY A 669 -18.67 -52.37 24.47
CA GLY A 669 -17.57 -51.53 24.88
C GLY A 669 -16.22 -52.20 24.90
N GLN A 670 -16.17 -53.51 24.74
CA GLN A 670 -14.91 -54.25 24.76
C GLN A 670 -14.36 -54.37 23.35
N GLU A 671 -13.04 -54.23 23.23
CA GLU A 671 -12.38 -54.34 21.94
C GLU A 671 -12.18 -55.81 21.59
N VAL A 672 -12.59 -56.21 20.39
CA VAL A 672 -12.54 -57.59 19.94
C VAL A 672 -11.50 -57.70 18.83
N PRO A 673 -10.60 -58.69 18.87
CA PRO A 673 -9.59 -58.81 17.81
C PRO A 673 -10.16 -59.54 16.61
N VAL A 674 -10.15 -58.85 15.46
CA VAL A 674 -10.65 -59.41 14.21
C VAL A 674 -9.58 -59.17 13.15
N LYS A 675 -9.16 -60.24 12.48
CA LYS A 675 -8.14 -60.14 11.45
C LYS A 675 -8.74 -60.37 10.07
N VAL A 676 -8.20 -59.67 9.09
CA VAL A 676 -8.65 -59.79 7.70
C VAL A 676 -7.75 -60.82 7.01
N LEU A 677 -8.32 -61.96 6.66
CA LEU A 677 -7.57 -63.02 5.98
C LEU A 677 -7.83 -63.08 4.49
N GLU A 678 -8.88 -62.41 4.00
CA GLU A 678 -9.19 -62.40 2.57
C GLU A 678 -10.02 -61.16 2.27
N VAL A 679 -9.93 -60.71 1.02
CA VAL A 679 -10.71 -59.58 0.53
C VAL A 679 -11.45 -60.03 -0.72
N ASP A 680 -12.77 -59.91 -0.70
CA ASP A 680 -13.58 -60.30 -1.84
C ASP A 680 -13.58 -59.19 -2.90
N ARG A 681 -14.08 -59.54 -4.09
CA ARG A 681 -14.06 -58.60 -5.20
C ARG A 681 -15.10 -57.50 -5.06
N GLN A 682 -16.11 -57.70 -4.20
CA GLN A 682 -17.16 -56.71 -4.00
C GLN A 682 -16.88 -55.78 -2.83
N GLY A 683 -16.08 -56.20 -1.86
CA GLY A 683 -15.79 -55.39 -0.70
C GLY A 683 -16.44 -55.92 0.56
N ARG A 684 -16.72 -57.22 0.57
CA ARG A 684 -17.28 -57.89 1.73
C ARG A 684 -16.15 -58.26 2.69
N ILE A 685 -16.22 -57.77 3.92
CA ILE A 685 -15.21 -58.09 4.94
C ILE A 685 -15.69 -59.29 5.74
N ARG A 686 -14.77 -60.24 5.97
CA ARG A 686 -15.07 -61.46 6.70
C ARG A 686 -14.32 -61.47 8.02
N LEU A 687 -15.02 -61.78 9.10
CA LEU A 687 -14.44 -61.79 10.43
C LEU A 687 -13.90 -63.18 10.76
N SER A 688 -12.76 -63.21 11.45
CA SER A 688 -12.11 -64.45 11.86
C SER A 688 -11.78 -64.34 13.35
N ILE A 689 -12.50 -65.09 14.18
CA ILE A 689 -12.32 -65.05 15.62
C ILE A 689 -11.75 -66.35 16.19
N LYS A 690 -12.04 -67.49 15.55
CA LYS A 690 -11.61 -68.78 16.11
C LYS A 690 -10.10 -68.89 16.18
N GLU A 691 -9.40 -68.44 15.14
CA GLU A 691 -7.94 -68.49 15.15
C GLU A 691 -7.33 -67.31 15.88
N ALA A 692 -8.06 -66.21 16.02
CA ALA A 692 -7.50 -65.02 16.66
C ALA A 692 -7.55 -65.11 18.18
N THR A 693 -8.64 -65.66 18.74
CA THR A 693 -8.81 -65.64 20.19
C THR A 693 -8.07 -66.80 20.86
N GLU A 694 -8.34 -68.03 20.43
CA GLU A 694 -7.80 -69.19 21.13
C GLU A 694 -6.32 -69.40 20.81
N GLN A 695 -6.00 -69.63 19.54
CA GLN A 695 -4.61 -69.80 19.13
C GLN A 695 -4.18 -68.67 18.22
N MET B 1 35.14 -11.40 22.20
CA MET B 1 34.26 -12.39 22.81
C MET B 1 33.37 -11.74 23.86
N LEU B 2 32.39 -10.97 23.41
CA LEU B 2 31.45 -10.33 24.33
C LEU B 2 30.55 -11.38 24.98
N ASN B 3 30.03 -11.05 26.16
CA ASN B 3 29.29 -12.00 26.98
C ASN B 3 27.94 -11.41 27.38
N PRO B 4 26.84 -12.12 27.14
CA PRO B 4 25.54 -11.60 27.55
C PRO B 4 25.30 -11.81 29.03
N ILE B 5 24.32 -11.07 29.55
CA ILE B 5 23.85 -11.22 30.92
C ILE B 5 22.43 -11.74 30.86
N VAL B 6 22.22 -12.94 31.40
CA VAL B 6 20.95 -13.64 31.28
C VAL B 6 20.38 -13.87 32.67
N ARG B 7 19.11 -13.55 32.84
CA ARG B 7 18.38 -13.86 34.08
C ARG B 7 16.99 -14.33 33.69
N LYS B 8 16.61 -15.50 34.19
CA LYS B 8 15.35 -16.12 33.81
C LYS B 8 14.54 -16.49 35.03
N PHE B 9 13.22 -16.30 34.94
CA PHE B 9 12.34 -16.54 36.08
C PHE B 9 11.06 -17.18 35.60
N GLN B 10 10.39 -17.87 36.51
CA GLN B 10 9.05 -18.37 36.24
C GLN B 10 8.02 -17.26 36.36
N TYR B 11 7.01 -17.32 35.50
CA TYR B 11 5.95 -16.33 35.45
C TYR B 11 4.68 -17.02 34.94
N GLY B 12 4.03 -17.75 35.83
CA GLY B 12 2.99 -18.66 35.40
C GLY B 12 3.60 -19.92 34.82
N GLN B 13 2.83 -20.60 33.98
CA GLN B 13 3.34 -21.79 33.31
C GLN B 13 4.51 -21.44 32.39
N HIS B 14 4.44 -20.30 31.71
CA HIS B 14 5.51 -19.89 30.83
C HIS B 14 6.74 -19.46 31.63
N THR B 15 7.91 -19.63 31.02
CA THR B 15 9.16 -19.13 31.58
C THR B 15 9.69 -17.98 30.75
N VAL B 16 10.19 -16.95 31.42
CA VAL B 16 10.64 -15.73 30.78
C VAL B 16 12.16 -15.67 30.89
N THR B 17 12.81 -15.16 29.85
CA THR B 17 14.28 -15.16 29.77
C THR B 17 14.77 -13.77 29.37
N LEU B 18 14.83 -12.86 30.33
CA LEU B 18 15.47 -11.57 30.09
C LEU B 18 16.94 -11.77 29.79
N GLU B 19 17.46 -10.95 28.88
CA GLU B 19 18.84 -11.13 28.41
C GLU B 19 19.30 -9.87 27.73
N THR B 20 20.44 -9.33 28.17
CA THR B 20 20.95 -8.08 27.67
C THR B 20 22.45 -8.16 27.47
N GLY B 21 23.01 -7.08 26.92
CA GLY B 21 24.43 -6.95 26.78
C GLY B 21 25.02 -7.57 25.53
N MET B 22 24.30 -8.43 24.83
CA MET B 22 24.88 -9.08 23.67
C MET B 22 24.68 -8.30 22.40
N MET B 23 23.53 -7.68 22.21
CA MET B 23 23.21 -7.05 20.94
C MET B 23 22.79 -5.61 21.14
N ALA B 24 22.99 -4.81 20.09
CA ALA B 24 22.57 -3.42 20.02
C ALA B 24 23.32 -2.55 21.03
N ARG B 25 24.60 -2.83 21.24
CA ARG B 25 25.38 -2.11 22.24
C ARG B 25 25.31 -0.61 22.08
N GLN B 26 25.24 -0.11 20.84
CA GLN B 26 25.27 1.32 20.64
C GLN B 26 23.94 2.00 20.93
N ALA B 27 22.84 1.27 20.92
CA ALA B 27 21.61 1.81 21.48
C ALA B 27 21.83 2.06 22.97
N THR B 28 21.02 2.95 23.53
CA THR B 28 21.23 3.32 24.93
C THR B 28 21.08 2.10 25.83
N ALA B 29 20.12 1.23 25.54
CA ALA B 29 19.97 -0.04 26.22
C ALA B 29 19.02 -0.93 25.44
N ALA B 30 19.33 -2.21 25.32
CA ALA B 30 18.48 -3.11 24.57
C ALA B 30 18.41 -4.44 25.29
N VAL B 31 17.22 -5.05 25.24
CA VAL B 31 16.95 -6.27 25.99
C VAL B 31 16.12 -7.18 25.11
N MET B 32 16.64 -8.37 24.83
CA MET B 32 15.86 -9.40 24.14
C MET B 32 15.16 -10.22 25.20
N VAL B 33 13.84 -10.09 25.29
CA VAL B 33 13.04 -10.83 26.24
C VAL B 33 12.32 -11.94 25.49
N SER B 34 12.48 -13.18 25.95
CA SER B 34 11.86 -14.32 25.31
C SER B 34 11.04 -15.08 26.34
N MET B 35 9.77 -15.30 26.03
CA MET B 35 8.87 -16.07 26.88
C MET B 35 8.39 -17.27 26.10
N ASP B 36 8.79 -18.47 26.54
CA ASP B 36 8.27 -19.72 26.00
C ASP B 36 8.38 -19.78 24.49
N ASP B 37 9.55 -19.42 23.97
CA ASP B 37 9.93 -19.43 22.56
C ASP B 37 9.37 -18.24 21.79
N THR B 38 8.71 -17.29 22.44
CA THR B 38 8.33 -16.03 21.81
C THR B 38 9.29 -14.97 22.31
N ALA B 39 10.02 -14.35 21.38
CA ALA B 39 11.08 -13.43 21.73
C ALA B 39 10.82 -12.07 21.08
N VAL B 40 10.89 -11.01 21.87
CA VAL B 40 10.67 -9.67 21.39
C VAL B 40 11.87 -8.83 21.77
N PHE B 41 12.52 -8.24 20.78
CA PHE B 41 13.78 -7.53 20.96
C PHE B 41 13.48 -6.04 21.09
N VAL B 42 13.59 -5.51 22.30
CA VAL B 42 13.18 -4.15 22.61
C VAL B 42 14.42 -3.30 22.84
N THR B 43 14.47 -2.14 22.19
CA THR B 43 15.61 -1.25 22.30
C THR B 43 15.14 0.18 22.41
N VAL B 44 15.87 0.99 23.18
CA VAL B 44 15.49 2.36 23.46
C VAL B 44 16.70 3.27 23.29
N VAL B 45 16.52 4.32 22.50
CA VAL B 45 17.56 5.31 22.23
C VAL B 45 17.11 6.62 22.85
N GLY B 46 17.94 7.18 23.72
CA GLY B 46 17.54 8.42 24.36
C GLY B 46 18.56 9.52 24.16
N GLN B 47 18.16 10.60 23.51
CA GLN B 47 19.07 11.71 23.30
C GLN B 47 19.47 12.34 24.62
N LYS B 48 20.59 13.05 24.61
CA LYS B 48 21.14 13.63 25.83
C LYS B 48 20.91 15.11 25.96
N LYS B 49 20.77 15.83 24.84
CA LYS B 49 20.62 17.27 24.83
C LYS B 49 19.19 17.60 24.43
N ALA B 50 18.45 18.21 25.34
CA ALA B 50 17.10 18.64 25.02
C ALA B 50 17.11 19.59 23.83
N LYS B 51 16.17 19.39 22.92
CA LYS B 51 16.03 20.32 21.81
C LYS B 51 15.66 21.69 22.37
N PRO B 52 16.25 22.76 21.85
CA PRO B 52 16.02 24.09 22.43
C PRO B 52 14.57 24.50 22.32
N GLY B 53 14.03 25.03 23.42
CA GLY B 53 12.64 25.47 23.43
C GLY B 53 11.65 24.36 23.19
N GLN B 54 11.95 23.16 23.65
CA GLN B 54 11.01 22.05 23.54
C GLN B 54 9.97 22.15 24.65
N ASP B 55 8.71 21.88 24.32
CA ASP B 55 7.61 22.06 25.26
C ASP B 55 6.82 20.80 25.57
N PHE B 56 6.74 19.84 24.65
CA PHE B 56 5.98 18.62 24.87
C PHE B 56 6.88 17.41 24.71
N PHE B 57 6.64 16.41 25.55
CA PHE B 57 7.47 15.21 25.59
C PHE B 57 7.35 14.44 24.28
N PRO B 58 8.42 14.28 23.51
CA PRO B 58 8.31 13.59 22.23
C PRO B 58 8.69 12.12 22.28
N LEU B 59 8.09 11.34 23.18
CA LEU B 59 8.37 9.92 23.21
C LEU B 59 7.52 9.21 22.15
N THR B 60 8.17 8.39 21.34
CA THR B 60 7.51 7.69 20.24
C THR B 60 7.84 6.21 20.37
N VAL B 61 6.82 5.39 20.61
CA VAL B 61 6.99 3.96 20.74
C VAL B 61 6.59 3.30 19.44
N ASN B 62 7.55 2.66 18.77
CA ASN B 62 7.24 1.91 17.57
C ASN B 62 7.00 0.46 17.94
N TYR B 63 6.61 -0.35 16.96
CA TYR B 63 6.46 -1.78 17.19
C TYR B 63 6.28 -2.47 15.86
N GLN B 64 7.17 -3.40 15.53
CA GLN B 64 7.19 -4.04 14.23
C GLN B 64 7.08 -5.54 14.41
N GLU B 65 6.11 -6.14 13.75
CA GLU B 65 5.98 -7.59 13.71
C GLU B 65 6.63 -8.06 12.42
N ARG B 66 7.82 -8.64 12.53
CA ARG B 66 8.52 -9.17 11.38
C ARG B 66 7.94 -10.53 11.05
N THR B 67 7.35 -10.65 9.87
CA THR B 67 6.65 -11.88 9.57
C THR B 67 7.59 -13.03 9.27
N TYR B 68 8.90 -12.85 9.42
CA TYR B 68 9.76 -14.03 9.41
C TYR B 68 9.81 -14.69 10.77
N ALA B 69 9.15 -14.11 11.76
CA ALA B 69 9.08 -14.73 13.07
C ALA B 69 8.28 -16.02 13.01
N ALA B 70 7.09 -15.97 12.43
CA ALA B 70 6.31 -17.19 12.32
C ALA B 70 6.91 -18.16 11.33
N GLY B 71 7.84 -17.72 10.50
CA GLY B 71 8.41 -18.59 9.50
C GLY B 71 7.62 -18.58 8.20
N ARG B 72 7.39 -17.39 7.67
CA ARG B 72 6.56 -17.24 6.48
C ARG B 72 7.00 -16.02 5.69
N ILE B 73 7.13 -16.17 4.39
CA ILE B 73 7.38 -15.04 3.49
C ILE B 73 6.16 -14.12 3.50
N PRO B 74 6.34 -12.80 3.51
CA PRO B 74 5.19 -11.90 3.55
C PRO B 74 4.25 -12.13 2.39
N GLY B 75 2.98 -11.77 2.60
CA GLY B 75 2.00 -11.94 1.54
C GLY B 75 2.06 -10.86 0.48
N SER B 76 2.40 -9.64 0.88
CA SER B 76 2.22 -8.47 0.01
C SER B 76 3.03 -8.62 -1.27
N PHE B 77 2.57 -7.95 -2.32
CA PHE B 77 3.15 -8.14 -3.64
C PHE B 77 4.65 -7.85 -3.64
N PHE B 78 5.09 -6.88 -2.84
CA PHE B 78 6.51 -6.58 -2.78
C PHE B 78 7.29 -7.58 -1.94
N ARG B 79 6.61 -8.55 -1.33
CA ARG B 79 7.26 -9.59 -0.52
C ARG B 79 8.07 -8.97 0.61
N ARG B 80 7.65 -7.82 1.11
CA ARG B 80 8.36 -7.13 2.16
C ARG B 80 7.37 -6.59 3.16
N GLU B 81 7.80 -6.49 4.42
CA GLU B 81 6.90 -6.01 5.46
C GLU B 81 6.55 -4.55 5.20
N GLY B 82 5.26 -4.26 5.16
CA GLY B 82 4.78 -2.95 4.81
C GLY B 82 4.69 -2.02 5.98
N ARG B 83 3.86 -0.99 5.81
CA ARG B 83 3.59 -0.06 6.90
C ARG B 83 2.86 -0.77 8.02
N PRO B 84 2.96 -0.26 9.24
CA PRO B 84 2.31 -0.90 10.38
C PRO B 84 0.83 -1.18 10.18
N SER B 85 0.43 -2.43 10.36
CA SER B 85 -0.97 -2.80 10.29
C SER B 85 -1.72 -2.25 11.50
N GLU B 86 -3.02 -2.50 11.52
CA GLU B 86 -3.84 -2.03 12.64
C GLU B 86 -3.45 -2.72 13.94
N GLY B 87 -3.14 -4.01 13.89
CA GLY B 87 -2.77 -4.71 15.10
C GLY B 87 -1.48 -4.18 15.71
N GLU B 88 -0.49 -3.90 14.88
CA GLU B 88 0.77 -3.39 15.40
C GLU B 88 0.60 -1.99 15.96
N THR B 89 -0.21 -1.16 15.32
CA THR B 89 -0.48 0.17 15.89
C THR B 89 -1.18 0.04 17.23
N LEU B 90 -2.12 -0.90 17.33
CA LEU B 90 -2.81 -1.13 18.59
C LEU B 90 -1.82 -1.48 19.70
N ILE B 91 -0.94 -2.44 19.43
CA ILE B 91 0.03 -2.83 20.45
C ILE B 91 1.05 -1.73 20.71
N ALA B 92 1.29 -0.85 19.75
CA ALA B 92 2.14 0.29 20.02
C ALA B 92 1.49 1.21 21.03
N ARG B 93 0.20 1.50 20.85
CA ARG B 93 -0.50 2.29 21.86
C ARG B 93 -0.50 1.58 23.20
N LEU B 94 -0.63 0.25 23.19
CA LEU B 94 -0.57 -0.53 24.41
C LEU B 94 0.74 -0.29 25.15
N ILE B 95 1.87 -0.42 24.45
CA ILE B 95 3.16 -0.19 25.08
C ILE B 95 3.32 1.26 25.51
N ASP B 96 2.68 2.19 24.80
CA ASP B 96 2.91 3.61 25.03
C ASP B 96 2.19 4.10 26.27
N ARG B 97 0.95 3.69 26.47
CA ARG B 97 0.11 4.33 27.47
C ARG B 97 0.63 4.19 28.91
N PRO B 98 1.18 3.05 29.33
CA PRO B 98 1.66 2.97 30.72
C PRO B 98 2.92 3.76 30.97
N ILE B 99 3.83 3.86 30.00
CA ILE B 99 5.16 4.40 30.27
C ILE B 99 5.26 5.88 29.98
N ARG B 100 4.16 6.54 29.65
CA ARG B 100 4.27 7.98 29.43
C ARG B 100 4.05 8.78 30.71
N PRO B 101 3.04 8.47 31.54
CA PRO B 101 2.93 9.18 32.81
C PRO B 101 4.02 8.86 33.80
N LEU B 102 4.99 8.04 33.44
CA LEU B 102 6.00 7.61 34.40
C LEU B 102 7.28 8.42 34.31
N PHE B 103 7.62 8.96 33.14
CA PHE B 103 8.74 9.87 33.07
C PHE B 103 8.43 11.10 33.91
N PRO B 104 9.42 11.68 34.57
CA PRO B 104 9.15 12.80 35.47
C PRO B 104 8.71 14.02 34.69
N GLU B 105 8.20 15.00 35.43
CA GLU B 105 7.64 16.19 34.81
C GLU B 105 8.76 17.10 34.33
N GLY B 106 8.59 17.67 33.15
CA GLY B 106 9.59 18.55 32.59
C GLY B 106 10.67 17.86 31.79
N PHE B 107 10.68 16.53 31.77
CA PHE B 107 11.61 15.81 30.91
C PHE B 107 11.17 15.98 29.47
N VAL B 108 12.10 16.42 28.61
CA VAL B 108 11.73 16.74 27.24
C VAL B 108 12.74 16.20 26.24
N ASN B 109 13.69 15.40 26.69
CA ASN B 109 14.60 14.76 25.76
C ASN B 109 13.87 13.70 24.96
N GLU B 110 14.10 13.69 23.65
CA GLU B 110 13.46 12.70 22.80
C GLU B 110 13.85 11.29 23.24
N VAL B 111 12.91 10.36 23.09
CA VAL B 111 13.10 8.97 23.46
C VAL B 111 12.33 8.12 22.48
N GLN B 112 12.89 6.98 22.09
CA GLN B 112 12.25 6.12 21.11
C GLN B 112 12.43 4.67 21.51
N VAL B 113 11.35 3.96 21.69
CA VAL B 113 11.36 2.56 22.08
C VAL B 113 10.92 1.74 20.87
N ILE B 114 11.86 1.10 20.20
CA ILE B 114 11.57 0.29 19.03
C ILE B 114 11.53 -1.16 19.47
N ALA B 115 10.38 -1.81 19.31
CA ALA B 115 10.20 -3.19 19.74
C ALA B 115 9.96 -4.06 18.51
N THR B 116 10.87 -4.97 18.25
CA THR B 116 10.75 -5.90 17.14
C THR B 116 10.31 -7.26 17.67
N VAL B 117 9.62 -8.02 16.83
CA VAL B 117 9.17 -9.37 17.17
C VAL B 117 9.89 -10.32 16.24
N VAL B 118 10.77 -11.15 16.80
CA VAL B 118 11.65 -11.96 15.97
C VAL B 118 11.27 -13.42 15.90
N SER B 119 10.53 -13.94 16.87
CA SER B 119 10.08 -15.33 16.80
C SER B 119 8.87 -15.47 17.70
N VAL B 120 7.78 -16.01 17.17
CA VAL B 120 6.51 -16.04 17.88
C VAL B 120 5.97 -17.47 17.88
N ASN B 121 5.90 -18.06 19.06
CA ASN B 121 5.14 -19.28 19.23
C ASN B 121 3.67 -18.95 19.03
N PRO B 122 2.97 -19.61 18.12
CA PRO B 122 1.56 -19.24 17.85
C PRO B 122 0.66 -19.30 19.07
N GLN B 123 1.14 -19.78 20.22
CA GLN B 123 0.32 -19.76 21.43
C GLN B 123 0.51 -18.46 22.20
N VAL B 124 1.73 -18.20 22.67
CA VAL B 124 1.98 -17.07 23.56
C VAL B 124 1.95 -15.78 22.74
N ASN B 125 0.97 -14.93 23.00
CA ASN B 125 0.86 -13.67 22.28
C ASN B 125 2.06 -12.78 22.59
N PRO B 126 2.55 -12.01 21.62
CA PRO B 126 3.76 -11.22 21.86
C PRO B 126 3.56 -9.99 22.71
N ASP B 127 2.40 -9.34 22.68
CA ASP B 127 2.27 -8.00 23.26
C ASP B 127 2.73 -7.93 24.71
N ILE B 128 2.38 -8.93 25.51
CA ILE B 128 2.83 -8.95 26.90
C ILE B 128 4.34 -9.00 26.97
N VAL B 129 4.95 -9.83 26.12
CA VAL B 129 6.40 -9.94 26.12
C VAL B 129 7.02 -8.60 25.72
N ALA B 130 6.42 -7.91 24.75
CA ALA B 130 6.96 -6.63 24.33
C ALA B 130 6.82 -5.59 25.42
N MET B 131 5.74 -5.66 26.21
CA MET B 131 5.58 -4.70 27.30
C MET B 131 6.63 -4.93 28.38
N ILE B 132 6.83 -6.19 28.76
CA ILE B 132 7.90 -6.50 29.71
C ILE B 132 9.25 -6.04 29.15
N GLY B 133 9.45 -6.21 27.85
CA GLY B 133 10.70 -5.80 27.26
C GLY B 133 10.90 -4.29 27.31
N ALA B 134 9.86 -3.52 27.02
CA ALA B 134 9.98 -2.08 27.07
C ALA B 134 10.24 -1.60 28.48
N SER B 135 9.57 -2.20 29.47
CA SER B 135 9.83 -1.83 30.85
C SER B 135 11.28 -2.13 31.22
N ALA B 136 11.75 -3.33 30.91
CA ALA B 136 13.13 -3.68 31.26
C ALA B 136 14.13 -2.78 30.56
N ALA B 137 13.90 -2.47 29.29
CA ALA B 137 14.79 -1.58 28.57
C ALA B 137 14.85 -0.21 29.23
N LEU B 138 13.69 0.43 29.42
CA LEU B 138 13.71 1.77 30.01
C LEU B 138 14.35 1.77 31.39
N SER B 139 13.97 0.82 32.24
CA SER B 139 14.54 0.83 33.59
C SER B 139 16.01 0.46 33.57
N LEU B 140 16.48 -0.19 32.52
CA LEU B 140 17.90 -0.53 32.38
C LEU B 140 18.69 0.65 31.87
N SER B 141 18.10 1.44 30.98
CA SER B 141 18.85 2.46 30.26
C SER B 141 19.42 3.52 31.20
N GLY B 142 18.72 3.81 32.28
CA GLY B 142 19.09 4.93 33.10
C GLY B 142 18.44 6.23 32.72
N ILE B 143 17.65 6.25 31.65
CA ILE B 143 16.79 7.41 31.43
C ILE B 143 15.93 7.59 32.66
N PRO B 144 15.74 8.81 33.17
CA PRO B 144 14.98 8.96 34.41
C PRO B 144 13.59 8.36 34.27
N PHE B 145 13.28 7.42 35.16
CA PHE B 145 12.13 6.56 35.06
C PHE B 145 11.79 6.10 36.45
N ASN B 146 10.51 6.19 36.75
CA ASN B 146 10.13 5.89 38.15
C ASN B 146 10.38 4.42 38.42
N GLY B 147 9.59 3.52 37.87
CA GLY B 147 9.77 2.11 38.26
C GLY B 147 9.62 1.13 37.14
N PRO B 148 10.16 -0.07 37.27
CA PRO B 148 9.93 -1.03 36.23
C PRO B 148 8.43 -1.35 36.26
N ILE B 149 7.80 -1.65 35.12
CA ILE B 149 6.34 -1.94 35.04
C ILE B 149 6.11 -3.36 34.53
N GLY B 150 5.29 -4.19 35.18
CA GLY B 150 4.97 -5.51 34.72
C GLY B 150 3.65 -5.56 34.00
N ALA B 151 3.47 -6.58 33.17
CA ALA B 151 2.25 -6.73 32.42
C ALA B 151 1.70 -8.14 32.60
N ALA B 152 0.39 -8.24 32.67
CA ALA B 152 -0.28 -9.53 32.74
C ALA B 152 -1.53 -9.46 31.89
N ARG B 153 -2.05 -10.60 31.51
CA ARG B 153 -3.29 -10.66 30.74
C ARG B 153 -4.21 -11.68 31.40
N VAL B 154 -4.85 -11.27 32.50
CA VAL B 154 -5.71 -12.18 33.23
C VAL B 154 -6.85 -12.65 32.34
N GLY B 155 -7.16 -13.94 32.43
CA GLY B 155 -8.32 -14.51 31.79
C GLY B 155 -9.30 -15.00 32.84
N TYR B 156 -10.48 -15.41 32.37
CA TYR B 156 -11.56 -15.82 33.26
C TYR B 156 -12.18 -17.09 32.70
N ILE B 157 -11.92 -18.21 33.35
CA ILE B 157 -12.42 -19.52 32.93
C ILE B 157 -12.96 -20.25 34.14
N ASN B 158 -14.14 -20.86 33.99
CA ASN B 158 -14.79 -21.60 35.07
C ASN B 158 -14.88 -20.76 36.34
N ASP B 159 -15.22 -19.48 36.17
CA ASP B 159 -15.34 -18.52 37.26
C ASP B 159 -14.08 -18.43 38.10
N GLN B 160 -12.93 -18.79 37.53
CA GLN B 160 -11.65 -18.71 38.22
C GLN B 160 -10.66 -17.99 37.32
N TYR B 161 -10.03 -16.94 37.85
CA TYR B 161 -9.02 -16.23 37.10
C TYR B 161 -7.89 -17.15 36.70
N VAL B 162 -7.25 -16.85 35.57
CA VAL B 162 -6.08 -17.59 35.11
C VAL B 162 -5.11 -16.59 34.50
N LEU B 163 -3.82 -16.80 34.77
CA LEU B 163 -2.81 -15.81 34.41
C LEU B 163 -2.27 -16.10 33.02
N ASN B 164 -2.36 -15.10 32.15
CA ASN B 164 -1.67 -15.11 30.87
C ASN B 164 -2.01 -16.34 30.06
N PRO B 165 -3.26 -16.53 29.68
CA PRO B 165 -3.66 -17.77 29.01
C PRO B 165 -3.14 -17.81 27.58
N THR B 166 -3.22 -19.00 27.01
CA THR B 166 -2.89 -19.22 25.61
C THR B 166 -4.14 -19.14 24.77
N GLN B 167 -3.95 -18.95 23.46
CA GLN B 167 -5.07 -18.76 22.55
C GLN B 167 -6.13 -19.85 22.72
N ASP B 168 -5.68 -21.10 22.86
CA ASP B 168 -6.64 -22.19 23.03
C ASP B 168 -7.53 -21.97 24.24
N GLU B 169 -6.96 -21.54 25.36
CA GLU B 169 -7.78 -21.18 26.50
C GLU B 169 -8.55 -19.89 26.24
N LEU B 170 -7.89 -18.90 25.66
CA LEU B 170 -8.52 -17.61 25.45
C LEU B 170 -9.78 -17.69 24.61
N LYS B 171 -9.92 -18.74 23.80
CA LYS B 171 -11.19 -18.90 23.09
C LYS B 171 -12.34 -19.22 24.03
N GLU B 172 -12.06 -19.61 25.27
CA GLU B 172 -13.09 -19.94 26.23
C GLU B 172 -13.25 -18.91 27.33
N SER B 173 -12.25 -18.07 27.54
CA SER B 173 -12.33 -17.07 28.60
C SER B 173 -13.38 -16.02 28.27
N LYS B 174 -13.95 -15.44 29.32
CA LYS B 174 -14.91 -14.36 29.16
C LYS B 174 -14.23 -13.01 29.05
N LEU B 175 -13.19 -12.78 29.85
CA LEU B 175 -12.57 -11.47 29.98
C LEU B 175 -11.08 -11.57 29.74
N ASP B 176 -10.54 -10.62 28.98
CA ASP B 176 -9.09 -10.50 28.77
C ASP B 176 -8.70 -9.06 29.03
N LEU B 177 -7.93 -8.83 30.09
CA LEU B 177 -7.55 -7.48 30.46
C LEU B 177 -6.06 -7.42 30.70
N VAL B 178 -5.44 -6.33 30.25
CA VAL B 178 -3.99 -6.20 30.24
C VAL B 178 -3.56 -5.26 31.36
N VAL B 179 -3.81 -5.64 32.61
CA VAL B 179 -3.51 -4.77 33.75
C VAL B 179 -2.00 -4.66 33.86
N ALA B 180 -1.47 -3.52 33.48
CA ALA B 180 -0.03 -3.28 33.53
C ALA B 180 0.23 -2.09 34.43
N GLY B 181 0.78 -2.34 35.61
CA GLY B 181 1.04 -1.28 36.56
C GLY B 181 2.31 -1.53 37.34
N THR B 182 2.91 -0.44 37.80
CA THR B 182 4.08 -0.54 38.67
C THR B 182 3.69 -1.18 40.00
N GLU B 183 4.68 -1.33 40.87
CA GLU B 183 4.43 -1.99 42.14
C GLU B 183 3.41 -1.22 42.98
N ALA B 184 3.40 0.10 42.85
CA ALA B 184 2.51 0.90 43.70
C ALA B 184 1.06 0.82 43.25
N ALA B 185 0.78 1.09 41.98
CA ALA B 185 -0.59 1.25 41.53
C ALA B 185 -0.73 0.75 40.10
N VAL B 186 -1.97 0.43 39.73
CA VAL B 186 -2.28 -0.13 38.41
C VAL B 186 -2.32 1.01 37.40
N LEU B 187 -1.28 1.11 36.58
CA LEU B 187 -1.15 2.24 35.68
C LEU B 187 -2.18 2.20 34.55
N MET B 188 -2.46 1.02 34.01
CA MET B 188 -3.35 0.95 32.87
C MET B 188 -4.09 -0.38 32.87
N VAL B 189 -5.34 -0.36 32.41
CA VAL B 189 -6.16 -1.54 32.27
C VAL B 189 -6.92 -1.43 30.96
N GLU B 190 -6.87 -2.46 30.13
CA GLU B 190 -7.62 -2.53 28.89
C GLU B 190 -8.33 -3.87 28.81
N SER B 191 -9.66 -3.84 28.68
CA SER B 191 -10.45 -5.03 28.94
C SER B 191 -11.40 -5.32 27.79
N GLU B 192 -11.85 -6.56 27.72
CA GLU B 192 -12.93 -6.98 26.85
C GLU B 192 -13.62 -8.16 27.50
N ALA B 193 -14.86 -7.99 27.92
CA ALA B 193 -15.54 -9.04 28.66
C ALA B 193 -16.92 -9.30 28.08
N GLN B 194 -17.40 -10.52 28.26
CA GLN B 194 -18.74 -10.91 27.83
C GLN B 194 -19.72 -10.66 28.97
N LEU B 195 -19.99 -9.38 29.21
CA LEU B 195 -21.04 -8.94 30.14
C LEU B 195 -20.77 -9.42 31.56
N LEU B 196 -19.51 -9.36 31.98
CA LEU B 196 -19.17 -9.66 33.37
C LEU B 196 -19.62 -8.54 34.29
N SER B 197 -20.02 -8.89 35.50
CA SER B 197 -20.37 -7.89 36.49
C SER B 197 -19.13 -7.14 36.97
N GLU B 198 -19.31 -5.87 37.32
CA GLU B 198 -18.20 -4.97 37.64
C GLU B 198 -17.26 -5.57 38.68
N ASP B 199 -17.81 -6.18 39.73
CA ASP B 199 -16.99 -6.72 40.80
C ASP B 199 -15.97 -7.74 40.26
N GLN B 200 -16.41 -8.60 39.35
CA GLN B 200 -15.49 -9.56 38.76
C GLN B 200 -14.37 -8.85 38.00
N MET B 201 -14.71 -7.78 37.30
CA MET B 201 -13.69 -7.04 36.56
C MET B 201 -12.65 -6.46 37.50
N LEU B 202 -13.09 -5.82 38.58
CA LEU B 202 -12.12 -5.22 39.48
C LEU B 202 -11.30 -6.29 40.20
N GLY B 203 -11.91 -7.44 40.50
CA GLY B 203 -11.15 -8.54 41.05
C GLY B 203 -10.06 -9.01 40.10
N ALA B 204 -10.40 -9.10 38.81
CA ALA B 204 -9.40 -9.47 37.81
C ALA B 204 -8.26 -8.46 37.79
N VAL B 205 -8.58 -7.18 37.87
CA VAL B 205 -7.53 -6.15 37.86
C VAL B 205 -6.59 -6.37 39.04
N VAL B 206 -7.14 -6.49 40.25
CA VAL B 206 -6.28 -6.57 41.43
C VAL B 206 -5.47 -7.86 41.40
N PHE B 207 -6.04 -8.94 40.87
CA PHE B 207 -5.31 -10.20 40.81
C PHE B 207 -4.15 -10.11 39.84
N GLY B 208 -4.40 -9.56 38.65
CA GLY B 208 -3.31 -9.38 37.70
C GLY B 208 -2.18 -8.55 38.27
N HIS B 209 -2.51 -7.50 39.01
CA HIS B 209 -1.45 -6.68 39.58
C HIS B 209 -0.64 -7.46 40.62
N GLU B 210 -1.33 -8.10 41.57
CA GLU B 210 -0.66 -8.93 42.55
C GLU B 210 0.26 -9.94 41.89
N GLN B 211 -0.12 -10.42 40.71
CA GLN B 211 0.70 -11.44 40.06
C GLN B 211 1.94 -10.82 39.40
N GLN B 212 1.76 -9.80 38.57
CA GLN B 212 2.93 -9.27 37.86
C GLN B 212 3.90 -8.53 38.76
N GLN B 213 3.59 -8.43 40.06
CA GLN B 213 4.64 -8.05 41.00
C GLN B 213 5.94 -8.86 40.81
N VAL B 214 5.84 -10.09 40.29
CA VAL B 214 7.04 -10.91 40.09
C VAL B 214 7.96 -10.30 39.05
N VAL B 215 7.41 -10.00 37.87
CA VAL B 215 8.17 -9.32 36.84
C VAL B 215 8.77 -8.05 37.39
N ILE B 216 8.02 -7.32 38.22
CA ILE B 216 8.60 -6.13 38.83
C ILE B 216 9.89 -6.46 39.57
N GLN B 217 9.79 -7.42 40.50
CA GLN B 217 10.95 -7.73 41.33
C GLN B 217 12.15 -8.14 40.49
N ASN B 218 11.92 -8.95 39.46
CA ASN B 218 13.08 -9.49 38.77
C ASN B 218 13.68 -8.52 37.76
N ILE B 219 12.86 -7.65 37.15
CA ILE B 219 13.47 -6.57 36.39
C ILE B 219 14.31 -5.70 37.30
N ASN B 220 13.85 -5.48 38.52
CA ASN B 220 14.66 -4.70 39.46
C ASN B 220 15.99 -5.39 39.74
N GLU B 221 15.95 -6.71 39.92
CA GLU B 221 17.18 -7.47 40.14
C GLU B 221 18.14 -7.31 38.96
N LEU B 222 17.64 -7.52 37.74
CA LEU B 222 18.50 -7.42 36.57
C LEU B 222 19.08 -6.01 36.42
N VAL B 223 18.30 -4.99 36.76
CA VAL B 223 18.80 -3.62 36.68
C VAL B 223 19.92 -3.42 37.69
N LYS B 224 19.73 -3.89 38.91
CA LYS B 224 20.81 -3.82 39.90
C LYS B 224 22.05 -4.55 39.42
N GLU B 225 21.88 -5.61 38.63
CA GLU B 225 23.03 -6.36 38.14
C GLU B 225 23.78 -5.65 37.02
N ALA B 226 23.13 -5.46 35.88
CA ALA B 226 23.79 -5.01 34.66
C ALA B 226 23.14 -3.76 34.09
N GLY B 227 22.94 -2.73 34.93
CA GLY B 227 22.38 -1.48 34.49
C GLY B 227 23.45 -0.45 34.16
N LYS B 228 23.00 0.76 33.88
CA LYS B 228 23.87 1.88 33.58
C LYS B 228 23.67 2.97 34.62
N PRO B 229 24.63 3.88 34.78
CA PRO B 229 24.48 4.95 35.76
C PRO B 229 23.38 5.92 35.34
N ARG B 230 22.53 6.28 36.30
CA ARG B 230 21.40 7.14 36.01
C ARG B 230 21.87 8.49 35.49
N TRP B 231 21.12 9.04 34.54
CA TRP B 231 21.47 10.34 34.01
C TRP B 231 21.42 11.39 35.10
N ASP B 232 22.23 12.44 34.93
CA ASP B 232 22.20 13.59 35.83
C ASP B 232 21.25 14.60 35.22
N TRP B 233 19.97 14.50 35.56
CA TRP B 233 18.95 15.38 35.03
C TRP B 233 18.15 15.94 36.20
N GLN B 234 18.08 17.27 36.29
CA GLN B 234 17.40 17.96 37.35
C GLN B 234 16.25 18.78 36.79
N PRO B 235 15.08 18.76 37.41
CA PRO B 235 13.98 19.59 36.92
C PRO B 235 14.31 21.05 37.04
N GLU B 236 13.76 21.84 36.12
CA GLU B 236 13.95 23.28 36.17
C GLU B 236 13.31 23.85 37.43
N PRO B 237 14.08 24.50 38.31
CA PRO B 237 13.48 25.07 39.51
C PRO B 237 12.50 26.18 39.17
N VAL B 238 11.39 26.22 39.91
CA VAL B 238 10.37 27.22 39.65
C VAL B 238 10.83 28.58 40.16
N ASN B 239 10.48 29.63 39.42
CA ASN B 239 10.90 30.99 39.72
C ASN B 239 9.87 31.61 40.66
N GLU B 240 10.20 31.68 41.95
CA GLU B 240 9.24 32.16 42.94
C GLU B 240 8.76 33.57 42.63
N ALA B 241 9.60 34.39 42.02
CA ALA B 241 9.20 35.77 41.73
C ALA B 241 8.04 35.80 40.75
N LEU B 242 8.18 35.10 39.62
CA LEU B 242 7.10 35.07 38.64
C LEU B 242 5.83 34.47 39.24
N ASN B 243 5.96 33.35 39.96
CA ASN B 243 4.80 32.74 40.58
C ASN B 243 4.09 33.71 41.51
N ALA B 244 4.85 34.43 42.32
CA ALA B 244 4.24 35.36 43.27
C ALA B 244 3.56 36.52 42.55
N ARG B 245 4.27 37.15 41.60
CA ARG B 245 3.70 38.30 40.92
C ARG B 245 2.55 37.94 40.00
N VAL B 246 2.40 36.67 39.64
CA VAL B 246 1.18 36.27 38.94
C VAL B 246 0.08 35.95 39.94
N ALA B 247 0.37 35.14 40.95
CA ALA B 247 -0.62 34.70 41.92
C ALA B 247 -1.21 35.88 42.66
N ALA B 248 -0.41 36.53 43.51
CA ALA B 248 -0.93 37.58 44.38
C ALA B 248 -1.58 38.72 43.61
N LEU B 249 -1.38 38.79 42.30
CA LEU B 249 -1.96 39.85 41.50
C LEU B 249 -3.22 39.42 40.74
N ALA B 250 -3.32 38.15 40.34
CA ALA B 250 -4.39 37.75 39.44
C ALA B 250 -5.23 36.59 39.93
N GLU B 251 -4.66 35.68 40.74
CA GLU B 251 -5.33 34.41 41.02
C GLU B 251 -6.67 34.61 41.70
N ALA B 252 -6.78 35.62 42.57
CA ALA B 252 -8.06 35.90 43.20
C ALA B 252 -9.09 36.31 42.16
N ARG B 253 -8.70 37.18 41.23
CA ARG B 253 -9.61 37.59 40.16
C ARG B 253 -10.00 36.41 39.30
N LEU B 254 -9.06 35.50 39.01
CA LEU B 254 -9.42 34.33 38.22
C LEU B 254 -10.36 33.42 39.00
N SER B 255 -10.20 33.34 40.32
CA SER B 255 -11.15 32.57 41.13
C SER B 255 -12.55 33.16 41.04
N ASP B 256 -12.65 34.48 41.17
CA ASP B 256 -13.96 35.11 41.02
C ASP B 256 -14.52 34.92 39.61
N ALA B 257 -13.64 34.88 38.60
CA ALA B 257 -14.12 34.66 37.24
C ALA B 257 -14.66 33.25 37.06
N TYR B 258 -13.93 32.25 37.55
CA TYR B 258 -14.43 30.89 37.48
C TYR B 258 -15.58 30.64 38.43
N ARG B 259 -15.87 31.58 39.33
CA ARG B 259 -17.11 31.51 40.10
C ARG B 259 -18.32 31.77 39.19
N ILE B 260 -18.14 32.53 38.11
CA ILE B 260 -19.24 32.84 37.22
C ILE B 260 -19.78 31.56 36.59
N THR B 261 -21.11 31.43 36.58
CA THR B 261 -21.73 30.21 36.09
C THR B 261 -21.70 30.12 34.57
N ASP B 262 -21.89 31.24 33.88
CA ASP B 262 -21.95 31.22 32.44
C ASP B 262 -20.58 30.93 31.82
N LYS B 263 -20.60 30.28 30.66
CA LYS B 263 -19.36 29.98 29.96
C LYS B 263 -18.74 31.21 29.31
N GLN B 264 -19.56 32.01 28.61
CA GLN B 264 -19.00 33.07 27.79
C GLN B 264 -18.56 34.27 28.61
N GLU B 265 -19.34 34.68 29.60
CA GLU B 265 -18.89 35.74 30.49
C GLU B 265 -17.58 35.34 31.16
N ARG B 266 -17.50 34.12 31.67
CA ARG B 266 -16.26 33.66 32.29
C ARG B 266 -15.11 33.66 31.30
N TYR B 267 -15.37 33.24 30.06
CA TYR B 267 -14.35 33.33 29.01
C TYR B 267 -13.80 34.74 28.92
N ALA B 268 -14.69 35.71 28.70
CA ALA B 268 -14.26 37.09 28.56
C ALA B 268 -13.51 37.57 29.80
N GLN B 269 -13.97 37.20 30.99
CA GLN B 269 -13.32 37.65 32.21
C GLN B 269 -11.90 37.11 32.31
N VAL B 270 -11.72 35.80 32.09
CA VAL B 270 -10.37 35.25 32.21
C VAL B 270 -9.48 35.83 31.12
N ASP B 271 -10.05 36.13 29.94
CA ASP B 271 -9.25 36.80 28.92
C ASP B 271 -8.74 38.14 29.40
N VAL B 272 -9.65 38.99 29.91
CA VAL B 272 -9.21 40.32 30.33
C VAL B 272 -8.26 40.21 31.51
N ILE B 273 -8.45 39.23 32.39
CA ILE B 273 -7.59 39.08 33.55
C ILE B 273 -6.18 38.70 33.11
N LYS B 274 -6.06 37.69 32.24
CA LYS B 274 -4.74 37.28 31.81
C LYS B 274 -4.06 38.39 31.03
N SER B 275 -4.82 39.11 30.19
CA SER B 275 -4.21 40.21 29.44
C SER B 275 -3.71 41.30 30.37
N GLU B 276 -4.49 41.63 31.41
CA GLU B 276 -4.06 42.66 32.36
C GLU B 276 -2.81 42.23 33.11
N THR B 277 -2.77 40.97 33.56
CA THR B 277 -1.60 40.50 34.30
C THR B 277 -0.36 40.48 33.41
N ILE B 278 -0.50 39.98 32.17
CA ILE B 278 0.61 40.02 31.23
C ILE B 278 1.07 41.46 31.02
N ALA B 279 0.12 42.37 30.81
CA ALA B 279 0.47 43.76 30.52
C ALA B 279 1.26 44.38 31.66
N THR B 280 0.77 44.22 32.89
CA THR B 280 1.46 44.84 34.02
C THR B 280 2.82 44.19 34.27
N LEU B 281 2.91 42.88 34.05
CA LEU B 281 4.19 42.21 34.32
C LEU B 281 5.24 42.55 33.27
N LEU B 282 4.83 42.74 32.01
CA LEU B 282 5.78 43.21 31.01
C LEU B 282 6.13 44.67 31.23
N ALA B 283 5.16 45.48 31.68
CA ALA B 283 5.48 46.85 32.06
C ALA B 283 6.50 46.89 33.20
N GLU B 284 6.46 45.90 34.09
CA GLU B 284 7.48 45.79 35.11
C GLU B 284 8.82 45.38 34.50
N ASP B 285 8.80 44.40 33.59
CA ASP B 285 10.02 43.99 32.90
C ASP B 285 9.63 43.33 31.59
N GLU B 286 10.22 43.79 30.49
CA GLU B 286 9.91 43.22 29.17
C GLU B 286 10.60 41.89 28.94
N THR B 287 11.81 41.71 29.47
CA THR B 287 12.53 40.47 29.22
C THR B 287 11.85 39.26 29.85
N LEU B 288 10.88 39.49 30.74
CA LEU B 288 10.10 38.40 31.29
C LEU B 288 9.45 37.59 30.17
N ASP B 289 9.50 36.27 30.31
CA ASP B 289 9.15 35.37 29.21
C ASP B 289 7.63 35.28 29.07
N GLU B 290 7.12 35.69 27.90
CA GLU B 290 5.69 35.58 27.63
C GLU B 290 5.24 34.13 27.64
N ASN B 291 6.03 33.24 27.04
CA ASN B 291 5.68 31.82 27.02
C ASN B 291 5.58 31.26 28.43
N GLU B 292 6.62 31.48 29.25
CA GLU B 292 6.58 31.01 30.62
C GLU B 292 5.49 31.73 31.41
N LEU B 293 5.22 32.99 31.09
CA LEU B 293 4.12 33.70 31.73
C LEU B 293 2.80 32.97 31.50
N GLY B 294 2.47 32.70 30.23
CA GLY B 294 1.25 31.98 29.93
C GLY B 294 1.21 30.59 30.53
N GLU B 295 2.37 29.93 30.59
CA GLU B 295 2.42 28.61 31.22
C GLU B 295 2.05 28.69 32.70
N ILE B 296 2.63 29.64 33.42
CA ILE B 296 2.27 29.83 34.82
C ILE B 296 0.79 30.18 34.94
N LEU B 297 0.27 31.01 34.03
CA LEU B 297 -1.15 31.34 34.07
C LEU B 297 -2.00 30.09 33.95
N HIS B 298 -1.65 29.21 33.02
CA HIS B 298 -2.40 27.97 32.83
C HIS B 298 -2.31 27.11 34.07
N ALA B 299 -1.13 27.04 34.69
CA ALA B 299 -1.00 26.32 35.96
C ALA B 299 -1.93 26.90 37.01
N ILE B 300 -2.01 28.23 37.10
CA ILE B 300 -2.88 28.86 38.08
C ILE B 300 -4.33 28.47 37.84
N GLU B 301 -4.81 28.61 36.61
CA GLU B 301 -6.22 28.34 36.36
C GLU B 301 -6.53 26.85 36.57
N LYS B 302 -5.59 25.97 36.24
CA LYS B 302 -5.77 24.56 36.55
C LYS B 302 -5.91 24.35 38.05
N ASN B 303 -5.05 25.01 38.84
CA ASN B 303 -5.16 24.90 40.29
C ASN B 303 -6.51 25.40 40.78
N VAL B 304 -7.01 26.48 40.18
CA VAL B 304 -8.27 27.05 40.63
C VAL B 304 -9.41 26.08 40.37
N VAL B 305 -9.48 25.53 39.17
CA VAL B 305 -10.59 24.63 38.85
C VAL B 305 -10.50 23.35 39.67
N ARG B 306 -9.28 22.87 39.91
CA ARG B 306 -9.14 21.67 40.74
C ARG B 306 -9.60 21.94 42.17
N SER B 307 -9.21 23.07 42.73
CA SER B 307 -9.68 23.42 44.06
C SER B 307 -11.19 23.60 44.09
N ARG B 308 -11.76 24.10 42.99
CA ARG B 308 -13.20 24.28 42.93
C ARG B 308 -13.93 22.96 42.98
N VAL B 309 -13.54 22.02 42.11
CA VAL B 309 -14.23 20.74 42.07
C VAL B 309 -13.97 19.94 43.35
N LEU B 310 -12.78 20.10 43.92
CA LEU B 310 -12.46 19.41 45.17
C LEU B 310 -13.37 19.87 46.29
N ALA B 311 -13.63 21.17 46.37
CA ALA B 311 -14.50 21.69 47.41
C ALA B 311 -15.93 21.18 47.25
N GLY B 312 -16.31 20.83 46.03
CA GLY B 312 -17.68 20.45 45.73
C GLY B 312 -18.50 21.51 45.06
N GLU B 313 -17.88 22.62 44.67
CA GLU B 313 -18.58 23.66 43.93
C GLU B 313 -18.94 23.13 42.55
N PRO B 314 -19.93 23.73 41.89
CA PRO B 314 -20.31 23.24 40.56
C PRO B 314 -19.15 23.35 39.57
N ARG B 315 -19.08 22.36 38.69
CA ARG B 315 -18.01 22.28 37.71
C ARG B 315 -18.20 23.35 36.63
N ILE B 316 -17.22 23.44 35.73
CA ILE B 316 -17.21 24.49 34.72
C ILE B 316 -18.49 24.43 33.88
N ASP B 317 -18.97 23.22 33.62
CA ASP B 317 -20.22 23.08 32.88
C ASP B 317 -21.40 23.61 33.69
N GLY B 318 -21.31 23.50 35.01
CA GLY B 318 -22.44 23.77 35.88
C GLY B 318 -23.20 22.54 36.33
N ARG B 319 -22.85 21.37 35.81
CA ARG B 319 -23.43 20.13 36.28
C ARG B 319 -22.87 19.73 37.63
N GLU B 320 -23.68 19.02 38.41
CA GLU B 320 -23.15 18.31 39.56
C GLU B 320 -22.36 17.11 39.08
N LYS B 321 -21.51 16.57 39.96
CA LYS B 321 -20.58 15.54 39.54
C LYS B 321 -21.30 14.32 38.98
N ASP B 322 -22.48 13.99 39.51
CA ASP B 322 -23.15 12.77 39.10
C ASP B 322 -23.87 12.92 37.76
N MET B 323 -24.54 14.06 37.53
CA MET B 323 -25.45 14.16 36.41
C MET B 323 -24.71 14.17 35.08
N ILE B 324 -25.26 13.43 34.11
CA ILE B 324 -24.70 13.39 32.77
C ILE B 324 -25.16 14.61 31.99
N ARG B 325 -24.40 14.96 30.95
CA ARG B 325 -24.81 16.00 30.02
C ARG B 325 -26.15 15.63 29.38
N GLY B 326 -26.74 16.59 28.67
CA GLY B 326 -27.98 16.33 27.96
C GLY B 326 -27.80 15.26 26.90
N LEU B 327 -28.93 14.82 26.36
CA LEU B 327 -28.91 13.78 25.33
C LEU B 327 -29.97 14.06 24.28
N ASP B 328 -29.75 13.52 23.10
CA ASP B 328 -30.74 13.50 22.03
C ASP B 328 -30.39 12.36 21.10
N VAL B 329 -31.40 11.63 20.66
CA VAL B 329 -31.20 10.40 19.90
C VAL B 329 -32.10 10.38 18.68
N ARG B 330 -31.49 10.24 17.52
CA ARG B 330 -32.21 10.06 16.28
C ARG B 330 -31.74 8.79 15.59
N THR B 331 -32.66 8.10 14.95
CA THR B 331 -32.35 6.89 14.23
C THR B 331 -32.86 7.01 12.80
N GLY B 332 -32.18 6.33 11.89
CA GLY B 332 -32.53 6.41 10.49
C GLY B 332 -32.47 7.83 9.96
N VAL B 333 -31.33 8.50 10.17
CA VAL B 333 -31.19 9.87 9.70
C VAL B 333 -30.69 9.91 8.27
N LEU B 334 -30.04 8.91 7.82
CA LEU B 334 -29.65 8.94 6.42
C LEU B 334 -30.64 8.14 5.60
N PRO B 335 -30.83 8.48 4.33
CA PRO B 335 -31.88 7.83 3.55
C PRO B 335 -31.58 6.40 3.13
N ARG B 336 -30.41 6.15 2.55
CA ARG B 336 -30.17 4.91 1.85
C ARG B 336 -29.17 3.98 2.53
N THR B 337 -28.61 4.35 3.68
CA THR B 337 -27.77 3.41 4.37
C THR B 337 -28.60 2.32 5.01
N HIS B 338 -27.97 1.17 5.27
CA HIS B 338 -28.70 0.05 5.84
C HIS B 338 -29.23 0.35 7.23
N GLY B 339 -28.63 1.29 7.92
CA GLY B 339 -29.08 1.68 9.23
C GLY B 339 -28.19 2.78 9.76
N SER B 340 -28.75 3.72 10.50
CA SER B 340 -27.93 4.85 10.93
C SER B 340 -28.54 5.45 12.18
N ALA B 341 -27.73 6.24 12.88
CA ALA B 341 -28.18 6.92 14.07
C ALA B 341 -27.29 8.12 14.31
N LEU B 342 -27.80 9.07 15.05
CA LEU B 342 -27.08 10.32 15.36
C LEU B 342 -27.16 10.52 16.87
N PHE B 343 -26.22 9.95 17.60
CA PHE B 343 -26.24 10.01 19.05
C PHE B 343 -25.53 11.27 19.49
N THR B 344 -26.30 12.27 19.91
CA THR B 344 -25.74 13.55 20.32
C THR B 344 -25.93 13.75 21.81
N ARG B 345 -24.83 13.85 22.54
CA ARG B 345 -24.84 14.07 23.97
C ARG B 345 -24.09 15.36 24.27
N GLY B 346 -24.73 16.25 25.01
CA GLY B 346 -24.12 17.53 25.35
C GLY B 346 -23.67 18.28 24.13
N GLU B 347 -22.36 18.27 23.89
CA GLU B 347 -21.81 18.79 22.65
C GLU B 347 -20.85 17.80 22.01
N THR B 348 -20.98 16.52 22.31
CA THR B 348 -20.23 15.47 21.65
C THR B 348 -21.21 14.54 20.98
N GLN B 349 -21.02 14.30 19.68
CA GLN B 349 -22.00 13.54 18.94
C GLN B 349 -21.33 12.74 17.84
N ALA B 350 -22.06 11.78 17.31
CA ALA B 350 -21.49 10.83 16.36
C ALA B 350 -22.57 10.33 15.44
N LEU B 351 -22.22 10.18 14.17
CA LEU B 351 -23.13 9.73 13.12
C LEU B 351 -22.69 8.32 12.73
N VAL B 352 -23.34 7.32 13.29
CA VAL B 352 -22.97 5.93 13.08
C VAL B 352 -23.83 5.33 12.00
N THR B 353 -23.25 4.43 11.20
CA THR B 353 -23.97 3.84 10.06
C THR B 353 -23.52 2.39 9.89
N ALA B 354 -24.40 1.44 10.17
CA ALA B 354 -24.07 0.03 9.99
C ALA B 354 -24.53 -0.46 8.63
N THR B 355 -23.65 -1.17 7.93
CA THR B 355 -23.91 -1.60 6.55
C THR B 355 -23.64 -3.09 6.42
N LEU B 356 -24.69 -3.89 6.23
CA LEU B 356 -24.54 -5.32 6.09
C LEU B 356 -23.97 -5.68 4.73
N GLY B 357 -23.05 -6.64 4.70
CA GLY B 357 -22.56 -7.18 3.45
C GLY B 357 -22.45 -8.69 3.53
N THR B 358 -22.40 -9.31 2.36
CA THR B 358 -22.38 -10.76 2.31
C THR B 358 -21.01 -11.28 2.72
N ALA B 359 -20.89 -12.60 2.89
CA ALA B 359 -19.73 -13.19 3.52
C ALA B 359 -18.46 -13.09 2.70
N ARG B 360 -18.52 -12.52 1.50
CA ARG B 360 -17.32 -12.38 0.69
C ARG B 360 -16.50 -11.16 1.07
N ASP B 361 -17.08 -10.24 1.84
CA ASP B 361 -16.41 -8.99 2.16
C ASP B 361 -15.63 -9.05 3.46
N ALA B 362 -15.82 -10.08 4.27
CA ALA B 362 -15.15 -10.17 5.57
C ALA B 362 -13.65 -10.00 5.42
N GLN B 363 -13.10 -9.10 6.22
CA GLN B 363 -11.68 -8.79 6.13
C GLN B 363 -10.87 -9.98 6.60
N VAL B 364 -9.95 -10.43 5.76
CA VAL B 364 -9.10 -11.57 6.05
C VAL B 364 -7.70 -11.02 6.30
N LEU B 365 -7.33 -10.91 7.57
CA LEU B 365 -6.04 -10.38 7.97
C LEU B 365 -5.13 -11.50 8.41
N ASP B 366 -3.86 -11.40 8.04
CA ASP B 366 -2.85 -12.38 8.41
C ASP B 366 -2.03 -11.84 9.57
N GLU B 367 -2.14 -12.48 10.72
CA GLU B 367 -1.36 -12.13 11.89
C GLU B 367 -0.34 -13.23 12.17
N LEU B 368 0.60 -12.93 13.06
CA LEU B 368 1.61 -13.92 13.41
C LEU B 368 0.96 -15.16 14.03
N MET B 369 0.01 -14.95 14.93
CA MET B 369 -0.63 -16.08 15.60
C MET B 369 -1.27 -17.03 14.61
N GLY B 370 -1.82 -16.51 13.53
CA GLY B 370 -2.44 -17.34 12.51
C GLY B 370 -3.48 -16.55 11.75
N GLU B 371 -3.62 -16.89 10.48
CA GLU B 371 -4.58 -16.22 9.61
C GLU B 371 -5.98 -16.29 10.21
N ARG B 372 -6.58 -15.13 10.44
CA ARG B 372 -7.88 -15.05 11.07
C ARG B 372 -8.82 -14.23 10.20
N THR B 373 -10.03 -14.71 10.02
CA THR B 373 -11.05 -14.04 9.23
C THR B 373 -11.94 -13.23 10.15
N ASP B 374 -12.12 -11.95 9.84
CA ASP B 374 -12.85 -11.02 10.69
C ASP B 374 -14.14 -10.62 9.99
N THR B 375 -15.27 -10.88 10.65
CA THR B 375 -16.58 -10.59 10.09
C THR B 375 -17.34 -9.60 10.95
N PHE B 376 -16.61 -8.63 11.50
CA PHE B 376 -17.25 -7.48 12.14
C PHE B 376 -16.21 -6.37 12.17
N LEU B 377 -16.44 -5.33 11.38
CA LEU B 377 -15.48 -4.26 11.20
C LEU B 377 -16.03 -3.00 11.83
N PHE B 378 -15.25 -2.38 12.71
CA PHE B 378 -15.60 -1.10 13.28
C PHE B 378 -14.56 -0.09 12.85
N HIS B 379 -15.01 1.06 12.40
CA HIS B 379 -14.10 2.08 11.93
C HIS B 379 -14.49 3.41 12.53
N TYR B 380 -13.51 4.16 12.98
CA TYR B 380 -13.75 5.37 13.74
C TYR B 380 -13.05 6.52 13.02
N ASN B 381 -13.81 7.54 12.66
CA ASN B 381 -13.30 8.65 11.87
C ASN B 381 -13.37 9.92 12.70
N PHE B 382 -12.24 10.58 12.89
CA PHE B 382 -12.19 11.82 13.66
C PHE B 382 -11.75 12.93 12.73
N PRO B 383 -12.66 13.51 11.96
CA PRO B 383 -12.25 14.53 11.01
C PRO B 383 -11.97 15.83 11.74
N PRO B 384 -11.12 16.68 11.15
CA PRO B 384 -10.67 17.87 11.91
C PRO B 384 -11.76 18.85 12.23
N TYR B 385 -12.74 19.02 11.34
CA TYR B 385 -13.78 20.01 11.62
C TYR B 385 -14.58 19.67 12.86
N SER B 386 -14.45 18.45 13.38
CA SER B 386 -15.18 18.09 14.58
C SER B 386 -14.78 18.95 15.75
N VAL B 387 -13.48 19.07 16.02
CA VAL B 387 -13.07 19.84 17.19
C VAL B 387 -13.11 21.33 16.91
N GLY B 388 -13.22 21.73 15.66
CA GLY B 388 -13.38 23.12 15.31
C GLY B 388 -12.16 23.77 14.68
N GLU B 389 -11.18 22.99 14.25
CA GLU B 389 -9.97 23.53 13.65
C GLU B 389 -9.74 22.85 12.31
N THR B 390 -9.13 23.59 11.40
CA THR B 390 -8.76 23.01 10.12
C THR B 390 -7.59 22.05 10.30
N GLY B 391 -7.45 21.14 9.34
CA GLY B 391 -6.42 20.14 9.45
C GLY B 391 -6.27 19.40 8.15
N MET B 392 -5.40 18.41 8.16
CA MET B 392 -5.06 17.65 6.97
C MET B 392 -5.73 16.28 7.03
N VAL B 393 -6.86 16.16 6.34
CA VAL B 393 -7.50 14.86 6.20
C VAL B 393 -6.53 13.90 5.51
N GLY B 394 -6.55 12.65 5.93
CA GLY B 394 -5.61 11.68 5.43
C GLY B 394 -5.81 10.33 6.09
N SER B 395 -4.75 9.54 6.06
CA SER B 395 -4.80 8.21 6.66
C SER B 395 -5.12 8.34 8.14
N PRO B 396 -5.81 7.36 8.72
CA PRO B 396 -6.21 7.47 10.12
C PRO B 396 -5.01 7.46 11.05
N LYS B 397 -5.01 8.39 11.99
CA LYS B 397 -3.92 8.54 12.94
C LYS B 397 -4.00 7.43 13.98
N ARG B 398 -3.08 7.47 14.95
CA ARG B 398 -2.99 6.39 15.93
C ARG B 398 -4.19 6.38 16.87
N ARG B 399 -4.59 7.57 17.36
CA ARG B 399 -5.66 7.60 18.36
C ARG B 399 -6.97 7.04 17.80
N GLU B 400 -7.23 7.26 16.51
CA GLU B 400 -8.40 6.65 15.90
C GLU B 400 -8.30 5.14 15.91
N ILE B 401 -7.30 4.58 15.22
CA ILE B 401 -7.06 3.15 15.24
C ILE B 401 -7.10 2.55 16.64
N GLY B 402 -6.91 3.37 17.68
CA GLY B 402 -7.11 2.88 19.02
C GLY B 402 -8.56 2.91 19.49
N HIS B 403 -9.23 4.03 19.25
CA HIS B 403 -10.61 4.14 19.72
C HIS B 403 -11.57 3.29 18.92
N GLY B 404 -11.27 3.07 17.65
CA GLY B 404 -12.03 2.09 16.88
C GLY B 404 -12.01 0.73 17.55
N ARG B 405 -10.83 0.26 17.92
CA ARG B 405 -10.74 -1.01 18.62
C ARG B 405 -11.44 -0.95 19.96
N LEU B 406 -11.38 0.18 20.66
CA LEU B 406 -12.08 0.28 21.94
C LEU B 406 -13.59 0.10 21.75
N ALA B 407 -14.17 0.85 20.82
CA ALA B 407 -15.60 0.73 20.58
C ALA B 407 -15.96 -0.67 20.12
N LYS B 408 -15.13 -1.28 19.27
CA LYS B 408 -15.44 -2.63 18.84
C LYS B 408 -15.36 -3.61 19.98
N ARG B 409 -14.43 -3.40 20.91
CA ARG B 409 -14.38 -4.23 22.10
C ARG B 409 -15.61 -4.01 22.95
N GLY B 410 -16.19 -2.81 22.91
CA GLY B 410 -17.39 -2.56 23.67
C GLY B 410 -18.62 -3.19 23.08
N VAL B 411 -18.68 -3.30 21.76
CA VAL B 411 -19.88 -3.84 21.12
C VAL B 411 -19.80 -5.35 20.90
N LEU B 412 -18.61 -5.90 20.71
CA LEU B 412 -18.47 -7.30 20.33
C LEU B 412 -19.09 -8.24 21.35
N ALA B 413 -19.31 -7.78 22.57
CA ALA B 413 -19.89 -8.65 23.59
C ALA B 413 -21.30 -9.08 23.22
N VAL B 414 -22.04 -8.25 22.50
CA VAL B 414 -23.47 -8.44 22.34
C VAL B 414 -23.87 -8.83 20.93
N MET B 415 -22.95 -8.88 19.98
CA MET B 415 -23.33 -9.19 18.63
C MET B 415 -23.68 -10.67 18.49
N PRO B 416 -24.49 -11.03 17.51
CA PRO B 416 -25.01 -12.39 17.45
C PRO B 416 -23.96 -13.38 16.98
N ASP B 417 -24.27 -14.66 17.21
CA ASP B 417 -23.43 -15.75 16.75
C ASP B 417 -23.74 -16.06 15.30
N MET B 418 -22.71 -16.48 14.56
CA MET B 418 -22.80 -16.54 13.11
C MET B 418 -23.90 -17.48 12.61
N ASP B 419 -24.29 -18.48 13.39
CA ASP B 419 -25.34 -19.38 12.92
C ASP B 419 -26.67 -18.69 12.86
N LYS B 420 -26.91 -17.72 13.74
CA LYS B 420 -28.19 -17.03 13.82
C LYS B 420 -28.30 -15.88 12.83
N PHE B 421 -27.18 -15.40 12.30
CA PHE B 421 -27.21 -14.20 11.47
C PHE B 421 -25.98 -14.14 10.58
N PRO B 422 -26.07 -14.60 9.34
CA PRO B 422 -24.87 -14.72 8.51
C PRO B 422 -24.63 -13.51 7.63
N TYR B 423 -23.86 -12.54 8.10
CA TYR B 423 -23.57 -11.36 7.32
C TYR B 423 -22.16 -10.90 7.64
N THR B 424 -21.89 -9.62 7.44
CA THR B 424 -20.57 -9.05 7.67
C THR B 424 -20.75 -7.59 8.07
N VAL B 425 -21.36 -7.36 9.23
CA VAL B 425 -21.65 -6.00 9.63
C VAL B 425 -20.37 -5.19 9.70
N ARG B 426 -20.38 -4.04 9.05
CA ARG B 426 -19.30 -3.07 9.17
C ARG B 426 -19.89 -1.77 9.65
N VAL B 427 -19.35 -1.23 10.74
CA VAL B 427 -19.90 -0.07 11.39
C VAL B 427 -18.90 1.07 11.28
N VAL B 428 -19.34 2.18 10.73
CA VAL B 428 -18.53 3.38 10.63
C VAL B 428 -19.18 4.45 11.46
N SER B 429 -18.41 5.12 12.31
CA SER B 429 -18.90 6.23 13.09
C SER B 429 -18.00 7.43 12.87
N GLU B 430 -18.58 8.53 12.39
CA GLU B 430 -17.82 9.75 12.14
C GLU B 430 -18.20 10.78 13.18
N ILE B 431 -17.23 11.16 14.01
CA ILE B 431 -17.50 12.20 14.98
C ILE B 431 -17.67 13.53 14.26
N THR B 432 -18.75 14.23 14.58
CA THR B 432 -19.00 15.52 13.96
C THR B 432 -18.76 16.69 14.89
N GLU B 433 -18.76 16.48 16.20
CA GLU B 433 -18.26 17.47 17.13
C GLU B 433 -17.90 16.73 18.41
N SER B 434 -16.67 16.89 18.88
CA SER B 434 -16.18 16.11 20.00
C SER B 434 -15.70 17.04 21.10
N ASN B 435 -16.19 16.83 22.30
CA ASN B 435 -15.75 17.55 23.48
C ASN B 435 -15.70 16.54 24.61
N GLY B 436 -14.81 15.57 24.49
CA GLY B 436 -14.63 14.56 25.51
C GLY B 436 -15.54 13.36 25.31
N SER B 437 -14.99 12.19 25.63
CA SER B 437 -15.75 10.95 25.58
C SER B 437 -16.36 10.71 24.20
N SER B 438 -15.54 10.90 23.16
CA SER B 438 -16.04 10.68 21.82
C SER B 438 -16.27 9.19 21.55
N SER B 439 -15.35 8.35 22.01
CA SER B 439 -15.46 6.92 21.69
C SER B 439 -16.69 6.29 22.32
N MET B 440 -17.07 6.73 23.50
CA MET B 440 -18.26 6.15 24.12
C MET B 440 -19.53 6.63 23.43
N ALA B 441 -19.54 7.87 22.94
CA ALA B 441 -20.62 8.28 22.07
C ALA B 441 -20.67 7.39 20.84
N SER B 442 -19.51 7.01 20.33
CA SER B 442 -19.48 6.10 19.19
C SER B 442 -20.06 4.74 19.54
N VAL B 443 -19.79 4.25 20.75
CA VAL B 443 -20.35 2.96 21.15
C VAL B 443 -21.87 3.04 21.24
N CYS B 444 -22.38 4.12 21.85
CA CYS B 444 -23.83 4.29 21.92
C CYS B 444 -24.44 4.32 20.53
N GLY B 445 -23.91 5.17 19.66
CA GLY B 445 -24.43 5.25 18.32
C GLY B 445 -24.31 3.96 17.55
N ALA B 446 -23.29 3.16 17.85
CA ALA B 446 -23.16 1.88 17.17
C ALA B 446 -24.24 0.92 17.63
N SER B 447 -24.51 0.87 18.92
CA SER B 447 -25.61 0.01 19.38
C SER B 447 -26.91 0.44 18.74
N LEU B 448 -27.12 1.74 18.63
CA LEU B 448 -28.34 2.24 18.01
C LEU B 448 -28.43 1.84 16.54
N ALA B 449 -27.37 2.10 15.79
CA ALA B 449 -27.38 1.79 14.36
C ALA B 449 -27.59 0.31 14.12
N LEU B 450 -26.87 -0.53 14.85
CA LEU B 450 -27.07 -1.97 14.74
C LEU B 450 -28.52 -2.32 14.98
N MET B 451 -29.11 -1.77 16.05
CA MET B 451 -30.51 -2.06 16.33
C MET B 451 -31.41 -1.58 15.19
N ASP B 452 -31.00 -0.53 14.48
CA ASP B 452 -31.82 -0.01 13.39
C ASP B 452 -31.74 -0.93 12.17
N ALA B 453 -30.53 -1.21 11.72
CA ALA B 453 -30.37 -1.98 10.48
C ALA B 453 -31.06 -3.33 10.54
N GLY B 454 -31.30 -3.85 11.73
CA GLY B 454 -32.05 -5.07 11.89
C GLY B 454 -31.27 -6.27 12.37
N VAL B 455 -30.00 -6.11 12.68
CA VAL B 455 -29.27 -7.24 13.26
C VAL B 455 -29.90 -7.58 14.61
N PRO B 456 -29.95 -8.83 15.00
CA PRO B 456 -30.52 -9.14 16.32
C PRO B 456 -29.45 -9.22 17.40
N ILE B 457 -28.94 -8.06 17.82
CA ILE B 457 -28.03 -8.06 18.95
C ILE B 457 -28.79 -8.44 20.22
N LYS B 458 -28.04 -8.92 21.21
CA LYS B 458 -28.68 -9.48 22.38
C LYS B 458 -29.28 -8.42 23.29
N ALA B 459 -28.65 -7.25 23.39
CA ALA B 459 -29.17 -6.17 24.20
C ALA B 459 -28.43 -4.90 23.86
N ALA B 460 -29.11 -3.76 23.98
CA ALA B 460 -28.47 -2.48 23.75
C ALA B 460 -27.30 -2.30 24.70
N VAL B 461 -26.39 -1.40 24.33
CA VAL B 461 -25.15 -1.23 25.09
C VAL B 461 -24.73 0.23 24.98
N ALA B 462 -24.21 0.78 26.07
CA ALA B 462 -23.89 2.20 26.13
C ALA B 462 -22.58 2.40 26.89
N GLY B 463 -22.00 3.57 26.74
CA GLY B 463 -20.72 3.87 27.35
C GLY B 463 -20.69 5.25 27.97
N ILE B 464 -19.95 5.36 29.07
CA ILE B 464 -19.79 6.61 29.79
C ILE B 464 -18.33 6.73 30.19
N ALA B 465 -17.81 7.95 30.21
CA ALA B 465 -16.41 8.18 30.53
C ALA B 465 -16.30 8.86 31.88
N MET B 466 -15.85 8.12 32.88
CA MET B 466 -15.70 8.65 34.23
C MET B 466 -14.45 9.49 34.34
N GLY B 467 -14.42 10.33 35.35
CA GLY B 467 -13.22 11.08 35.69
C GLY B 467 -13.07 11.17 37.19
N LEU B 468 -11.82 11.17 37.65
CA LEU B 468 -11.54 11.18 39.08
C LEU B 468 -10.57 12.30 39.42
N VAL B 469 -10.89 13.05 40.47
CA VAL B 469 -9.98 14.04 41.05
C VAL B 469 -9.74 13.65 42.49
N LYS B 470 -8.46 13.61 42.89
CA LYS B 470 -8.09 13.15 44.21
C LYS B 470 -6.96 14.00 44.75
N GLU B 471 -7.04 14.32 46.04
CA GLU B 471 -5.99 15.07 46.73
C GLU B 471 -5.88 14.55 48.16
N GLY B 472 -4.71 14.06 48.52
CA GLY B 472 -4.51 13.51 49.85
C GLY B 472 -5.46 12.36 50.10
N ASP B 473 -6.35 12.54 51.06
CA ASP B 473 -7.41 11.57 51.32
C ASP B 473 -8.73 11.99 50.69
N ASN B 474 -8.87 13.23 50.26
CA ASN B 474 -10.10 13.72 49.66
C ASN B 474 -10.09 13.41 48.17
N TYR B 475 -11.14 12.74 47.70
CA TYR B 475 -11.28 12.40 46.30
C TYR B 475 -12.72 12.66 45.88
N VAL B 476 -12.89 13.14 44.66
CA VAL B 476 -14.20 13.30 44.05
C VAL B 476 -14.16 12.67 42.67
N VAL B 477 -15.22 11.98 42.30
CA VAL B 477 -15.30 11.26 41.04
C VAL B 477 -16.37 11.90 40.17
N LEU B 478 -16.01 12.21 38.93
CA LEU B 478 -16.86 12.92 38.00
C LEU B 478 -17.56 11.94 37.07
N SER B 479 -18.50 12.46 36.28
CA SER B 479 -19.21 11.66 35.29
C SER B 479 -19.32 12.45 33.99
N ASP B 480 -19.20 11.73 32.87
CA ASP B 480 -19.24 12.34 31.54
C ASP B 480 -18.28 13.51 31.47
N ILE B 481 -17.04 13.26 31.87
CA ILE B 481 -16.04 14.32 32.00
C ILE B 481 -15.86 15.04 30.68
N LEU B 482 -15.83 16.37 30.74
CA LEU B 482 -15.59 17.18 29.55
C LEU B 482 -14.15 17.03 29.07
N GLY B 483 -13.90 17.56 27.88
CA GLY B 483 -12.55 17.52 27.35
C GLY B 483 -11.58 18.35 28.18
N ASP B 484 -12.00 19.54 28.59
CA ASP B 484 -11.12 20.40 29.37
C ASP B 484 -10.85 19.82 30.75
N GLU B 485 -11.87 19.23 31.37
CA GLU B 485 -11.70 18.66 32.70
C GLU B 485 -10.68 17.53 32.69
N ASP B 486 -10.56 16.82 31.57
CA ASP B 486 -9.77 15.59 31.56
C ASP B 486 -8.30 15.86 31.84
N HIS B 487 -7.73 16.90 31.20
CA HIS B 487 -6.33 17.22 31.47
C HIS B 487 -6.14 17.59 32.93
N LEU B 488 -7.08 18.36 33.47
CA LEU B 488 -7.00 18.80 34.85
C LEU B 488 -7.32 17.65 35.81
N GLY B 489 -8.26 16.79 35.44
CA GLY B 489 -8.53 15.61 36.22
C GLY B 489 -7.38 14.61 36.12
N ASP B 490 -7.24 13.79 37.15
CA ASP B 490 -6.11 12.87 37.22
C ASP B 490 -6.32 11.65 36.34
N MET B 491 -7.29 10.80 36.67
CA MET B 491 -7.46 9.51 36.02
C MET B 491 -8.72 9.49 35.17
N ASP B 492 -8.79 8.52 34.26
CA ASP B 492 -9.90 8.41 33.33
C ASP B 492 -10.33 6.97 33.19
N PHE B 493 -11.63 6.72 33.34
CA PHE B 493 -12.22 5.43 33.03
C PHE B 493 -13.00 5.55 31.73
N LYS B 494 -13.34 4.40 31.17
CA LYS B 494 -14.27 4.36 30.05
C LYS B 494 -15.03 3.03 30.19
N VAL B 495 -16.09 3.04 30.94
CA VAL B 495 -16.90 1.85 31.13
C VAL B 495 -17.95 1.83 30.04
N ALA B 496 -18.18 0.65 29.45
CA ALA B 496 -19.11 0.59 28.31
C ALA B 496 -19.73 -0.81 28.30
N GLY B 497 -20.93 -0.92 28.86
CA GLY B 497 -21.59 -2.22 28.93
C GLY B 497 -23.10 -2.07 28.88
N SER B 498 -23.75 -3.20 28.64
CA SER B 498 -25.19 -3.26 28.76
C SER B 498 -25.59 -3.10 30.22
N ARG B 499 -26.90 -3.11 30.46
CA ARG B 499 -27.40 -3.02 31.83
C ARG B 499 -26.92 -4.19 32.68
N ASP B 500 -26.81 -5.37 32.08
CA ASP B 500 -26.42 -6.55 32.85
C ASP B 500 -24.97 -6.50 33.28
N GLY B 501 -24.05 -6.24 32.35
CA GLY B 501 -22.64 -6.38 32.65
C GLY B 501 -21.79 -5.43 31.84
N ILE B 502 -20.54 -5.28 32.28
CA ILE B 502 -19.57 -4.41 31.63
C ILE B 502 -19.09 -5.11 30.38
N SER B 503 -18.52 -4.36 29.43
CA SER B 503 -17.96 -4.98 28.25
C SER B 503 -16.55 -4.47 27.95
N ALA B 504 -16.27 -3.22 28.25
CA ALA B 504 -14.93 -2.65 28.10
C ALA B 504 -14.63 -1.78 29.31
N LEU B 505 -13.41 -1.88 29.83
CA LEU B 505 -13.04 -1.14 31.04
C LEU B 505 -11.76 -0.31 30.86
N GLN B 506 -11.49 0.21 29.68
CA GLN B 506 -10.22 0.90 29.49
C GLN B 506 -10.07 2.04 30.48
N MET B 507 -8.93 2.05 31.19
CA MET B 507 -8.68 3.05 32.22
C MET B 507 -7.22 3.44 32.15
N ASP B 508 -6.89 4.64 32.64
CA ASP B 508 -5.55 5.18 32.45
C ASP B 508 -5.19 6.11 33.61
N ILE B 509 -4.99 5.55 34.80
CA ILE B 509 -4.68 6.39 35.94
C ILE B 509 -3.30 7.01 35.77
N LYS B 510 -3.08 8.14 36.45
CA LYS B 510 -1.79 8.79 36.48
C LYS B 510 -1.25 8.94 37.89
N ILE B 511 -2.06 9.45 38.82
CA ILE B 511 -1.61 9.58 40.20
C ILE B 511 -1.37 8.20 40.78
N GLU B 512 -0.50 8.13 41.78
CA GLU B 512 -0.14 6.87 42.40
C GLU B 512 -0.84 6.73 43.74
N GLY B 513 -1.42 5.56 43.98
CA GLY B 513 -2.01 5.26 45.27
C GLY B 513 -3.51 5.38 45.33
N ILE B 514 -4.23 4.59 44.54
CA ILE B 514 -5.68 4.55 44.59
C ILE B 514 -6.09 3.18 45.10
N THR B 515 -6.70 3.14 46.29
CA THR B 515 -7.20 1.90 46.82
C THR B 515 -8.25 1.31 45.88
N LYS B 516 -8.34 -0.02 45.89
CA LYS B 516 -9.36 -0.69 45.10
C LYS B 516 -10.76 -0.26 45.49
N GLU B 517 -10.95 0.24 46.71
CA GLU B 517 -12.27 0.72 47.10
C GLU B 517 -12.68 1.94 46.29
N ILE B 518 -11.72 2.82 46.00
CA ILE B 518 -12.02 3.97 45.15
C ILE B 518 -12.49 3.52 43.78
N MET B 519 -11.78 2.59 43.16
CA MET B 519 -12.21 2.08 41.87
C MET B 519 -13.56 1.41 41.94
N GLN B 520 -13.86 0.74 43.06
CA GLN B 520 -15.18 0.14 43.22
C GLN B 520 -16.27 1.19 43.23
N VAL B 521 -16.07 2.26 44.00
CA VAL B 521 -17.04 3.35 44.03
C VAL B 521 -17.21 3.96 42.64
N ALA B 522 -16.10 4.15 41.93
CA ALA B 522 -16.16 4.77 40.62
C ALA B 522 -16.93 3.91 39.64
N LEU B 523 -16.66 2.60 39.64
CA LEU B 523 -17.41 1.71 38.75
C LEU B 523 -18.88 1.68 39.13
N ASN B 524 -19.20 1.82 40.41
CA ASN B 524 -20.61 1.87 40.81
C ASN B 524 -21.28 3.10 40.21
N GLN B 525 -20.64 4.26 40.33
CA GLN B 525 -21.19 5.47 39.74
C GLN B 525 -21.33 5.33 38.23
N ALA B 526 -20.35 4.70 37.59
CA ALA B 526 -20.43 4.50 36.15
C ALA B 526 -21.60 3.60 35.78
N LYS B 527 -21.87 2.58 36.58
CA LYS B 527 -23.04 1.75 36.32
C LYS B 527 -24.32 2.58 36.42
N GLY B 528 -24.39 3.46 37.42
CA GLY B 528 -25.56 4.34 37.51
C GLY B 528 -25.74 5.19 36.26
N ALA B 529 -24.68 5.89 35.86
CA ALA B 529 -24.78 6.78 34.71
C ALA B 529 -25.11 6.00 33.44
N ARG B 530 -24.55 4.80 33.31
CA ARG B 530 -24.78 4.03 32.11
C ARG B 530 -26.21 3.51 32.05
N LEU B 531 -26.77 3.14 33.21
CA LEU B 531 -28.18 2.79 33.25
C LEU B 531 -29.04 3.98 32.84
N HIS B 532 -28.66 5.18 33.26
CA HIS B 532 -29.40 6.36 32.86
C HIS B 532 -29.37 6.56 31.34
N ILE B 533 -28.18 6.50 30.75
CA ILE B 533 -28.06 6.71 29.32
C ILE B 533 -28.84 5.64 28.56
N LEU B 534 -28.78 4.39 29.03
CA LEU B 534 -29.55 3.35 28.35
C LEU B 534 -31.05 3.58 28.50
N GLY B 535 -31.48 4.11 29.64
CA GLY B 535 -32.88 4.45 29.79
C GLY B 535 -33.33 5.48 28.77
N VAL B 536 -32.50 6.49 28.53
CA VAL B 536 -32.83 7.49 27.51
C VAL B 536 -32.84 6.85 26.12
N MET B 537 -31.82 6.05 25.82
CA MET B 537 -31.73 5.39 24.52
C MET B 537 -32.94 4.50 24.25
N GLU B 538 -33.49 3.90 25.31
CA GLU B 538 -34.60 2.97 25.14
C GLU B 538 -35.82 3.60 24.48
N GLN B 539 -35.95 4.93 24.55
CA GLN B 539 -37.15 5.57 24.01
C GLN B 539 -37.15 5.53 22.49
N ALA B 540 -36.03 5.88 21.86
CA ALA B 540 -35.98 5.95 20.40
C ALA B 540 -36.23 4.59 19.78
N ILE B 541 -35.37 3.63 20.08
CA ILE B 541 -35.49 2.28 19.53
C ILE B 541 -35.66 1.31 20.70
N ASN B 542 -36.66 0.44 20.59
CA ASN B 542 -36.97 -0.50 21.66
C ASN B 542 -36.28 -1.84 21.44
N ALA B 543 -36.53 -2.47 20.31
CA ALA B 543 -35.99 -3.77 19.96
C ALA B 543 -35.48 -3.71 18.53
N PRO B 544 -34.55 -4.58 18.16
CA PRO B 544 -34.05 -4.55 16.78
C PRO B 544 -35.18 -4.78 15.80
N ARG B 545 -35.13 -4.05 14.70
CA ARG B 545 -36.18 -4.14 13.70
C ARG B 545 -36.26 -5.54 13.13
N GLY B 546 -37.48 -6.00 12.85
CA GLY B 546 -37.67 -7.39 12.47
C GLY B 546 -36.98 -7.76 11.18
N ASP B 547 -37.05 -6.88 10.18
CA ASP B 547 -36.51 -7.15 8.86
C ASP B 547 -35.45 -6.12 8.52
N ILE B 548 -34.35 -6.59 7.93
CA ILE B 548 -33.33 -5.67 7.47
C ILE B 548 -33.87 -4.84 6.31
N SER B 549 -33.19 -3.74 6.03
CA SER B 549 -33.65 -2.82 4.99
C SER B 549 -33.68 -3.50 3.63
N GLU B 550 -34.64 -3.08 2.80
CA GLU B 550 -34.79 -3.66 1.48
C GLU B 550 -33.53 -3.50 0.64
N PHE B 551 -32.72 -2.49 0.95
CA PHE B 551 -31.47 -2.30 0.21
C PHE B 551 -30.45 -3.38 0.55
N ALA B 552 -30.57 -3.99 1.71
CA ALA B 552 -29.59 -4.97 2.15
C ALA B 552 -29.54 -6.15 1.21
N PRO B 553 -28.35 -6.66 0.88
CA PRO B 553 -28.27 -7.95 0.21
C PRO B 553 -28.79 -9.03 1.15
N ARG B 554 -29.62 -9.92 0.62
CA ARG B 554 -30.32 -10.90 1.43
C ARG B 554 -29.68 -12.26 1.20
N ILE B 555 -29.31 -12.92 2.28
CA ILE B 555 -28.64 -14.22 2.22
C ILE B 555 -29.64 -15.28 2.65
N HIS B 556 -29.86 -16.26 1.78
CA HIS B 556 -30.77 -17.36 2.05
C HIS B 556 -29.98 -18.67 1.98
N THR B 557 -30.14 -19.50 3.00
CA THR B 557 -29.42 -20.76 3.09
C THR B 557 -30.39 -21.92 2.99
N ILE B 558 -30.10 -22.84 2.08
CA ILE B 558 -30.90 -24.05 1.89
C ILE B 558 -30.00 -25.24 2.11
N LYS B 559 -30.58 -26.34 2.56
CA LYS B 559 -29.87 -27.60 2.73
C LYS B 559 -30.20 -28.54 1.59
N ILE B 560 -29.18 -29.16 1.01
CA ILE B 560 -29.34 -30.05 -0.12
C ILE B 560 -28.63 -31.37 0.18
N ASN B 561 -28.91 -32.36 -0.65
CA ASN B 561 -28.32 -33.69 -0.49
C ASN B 561 -26.82 -33.62 -0.76
N PRO B 562 -25.97 -33.88 0.24
CA PRO B 562 -24.53 -33.71 0.02
C PRO B 562 -23.94 -34.69 -0.99
N ASP B 563 -24.54 -35.88 -1.13
CA ASP B 563 -24.05 -36.82 -2.14
C ASP B 563 -24.39 -36.34 -3.54
N LYS B 564 -25.55 -35.70 -3.69
CA LYS B 564 -26.06 -35.30 -4.99
C LYS B 564 -25.41 -34.03 -5.51
N ILE B 565 -24.55 -33.38 -4.72
CA ILE B 565 -23.86 -32.18 -5.18
C ILE B 565 -22.95 -32.52 -6.35
N LYS B 566 -22.36 -33.72 -6.34
CA LYS B 566 -21.49 -34.11 -7.44
C LYS B 566 -22.29 -34.50 -8.68
N ASP B 567 -23.53 -34.98 -8.47
CA ASP B 567 -24.36 -35.34 -9.61
C ASP B 567 -24.94 -34.11 -10.31
N VAL B 568 -25.37 -33.12 -9.54
CA VAL B 568 -25.98 -31.94 -10.17
C VAL B 568 -24.93 -30.89 -10.52
N ILE B 569 -23.96 -30.64 -9.63
CA ILE B 569 -22.92 -29.67 -9.90
C ILE B 569 -21.93 -30.21 -10.94
N GLY B 570 -21.40 -31.41 -10.69
CA GLY B 570 -20.44 -32.00 -11.59
C GLY B 570 -19.03 -31.51 -11.31
N LYS B 571 -18.11 -31.99 -12.13
CA LYS B 571 -16.71 -31.61 -11.99
C LYS B 571 -16.41 -30.33 -12.75
N GLY B 572 -15.41 -29.60 -12.27
CA GLY B 572 -14.98 -28.38 -12.92
C GLY B 572 -15.78 -27.14 -12.59
N GLY B 573 -16.89 -27.28 -11.87
CA GLY B 573 -17.68 -26.11 -11.53
C GLY B 573 -18.44 -25.50 -12.67
N SER B 574 -18.73 -26.30 -13.71
CA SER B 574 -19.36 -25.75 -14.91
C SER B 574 -20.72 -25.13 -14.57
N VAL B 575 -21.63 -25.93 -14.01
CA VAL B 575 -22.99 -25.45 -13.79
C VAL B 575 -23.03 -24.40 -12.70
N ILE B 576 -22.14 -24.47 -11.70
CA ILE B 576 -22.17 -23.45 -10.66
C ILE B 576 -21.70 -22.11 -11.23
N ARG B 577 -20.64 -22.12 -12.04
CA ARG B 577 -20.23 -20.87 -12.69
C ARG B 577 -21.33 -20.36 -13.60
N ALA B 578 -21.96 -21.25 -14.36
CA ALA B 578 -23.05 -20.83 -15.24
C ALA B 578 -24.18 -20.17 -14.44
N LEU B 579 -24.55 -20.76 -13.32
CA LEU B 579 -25.64 -20.23 -12.52
C LEU B 579 -25.27 -18.91 -11.87
N THR B 580 -24.02 -18.78 -11.40
CA THR B 580 -23.62 -17.52 -10.78
C THR B 580 -23.50 -16.40 -11.80
N GLU B 581 -23.19 -16.72 -13.05
CA GLU B 581 -23.16 -15.66 -14.05
C GLU B 581 -24.51 -15.38 -14.67
N GLU B 582 -25.44 -16.34 -14.64
CA GLU B 582 -26.79 -16.06 -15.14
C GLU B 582 -27.63 -15.31 -14.11
N THR B 583 -27.53 -15.70 -12.84
CA THR B 583 -28.28 -15.06 -11.78
C THR B 583 -27.53 -13.92 -11.11
N GLY B 584 -26.22 -13.85 -11.26
CA GLY B 584 -25.46 -12.80 -10.60
C GLY B 584 -25.44 -12.90 -9.10
N THR B 585 -25.62 -14.09 -8.55
CA THR B 585 -25.50 -14.34 -7.12
C THR B 585 -24.30 -15.23 -6.87
N THR B 586 -23.87 -15.28 -5.61
CA THR B 586 -22.71 -16.07 -5.20
C THR B 586 -23.17 -17.33 -4.48
N ILE B 587 -22.66 -18.47 -4.92
CA ILE B 587 -23.09 -19.77 -4.44
C ILE B 587 -21.87 -20.55 -3.99
N GLU B 588 -21.94 -21.13 -2.80
CA GLU B 588 -20.91 -22.04 -2.32
C GLU B 588 -21.57 -23.27 -1.73
N ILE B 589 -20.78 -24.30 -1.49
CA ILE B 589 -21.29 -25.59 -1.03
C ILE B 589 -20.42 -26.11 0.10
N GLU B 590 -21.02 -26.90 0.98
CA GLU B 590 -20.33 -27.60 2.05
C GLU B 590 -20.42 -29.11 1.83
N ASP B 591 -19.62 -29.84 2.60
CA ASP B 591 -19.67 -31.30 2.54
C ASP B 591 -20.98 -31.85 3.08
N ASP B 592 -21.67 -31.09 3.93
CA ASP B 592 -22.93 -31.54 4.50
C ASP B 592 -24.13 -31.21 3.63
N GLY B 593 -24.03 -30.20 2.77
CA GLY B 593 -25.16 -29.79 1.95
C GLY B 593 -25.59 -28.36 2.24
N THR B 594 -24.77 -27.64 3.00
CA THR B 594 -25.03 -26.24 3.28
C THR B 594 -24.64 -25.39 2.09
N VAL B 595 -25.57 -24.58 1.60
CA VAL B 595 -25.32 -23.70 0.47
C VAL B 595 -26.01 -22.37 0.72
N LYS B 596 -25.26 -21.28 0.61
CA LYS B 596 -25.75 -19.95 0.85
C LYS B 596 -26.07 -19.24 -0.46
N ILE B 597 -27.18 -18.52 -0.48
CA ILE B 597 -27.63 -17.79 -1.67
C ILE B 597 -27.65 -16.31 -1.33
N ALA B 598 -26.77 -15.55 -1.96
CA ALA B 598 -26.57 -14.14 -1.62
C ALA B 598 -26.76 -13.30 -2.87
N ALA B 599 -27.74 -12.40 -2.84
CA ALA B 599 -28.00 -11.51 -3.96
C ALA B 599 -28.72 -10.28 -3.45
N THR B 600 -28.41 -9.12 -4.03
CA THR B 600 -28.92 -7.85 -3.54
C THR B 600 -30.40 -7.66 -3.78
N ASP B 601 -31.12 -8.66 -4.27
CA ASP B 601 -32.55 -8.53 -4.51
C ASP B 601 -33.24 -9.82 -4.09
N GLY B 602 -34.47 -9.69 -3.61
CA GLY B 602 -35.23 -10.87 -3.22
C GLY B 602 -35.59 -11.73 -4.41
N GLU B 603 -36.15 -11.12 -5.47
CA GLU B 603 -36.59 -11.88 -6.63
C GLU B 603 -35.43 -12.63 -7.27
N LYS B 604 -34.24 -12.05 -7.26
CA LYS B 604 -33.09 -12.76 -7.82
C LYS B 604 -32.77 -14.00 -7.00
N ALA B 605 -32.86 -13.89 -5.68
CA ALA B 605 -32.67 -15.07 -4.83
C ALA B 605 -33.74 -16.11 -5.11
N LYS B 606 -34.98 -15.67 -5.35
CA LYS B 606 -36.03 -16.61 -5.74
C LYS B 606 -35.67 -17.32 -7.03
N HIS B 607 -35.19 -16.59 -8.03
CA HIS B 607 -34.81 -17.21 -9.29
C HIS B 607 -33.69 -18.22 -9.08
N ALA B 608 -32.69 -17.85 -8.28
CA ALA B 608 -31.59 -18.77 -8.02
C ALA B 608 -32.08 -20.03 -7.33
N ILE B 609 -32.96 -19.89 -6.34
CA ILE B 609 -33.42 -21.07 -5.62
C ILE B 609 -34.33 -21.93 -6.51
N ARG B 610 -35.09 -21.29 -7.41
CA ARG B 610 -35.83 -22.09 -8.40
C ARG B 610 -34.88 -22.91 -9.25
N ARG B 611 -33.82 -22.29 -9.75
CA ARG B 611 -32.87 -23.03 -10.57
C ARG B 611 -32.22 -24.17 -9.80
N ILE B 612 -31.88 -23.93 -8.53
CA ILE B 612 -31.27 -24.98 -7.71
C ILE B 612 -32.25 -26.12 -7.51
N GLU B 613 -33.53 -25.81 -7.29
CA GLU B 613 -34.50 -26.87 -7.09
C GLU B 613 -34.79 -27.63 -8.38
N GLU B 614 -34.74 -26.94 -9.53
CA GLU B 614 -34.94 -27.62 -10.80
C GLU B 614 -33.79 -28.56 -11.11
N ILE B 615 -32.55 -28.10 -10.90
CA ILE B 615 -31.41 -28.98 -11.18
C ILE B 615 -31.36 -30.11 -10.16
N THR B 616 -31.72 -29.83 -8.91
CA THR B 616 -31.76 -30.83 -7.84
C THR B 616 -33.13 -31.48 -7.71
N ALA B 617 -33.93 -31.47 -8.77
CA ALA B 617 -35.26 -32.08 -8.72
C ALA B 617 -35.16 -33.56 -8.40
N GLU B 618 -35.80 -33.96 -7.30
CA GLU B 618 -35.88 -35.36 -6.94
C GLU B 618 -36.85 -36.09 -7.88
N ILE B 619 -37.29 -37.26 -7.43
CA ILE B 619 -38.28 -38.04 -8.19
C ILE B 619 -39.58 -37.93 -7.41
N GLU B 620 -40.33 -36.86 -7.68
CA GLU B 620 -41.59 -36.63 -7.01
C GLU B 620 -42.68 -37.49 -7.64
N VAL B 621 -43.37 -38.26 -6.82
CA VAL B 621 -44.44 -39.13 -7.33
C VAL B 621 -45.62 -38.27 -7.76
N GLY B 622 -46.01 -38.42 -9.03
CA GLY B 622 -47.16 -37.72 -9.56
C GLY B 622 -46.85 -36.45 -10.31
N ARG B 623 -45.61 -35.96 -10.26
CA ARG B 623 -45.26 -34.74 -10.97
C ARG B 623 -44.93 -35.06 -12.42
N VAL B 624 -45.45 -34.22 -13.32
CA VAL B 624 -45.29 -34.45 -14.75
C VAL B 624 -43.87 -34.08 -15.17
N TYR B 625 -43.22 -34.99 -15.89
CA TYR B 625 -41.87 -34.77 -16.41
C TYR B 625 -41.97 -34.43 -17.88
N THR B 626 -41.73 -33.16 -18.21
CA THR B 626 -41.86 -32.68 -19.58
C THR B 626 -40.53 -32.77 -20.30
N GLY B 627 -40.53 -33.44 -21.44
CA GLY B 627 -39.36 -33.51 -22.31
C GLY B 627 -39.70 -32.99 -23.69
N LYS B 628 -38.77 -32.25 -24.29
CA LYS B 628 -38.96 -31.64 -25.60
C LYS B 628 -38.02 -32.31 -26.60
N VAL B 629 -38.57 -33.16 -27.45
CA VAL B 629 -37.82 -33.88 -28.46
C VAL B 629 -38.01 -33.15 -29.78
N THR B 630 -36.94 -32.52 -30.27
CA THR B 630 -37.01 -31.77 -31.53
C THR B 630 -36.47 -32.55 -32.72
N ARG B 631 -35.61 -33.53 -32.51
CA ARG B 631 -35.07 -34.36 -33.57
C ARG B 631 -35.01 -35.80 -33.11
N ILE B 632 -35.22 -36.72 -34.06
CA ILE B 632 -35.19 -38.16 -33.79
C ILE B 632 -34.09 -38.78 -34.64
N VAL B 633 -33.32 -39.67 -34.03
CA VAL B 633 -32.26 -40.40 -34.70
C VAL B 633 -32.55 -41.89 -34.56
N ASP B 634 -31.82 -42.71 -35.31
CA ASP B 634 -32.05 -44.15 -35.28
C ASP B 634 -31.68 -44.76 -33.94
N PHE B 635 -30.73 -44.14 -33.21
CA PHE B 635 -30.30 -44.66 -31.93
C PHE B 635 -31.19 -44.22 -30.77
N GLY B 636 -32.05 -43.23 -30.99
CA GLY B 636 -32.91 -42.76 -29.93
C GLY B 636 -33.35 -41.34 -30.21
N ALA B 637 -33.98 -40.74 -29.19
CA ALA B 637 -34.48 -39.37 -29.27
C ALA B 637 -33.70 -38.51 -28.30
N PHE B 638 -32.80 -37.69 -28.84
CA PHE B 638 -32.01 -36.79 -28.01
C PHE B 638 -32.90 -35.67 -27.48
N VAL B 639 -33.01 -35.59 -26.15
CA VAL B 639 -33.83 -34.57 -25.48
C VAL B 639 -32.97 -33.88 -24.44
N ALA B 640 -32.92 -32.56 -24.51
CA ALA B 640 -32.12 -31.75 -23.59
C ALA B 640 -33.00 -31.28 -22.45
N ILE B 641 -32.80 -31.85 -21.26
CA ILE B 641 -33.54 -31.47 -20.07
C ILE B 641 -32.62 -31.09 -18.92
N GLY B 642 -31.33 -30.98 -19.17
CA GLY B 642 -30.38 -30.53 -18.18
C GLY B 642 -29.97 -31.61 -17.19
N GLY B 643 -28.88 -31.34 -16.48
CA GLY B 643 -28.38 -32.27 -15.48
C GLY B 643 -27.87 -33.58 -16.03
N GLY B 644 -27.55 -33.64 -17.31
CA GLY B 644 -27.07 -34.87 -17.90
C GLY B 644 -28.08 -35.99 -17.92
N LYS B 645 -29.37 -35.67 -17.81
CA LYS B 645 -30.42 -36.68 -17.75
C LYS B 645 -30.81 -37.05 -19.17
N GLU B 646 -30.26 -38.16 -19.66
CA GLU B 646 -30.54 -38.64 -21.01
C GLU B 646 -30.70 -40.15 -20.98
N GLY B 647 -31.78 -40.63 -21.55
CA GLY B 647 -32.03 -42.06 -21.65
C GLY B 647 -32.24 -42.49 -23.09
N LEU B 648 -31.79 -43.69 -23.39
CA LEU B 648 -31.86 -44.24 -24.74
C LEU B 648 -33.17 -45.00 -24.91
N VAL B 649 -34.07 -44.46 -25.72
CA VAL B 649 -35.37 -45.06 -25.96
C VAL B 649 -35.19 -46.17 -26.99
N HIS B 650 -35.41 -47.42 -26.56
CA HIS B 650 -35.17 -48.56 -27.43
C HIS B 650 -36.22 -48.63 -28.53
N ILE B 651 -35.83 -49.23 -29.66
CA ILE B 651 -36.74 -49.36 -30.78
C ILE B 651 -37.78 -50.45 -30.53
N SER B 652 -37.45 -51.42 -29.68
CA SER B 652 -38.37 -52.52 -29.39
C SER B 652 -39.51 -52.11 -28.47
N GLN B 653 -39.45 -50.93 -27.87
CA GLN B 653 -40.50 -50.44 -26.99
C GLN B 653 -41.39 -49.41 -27.69
N ILE B 654 -41.15 -49.17 -28.96
CA ILE B 654 -41.96 -48.26 -29.76
C ILE B 654 -43.09 -48.99 -30.47
N ALA B 655 -42.76 -50.07 -31.17
CA ALA B 655 -43.76 -50.85 -31.89
C ALA B 655 -43.23 -52.26 -32.08
N ASP B 656 -44.16 -53.19 -32.31
CA ASP B 656 -43.77 -54.58 -32.54
C ASP B 656 -43.10 -54.75 -33.89
N LYS B 657 -43.58 -54.03 -34.90
CA LYS B 657 -43.01 -54.09 -36.25
C LYS B 657 -41.90 -53.04 -36.39
N ARG B 658 -41.06 -53.26 -37.41
CA ARG B 658 -39.96 -52.34 -37.66
C ARG B 658 -40.48 -50.99 -38.12
N VAL B 659 -40.10 -49.94 -37.40
CA VAL B 659 -40.56 -48.59 -37.72
C VAL B 659 -39.73 -48.05 -38.88
N GLU B 660 -40.39 -47.72 -39.98
CA GLU B 660 -39.69 -47.18 -41.13
C GLU B 660 -39.40 -45.70 -40.95
N LYS B 661 -40.23 -44.99 -40.20
CA LYS B 661 -40.00 -43.60 -39.85
C LYS B 661 -40.60 -43.36 -38.48
N VAL B 662 -39.77 -42.91 -37.53
CA VAL B 662 -40.18 -42.85 -36.14
C VAL B 662 -41.29 -41.83 -35.95
N THR B 663 -41.36 -40.80 -36.78
CA THR B 663 -42.30 -39.70 -36.59
C THR B 663 -43.75 -40.10 -36.83
N ASP B 664 -44.02 -41.26 -37.45
CA ASP B 664 -45.40 -41.65 -37.68
C ASP B 664 -46.12 -41.98 -36.39
N TYR B 665 -45.41 -42.58 -35.44
CA TYR B 665 -46.01 -42.99 -34.17
C TYR B 665 -45.61 -42.12 -32.99
N LEU B 666 -44.40 -41.57 -32.99
CA LEU B 666 -43.95 -40.68 -31.92
C LEU B 666 -43.84 -39.26 -32.46
N GLN B 667 -44.47 -38.32 -31.76
CA GLN B 667 -44.57 -36.94 -32.20
C GLN B 667 -43.40 -36.12 -31.65
N MET B 668 -42.96 -35.15 -32.44
CA MET B 668 -41.80 -34.34 -32.07
C MET B 668 -42.21 -33.30 -31.03
N GLY B 669 -41.48 -33.27 -29.91
CA GLY B 669 -41.78 -32.34 -28.85
C GLY B 669 -42.94 -32.72 -27.96
N GLN B 670 -43.65 -33.79 -28.27
CA GLN B 670 -44.78 -34.22 -27.45
C GLN B 670 -44.30 -34.66 -26.08
N GLU B 671 -45.04 -34.29 -25.05
CA GLU B 671 -44.65 -34.57 -23.68
C GLU B 671 -44.76 -36.07 -23.41
N VAL B 672 -43.63 -36.69 -23.09
CA VAL B 672 -43.56 -38.11 -22.74
C VAL B 672 -43.28 -38.22 -21.24
N PRO B 673 -44.07 -38.97 -20.49
CA PRO B 673 -43.75 -39.19 -19.07
C PRO B 673 -42.61 -40.18 -18.93
N VAL B 674 -41.70 -39.87 -18.00
CA VAL B 674 -40.52 -40.70 -17.77
C VAL B 674 -40.44 -41.03 -16.29
N LYS B 675 -40.69 -42.28 -15.95
CA LYS B 675 -40.58 -42.77 -14.58
C LYS B 675 -39.28 -43.54 -14.42
N VAL B 676 -38.51 -43.19 -13.39
CA VAL B 676 -37.22 -43.83 -13.15
C VAL B 676 -37.47 -45.20 -12.53
N LEU B 677 -36.94 -46.24 -13.17
CA LEU B 677 -37.05 -47.59 -12.61
C LEU B 677 -36.04 -47.79 -11.48
N GLU B 678 -34.81 -47.34 -11.68
CA GLU B 678 -33.75 -47.47 -10.69
C GLU B 678 -32.60 -46.55 -11.07
N VAL B 679 -31.83 -46.15 -10.07
CA VAL B 679 -30.68 -45.27 -10.25
C VAL B 679 -29.44 -46.11 -9.97
N ASP B 680 -28.78 -46.56 -11.05
CA ASP B 680 -27.64 -47.45 -10.91
C ASP B 680 -26.39 -46.66 -10.52
N ARG B 681 -25.32 -47.42 -10.20
CA ARG B 681 -24.07 -46.80 -9.80
C ARG B 681 -23.38 -46.08 -10.95
N GLN B 682 -23.50 -46.60 -12.17
CA GLN B 682 -22.85 -46.03 -13.33
C GLN B 682 -23.62 -44.85 -13.92
N GLY B 683 -24.65 -44.36 -13.23
CA GLY B 683 -25.47 -43.29 -13.77
C GLY B 683 -26.42 -43.70 -14.86
N ARG B 684 -26.72 -44.99 -14.99
CA ARG B 684 -27.63 -45.46 -16.01
C ARG B 684 -29.06 -45.05 -15.66
N ILE B 685 -29.68 -44.25 -16.53
CA ILE B 685 -31.05 -43.82 -16.37
C ILE B 685 -31.84 -44.30 -17.59
N ARG B 686 -32.97 -44.94 -17.32
CA ARG B 686 -33.84 -45.45 -18.38
C ARG B 686 -35.18 -44.75 -18.34
N LEU B 687 -35.77 -44.58 -19.52
CA LEU B 687 -37.06 -43.92 -19.67
C LEU B 687 -38.13 -44.96 -19.96
N SER B 688 -39.31 -44.74 -19.40
CA SER B 688 -40.43 -45.67 -19.54
C SER B 688 -41.65 -44.88 -20.01
N ILE B 689 -42.07 -45.11 -21.24
CA ILE B 689 -43.23 -44.43 -21.79
C ILE B 689 -44.50 -45.25 -21.63
N LYS B 690 -44.42 -46.57 -21.89
CA LYS B 690 -45.61 -47.40 -21.91
C LYS B 690 -46.30 -47.43 -20.55
N GLU B 691 -45.56 -47.75 -19.49
CA GLU B 691 -46.16 -47.84 -18.16
C GLU B 691 -46.51 -46.47 -17.60
N ALA B 692 -45.98 -45.40 -18.19
CA ALA B 692 -46.22 -44.05 -17.69
C ALA B 692 -47.37 -43.34 -18.38
N THR B 693 -47.76 -43.79 -19.58
CA THR B 693 -48.93 -43.19 -20.22
C THR B 693 -50.22 -43.47 -19.44
N GLU B 694 -50.38 -44.70 -18.93
CA GLU B 694 -51.55 -45.00 -18.11
C GLU B 694 -51.32 -44.71 -16.64
N GLN B 695 -50.09 -44.88 -16.15
CA GLN B 695 -49.78 -44.62 -14.75
C GLN B 695 -48.32 -44.19 -14.59
N MET C 1 -31.70 19.64 23.43
CA MET C 1 -32.54 19.49 22.25
C MET C 1 -31.87 20.10 21.03
N LEU C 2 -32.22 19.60 19.85
CA LEU C 2 -31.65 20.05 18.60
C LEU C 2 -32.74 20.68 17.72
N ASN C 3 -32.40 21.78 17.07
CA ASN C 3 -33.33 22.53 16.24
C ASN C 3 -32.83 22.53 14.80
N PRO C 4 -33.16 21.52 14.03
CA PRO C 4 -32.74 21.48 12.62
C PRO C 4 -33.57 22.42 11.77
N ILE C 5 -32.93 23.46 11.24
CA ILE C 5 -33.60 24.42 10.36
C ILE C 5 -33.57 23.82 8.95
N VAL C 6 -34.68 23.28 8.52
CA VAL C 6 -34.77 22.64 7.21
C VAL C 6 -35.43 23.61 6.24
N ARG C 7 -35.06 23.50 4.97
CA ARG C 7 -35.64 24.35 3.93
C ARG C 7 -35.51 23.60 2.61
N LYS C 8 -36.63 23.19 2.04
CA LYS C 8 -36.63 22.34 0.86
C LYS C 8 -37.41 23.03 -0.26
N PHE C 9 -36.96 22.81 -1.50
CA PHE C 9 -37.58 23.41 -2.66
C PHE C 9 -37.64 22.36 -3.76
N GLN C 10 -37.98 22.80 -4.96
CA GLN C 10 -38.07 21.91 -6.12
C GLN C 10 -37.09 22.35 -7.17
N TYR C 11 -36.19 21.44 -7.55
CA TYR C 11 -35.17 21.69 -8.56
C TYR C 11 -35.29 20.64 -9.64
N GLY C 12 -35.65 21.07 -10.84
CA GLY C 12 -35.90 20.09 -11.89
C GLY C 12 -36.99 19.14 -11.48
N GLN C 13 -36.66 17.85 -11.44
CA GLN C 13 -37.61 16.83 -10.97
C GLN C 13 -37.45 16.48 -9.50
N HIS C 14 -36.23 16.55 -8.98
CA HIS C 14 -35.99 16.15 -7.60
C HIS C 14 -36.37 17.26 -6.64
N THR C 15 -36.22 16.98 -5.34
CA THR C 15 -36.57 17.93 -4.29
C THR C 15 -35.35 18.10 -3.37
N VAL C 16 -34.55 19.12 -3.64
CA VAL C 16 -33.41 19.41 -2.79
C VAL C 16 -33.91 19.88 -1.43
N THR C 17 -33.26 19.42 -0.36
CA THR C 17 -33.64 19.81 1.00
C THR C 17 -32.38 20.22 1.75
N LEU C 18 -32.18 21.51 1.94
CA LEU C 18 -31.10 21.98 2.79
C LEU C 18 -31.50 21.83 4.25
N GLU C 19 -30.55 21.41 5.08
CA GLU C 19 -30.82 21.11 6.48
C GLU C 19 -29.60 21.44 7.29
N THR C 20 -29.71 22.45 8.15
CA THR C 20 -28.58 22.94 8.92
C THR C 20 -28.94 23.05 10.39
N GLY C 21 -27.91 23.16 11.21
CA GLY C 21 -28.06 23.41 12.62
C GLY C 21 -28.00 22.18 13.50
N MET C 22 -28.17 20.99 12.93
CA MET C 22 -28.23 19.79 13.74
C MET C 22 -26.88 19.12 13.90
N MET C 23 -26.03 19.17 12.89
CA MET C 23 -24.76 18.45 12.93
C MET C 23 -23.59 19.42 12.92
N ALA C 24 -22.45 18.91 13.39
CA ALA C 24 -21.18 19.61 13.29
C ALA C 24 -21.25 21.04 13.82
N ARG C 25 -21.95 21.22 14.95
CA ARG C 25 -22.17 22.56 15.47
C ARG C 25 -20.89 23.29 15.80
N GLN C 26 -19.77 22.58 15.86
CA GLN C 26 -18.51 23.22 16.22
C GLN C 26 -17.79 23.81 15.02
N ALA C 27 -17.96 23.22 13.84
CA ALA C 27 -17.43 23.85 12.64
C ALA C 27 -18.12 25.19 12.42
N THR C 28 -17.54 26.01 11.54
CA THR C 28 -18.10 27.33 11.32
C THR C 28 -19.50 27.25 10.75
N ALA C 29 -19.81 26.23 9.97
CA ALA C 29 -21.13 26.00 9.41
C ALA C 29 -21.15 24.65 8.76
N ALA C 30 -22.33 24.05 8.67
CA ALA C 30 -22.44 22.73 8.08
C ALA C 30 -23.89 22.48 7.68
N VAL C 31 -24.11 22.11 6.43
CA VAL C 31 -25.43 21.79 5.93
C VAL C 31 -25.40 20.38 5.36
N MET C 32 -26.49 19.66 5.52
CA MET C 32 -26.66 18.36 4.91
C MET C 32 -27.63 18.50 3.75
N VAL C 33 -27.10 18.73 2.56
CA VAL C 33 -27.92 18.93 1.37
C VAL C 33 -28.23 17.58 0.75
N SER C 34 -29.50 17.27 0.62
CA SER C 34 -29.94 15.99 0.08
C SER C 34 -30.90 16.23 -1.06
N MET C 35 -30.64 15.61 -2.21
CA MET C 35 -31.53 15.65 -3.36
C MET C 35 -31.92 14.23 -3.71
N ASP C 36 -33.22 13.95 -3.64
CA ASP C 36 -33.78 12.67 -4.08
C ASP C 36 -33.03 11.47 -3.50
N ASP C 37 -32.83 11.50 -2.18
CA ASP C 37 -32.18 10.44 -1.41
C ASP C 37 -30.67 10.40 -1.63
N THR C 38 -30.08 11.38 -2.30
CA THR C 38 -28.63 11.51 -2.38
C THR C 38 -28.22 12.67 -1.49
N ALA C 39 -27.40 12.40 -0.49
CA ALA C 39 -27.10 13.37 0.54
C ALA C 39 -25.60 13.60 0.62
N VAL C 40 -25.19 14.86 0.66
CA VAL C 40 -23.80 15.24 0.82
C VAL C 40 -23.71 16.23 1.97
N PHE C 41 -22.80 15.96 2.90
CA PHE C 41 -22.73 16.68 4.17
C PHE C 41 -21.53 17.60 4.15
N VAL C 42 -21.72 18.82 3.66
CA VAL C 42 -20.65 19.78 3.48
C VAL C 42 -20.44 20.56 4.77
N THR C 43 -19.17 20.86 5.09
CA THR C 43 -18.85 21.60 6.29
C THR C 43 -17.64 22.47 6.08
N VAL C 44 -17.68 23.68 6.63
CA VAL C 44 -16.63 24.68 6.45
C VAL C 44 -16.08 25.07 7.81
N VAL C 45 -14.76 25.22 7.90
CA VAL C 45 -14.12 25.68 9.12
C VAL C 45 -12.99 26.61 8.72
N GLY C 46 -13.14 27.89 9.04
CA GLY C 46 -12.16 28.87 8.63
C GLY C 46 -11.61 29.65 9.80
N GLN C 47 -10.30 29.58 10.02
CA GLN C 47 -9.71 30.22 11.17
C GLN C 47 -9.91 31.72 11.14
N LYS C 48 -9.92 32.33 12.32
CA LYS C 48 -10.16 33.76 12.43
C LYS C 48 -8.87 34.58 12.34
N LYS C 49 -7.76 34.05 12.85
CA LYS C 49 -6.52 34.80 12.92
C LYS C 49 -5.71 34.52 11.66
N ALA C 50 -5.57 35.55 10.82
CA ALA C 50 -4.74 35.42 9.62
C ALA C 50 -3.33 35.02 9.99
N LYS C 51 -2.79 34.04 9.29
CA LYS C 51 -1.43 33.60 9.52
C LYS C 51 -0.48 34.76 9.29
N PRO C 52 0.36 35.12 10.26
CA PRO C 52 1.25 36.27 10.08
C PRO C 52 2.23 36.05 8.93
N GLY C 53 2.17 36.95 7.96
CA GLY C 53 3.03 36.86 6.80
C GLY C 53 2.63 35.78 5.83
N GLN C 54 1.41 35.88 5.30
CA GLN C 54 0.95 34.99 4.25
C GLN C 54 0.86 35.74 2.93
N ASP C 55 1.13 35.04 1.84
CA ASP C 55 1.16 35.63 0.51
C ASP C 55 0.11 35.08 -0.42
N PHE C 56 -0.21 33.78 -0.32
CA PHE C 56 -1.20 33.15 -1.18
C PHE C 56 -2.34 32.63 -0.33
N PHE C 57 -3.50 32.50 -0.94
CA PHE C 57 -4.72 32.19 -0.21
C PHE C 57 -4.89 30.68 -0.10
N PRO C 58 -4.87 30.11 1.09
CA PRO C 58 -4.84 28.64 1.20
C PRO C 58 -6.19 27.99 1.39
N LEU C 59 -7.01 27.96 0.36
CA LEU C 59 -8.29 27.27 0.40
C LEU C 59 -8.13 25.87 -0.14
N THR C 60 -8.48 24.87 0.66
CA THR C 60 -8.40 23.48 0.27
C THR C 60 -9.78 22.86 0.36
N VAL C 61 -10.13 22.01 -0.61
CA VAL C 61 -11.46 21.45 -0.66
C VAL C 61 -11.40 19.94 -0.77
N ASN C 62 -11.27 19.25 0.36
CA ASN C 62 -11.32 17.80 0.33
C ASN C 62 -12.73 17.33 0.01
N TYR C 63 -12.83 16.20 -0.68
CA TYR C 63 -14.12 15.60 -0.97
C TYR C 63 -13.98 14.09 -0.83
N GLN C 64 -14.84 13.49 -0.01
CA GLN C 64 -14.69 12.09 0.37
C GLN C 64 -15.95 11.34 0.01
N GLU C 65 -15.82 10.30 -0.78
CA GLU C 65 -16.94 9.42 -1.10
C GLU C 65 -16.84 8.22 -0.19
N ARG C 66 -17.57 8.24 0.91
CA ARG C 66 -17.59 7.11 1.82
C ARG C 66 -18.42 6.00 1.22
N THR C 67 -17.83 4.82 1.08
CA THR C 67 -18.45 3.75 0.32
C THR C 67 -19.53 3.03 1.09
N TYR C 68 -19.84 3.45 2.30
CA TYR C 68 -21.05 2.93 2.93
C TYR C 68 -22.28 3.66 2.47
N ALA C 69 -22.14 4.57 1.51
CA ALA C 69 -23.29 5.26 0.96
C ALA C 69 -24.10 4.31 0.09
N ALA C 70 -23.49 3.78 -0.96
CA ALA C 70 -24.19 2.85 -1.82
C ALA C 70 -24.67 1.63 -1.05
N GLY C 71 -24.00 1.28 0.04
CA GLY C 71 -24.41 0.14 0.82
C GLY C 71 -23.49 -1.05 0.63
N ARG C 72 -22.20 -0.79 0.48
CA ARG C 72 -21.22 -1.83 0.26
C ARG C 72 -20.01 -1.63 1.15
N ILE C 73 -19.50 -2.72 1.68
CA ILE C 73 -18.18 -2.69 2.32
C ILE C 73 -17.12 -2.45 1.25
N PRO C 74 -16.14 -1.60 1.48
CA PRO C 74 -15.17 -1.30 0.42
C PRO C 74 -14.45 -2.55 -0.04
N GLY C 75 -13.71 -2.41 -1.13
CA GLY C 75 -13.09 -3.56 -1.74
C GLY C 75 -11.62 -3.70 -1.43
N SER C 76 -11.01 -2.63 -0.93
CA SER C 76 -9.58 -2.63 -0.66
C SER C 76 -9.22 -3.74 0.32
N PHE C 77 -7.94 -4.12 0.38
CA PHE C 77 -7.58 -5.22 1.25
C PHE C 77 -7.71 -4.84 2.71
N PHE C 78 -7.33 -3.61 3.06
CA PHE C 78 -7.54 -3.15 4.43
C PHE C 78 -8.99 -2.92 4.73
N ARG C 79 -9.87 -3.03 3.73
CA ARG C 79 -11.31 -2.95 3.94
C ARG C 79 -11.71 -1.61 4.53
N ARG C 80 -11.17 -0.54 3.98
CA ARG C 80 -11.38 0.79 4.50
C ARG C 80 -11.00 1.81 3.46
N GLU C 81 -11.79 2.88 3.36
CA GLU C 81 -11.52 3.92 2.38
C GLU C 81 -10.19 4.59 2.68
N GLY C 82 -9.38 4.76 1.65
CA GLY C 82 -8.04 5.28 1.86
C GLY C 82 -7.73 6.55 1.11
N ARG C 83 -6.67 6.52 0.31
CA ARG C 83 -6.30 7.68 -0.48
C ARG C 83 -7.42 7.99 -1.46
N PRO C 84 -7.75 9.26 -1.67
CA PRO C 84 -8.89 9.59 -2.55
C PRO C 84 -8.62 9.18 -3.98
N SER C 85 -9.62 8.58 -4.61
CA SER C 85 -9.50 8.09 -5.97
C SER C 85 -9.43 9.25 -6.96
N GLU C 86 -9.23 8.91 -8.23
CA GLU C 86 -9.16 9.95 -9.25
C GLU C 86 -10.48 10.68 -9.41
N GLY C 87 -11.60 9.96 -9.34
CA GLY C 87 -12.89 10.60 -9.46
C GLY C 87 -13.16 11.60 -8.37
N GLU C 88 -12.83 11.25 -7.13
CA GLU C 88 -13.04 12.16 -6.02
C GLU C 88 -12.13 13.37 -6.12
N THR C 89 -10.88 13.18 -6.55
CA THR C 89 -10.01 14.33 -6.73
C THR C 89 -10.54 15.27 -7.81
N LEU C 90 -11.03 14.70 -8.91
CA LEU C 90 -11.58 15.51 -9.97
C LEU C 90 -12.80 16.30 -9.49
N ILE C 91 -13.67 15.66 -8.71
CA ILE C 91 -14.84 16.39 -8.21
C ILE C 91 -14.45 17.42 -7.16
N ALA C 92 -13.36 17.19 -6.43
CA ALA C 92 -12.88 18.23 -5.53
C ALA C 92 -12.42 19.45 -6.31
N ARG C 93 -11.68 19.23 -7.40
CA ARG C 93 -11.30 20.35 -8.26
C ARG C 93 -12.53 21.06 -8.81
N LEU C 94 -13.56 20.30 -9.13
CA LEU C 94 -14.77 20.89 -9.69
C LEU C 94 -15.51 21.72 -8.66
N ILE C 95 -15.45 21.33 -7.39
CA ILE C 95 -15.99 22.19 -6.34
C ILE C 95 -15.12 23.42 -6.14
N ASP C 96 -13.80 23.25 -6.29
CA ASP C 96 -12.86 24.29 -5.92
C ASP C 96 -12.89 25.46 -6.90
N ARG C 97 -12.87 25.18 -8.19
CA ARG C 97 -12.68 26.24 -9.16
C ARG C 97 -13.77 27.32 -9.18
N PRO C 98 -15.04 27.05 -8.86
CA PRO C 98 -16.00 28.15 -8.85
C PRO C 98 -15.81 29.12 -7.71
N ILE C 99 -15.48 28.64 -6.51
CA ILE C 99 -15.55 29.51 -5.35
C ILE C 99 -14.32 30.41 -5.24
N ARG C 100 -13.15 29.91 -5.61
CA ARG C 100 -11.92 30.65 -5.37
C ARG C 100 -11.92 32.06 -5.93
N PRO C 101 -12.50 32.32 -7.12
CA PRO C 101 -12.56 33.71 -7.60
C PRO C 101 -13.51 34.59 -6.83
N LEU C 102 -14.26 34.05 -5.86
CA LEU C 102 -15.26 34.83 -5.16
C LEU C 102 -14.77 35.41 -3.84
N PHE C 103 -13.89 34.70 -3.15
CA PHE C 103 -13.33 35.23 -1.92
C PHE C 103 -12.65 36.56 -2.20
N PRO C 104 -12.96 37.60 -1.44
CA PRO C 104 -12.48 38.94 -1.82
C PRO C 104 -10.97 39.01 -1.81
N GLU C 105 -10.45 39.88 -2.67
CA GLU C 105 -9.01 39.97 -2.86
C GLU C 105 -8.34 40.50 -1.61
N GLY C 106 -7.25 39.87 -1.21
CA GLY C 106 -6.57 40.23 0.01
C GLY C 106 -7.00 39.42 1.22
N PHE C 107 -7.65 38.29 1.00
CA PHE C 107 -8.08 37.41 2.08
C PHE C 107 -7.10 36.25 2.19
N VAL C 108 -6.63 35.99 3.40
CA VAL C 108 -5.58 34.98 3.58
C VAL C 108 -5.79 34.19 4.85
N ASN C 109 -7.03 34.03 5.28
CA ASN C 109 -7.35 33.13 6.38
C ASN C 109 -7.56 31.73 5.84
N GLU C 110 -6.89 30.75 6.43
CA GLU C 110 -7.07 29.37 6.02
C GLU C 110 -8.54 28.99 6.08
N VAL C 111 -9.00 28.26 5.06
CA VAL C 111 -10.40 27.85 4.95
C VAL C 111 -10.41 26.46 4.34
N GLN C 112 -11.21 25.57 4.90
CA GLN C 112 -11.24 24.19 4.43
C GLN C 112 -12.67 23.70 4.34
N VAL C 113 -13.01 23.07 3.22
CA VAL C 113 -14.36 22.61 2.93
C VAL C 113 -14.31 21.11 2.77
N ILE C 114 -14.77 20.37 3.77
CA ILE C 114 -14.72 18.91 3.72
C ILE C 114 -16.09 18.33 3.44
N ALA C 115 -16.41 18.11 2.17
CA ALA C 115 -17.73 17.64 1.77
C ALA C 115 -17.69 16.14 1.55
N THR C 116 -18.29 15.38 2.46
CA THR C 116 -18.40 13.94 2.34
C THR C 116 -19.74 13.55 1.73
N VAL C 117 -19.86 12.29 1.33
CA VAL C 117 -21.05 11.77 0.67
C VAL C 117 -21.59 10.65 1.53
N VAL C 118 -22.56 10.94 2.38
CA VAL C 118 -23.05 9.95 3.33
C VAL C 118 -23.94 8.92 2.64
N SER C 119 -24.82 9.35 1.74
CA SER C 119 -25.73 8.41 1.11
C SER C 119 -25.93 8.79 -0.35
N VAL C 120 -25.94 7.79 -1.22
CA VAL C 120 -25.98 8.02 -2.66
C VAL C 120 -27.07 7.16 -3.27
N ASN C 121 -27.74 7.70 -4.29
CA ASN C 121 -28.73 7.02 -5.10
C ASN C 121 -28.19 6.88 -6.51
N PRO C 122 -28.20 5.67 -7.07
CA PRO C 122 -27.56 5.46 -8.37
C PRO C 122 -28.09 6.35 -9.47
N GLN C 123 -29.32 6.87 -9.35
CA GLN C 123 -29.84 7.70 -10.44
C GLN C 123 -29.34 9.14 -10.38
N VAL C 124 -28.99 9.65 -9.20
CA VAL C 124 -28.63 11.05 -9.04
C VAL C 124 -27.16 11.14 -8.69
N ASN C 125 -26.41 11.87 -9.50
CA ASN C 125 -24.98 12.01 -9.25
C ASN C 125 -24.75 12.90 -8.03
N PRO C 126 -23.80 12.55 -7.17
CA PRO C 126 -23.59 13.37 -5.96
C PRO C 126 -22.92 14.71 -6.23
N ASP C 127 -22.04 14.82 -7.23
CA ASP C 127 -21.17 15.98 -7.33
C ASP C 127 -21.96 17.29 -7.40
N ILE C 128 -23.06 17.30 -8.15
CA ILE C 128 -23.86 18.51 -8.24
C ILE C 128 -24.41 18.87 -6.86
N VAL C 129 -24.79 17.86 -6.08
CA VAL C 129 -25.28 18.10 -4.74
C VAL C 129 -24.17 18.65 -3.87
N ALA C 130 -22.95 18.11 -4.02
CA ALA C 130 -21.84 18.60 -3.23
C ALA C 130 -21.54 20.05 -3.56
N MET C 131 -21.68 20.43 -4.82
CA MET C 131 -21.46 21.83 -5.18
C MET C 131 -22.49 22.75 -4.53
N ILE C 132 -23.77 22.37 -4.61
CA ILE C 132 -24.79 23.16 -3.93
C ILE C 132 -24.49 23.25 -2.44
N GLY C 133 -24.05 22.13 -1.85
CA GLY C 133 -23.76 22.13 -0.43
C GLY C 133 -22.60 23.03 -0.06
N ALA C 134 -21.54 23.02 -0.88
CA ALA C 134 -20.40 23.89 -0.59
C ALA C 134 -20.81 25.35 -0.67
N SER C 135 -21.61 25.71 -1.67
CA SER C 135 -22.07 27.08 -1.76
C SER C 135 -22.91 27.47 -0.54
N ALA C 136 -23.87 26.61 -0.18
CA ALA C 136 -24.72 26.93 0.95
C ALA C 136 -23.93 27.03 2.24
N ALA C 137 -22.99 26.11 2.45
CA ALA C 137 -22.19 26.12 3.67
C ALA C 137 -21.34 27.36 3.76
N LEU C 138 -20.70 27.76 2.65
CA LEU C 138 -19.90 28.97 2.70
C LEU C 138 -20.76 30.20 2.96
N SER C 139 -21.92 30.29 2.31
CA SER C 139 -22.76 31.45 2.51
C SER C 139 -23.29 31.53 3.92
N LEU C 140 -23.60 30.38 4.54
CA LEU C 140 -24.08 30.38 5.92
C LEU C 140 -23.01 30.87 6.87
N SER C 141 -21.76 30.46 6.64
CA SER C 141 -20.71 30.64 7.64
C SER C 141 -20.52 32.10 7.99
N GLY C 142 -20.58 32.98 7.00
CA GLY C 142 -20.21 34.36 7.21
C GLY C 142 -18.76 34.68 6.93
N ILE C 143 -17.98 33.71 6.46
CA ILE C 143 -16.69 34.06 5.87
C ILE C 143 -16.94 35.02 4.72
N PRO C 144 -16.12 36.04 4.52
CA PRO C 144 -16.39 36.99 3.44
C PRO C 144 -16.52 36.27 2.11
N PHE C 145 -17.72 36.18 1.54
CA PHE C 145 -17.91 35.39 0.29
C PHE C 145 -18.84 36.19 -0.60
N ASN C 146 -18.46 36.43 -1.84
CA ASN C 146 -19.25 37.38 -2.65
C ASN C 146 -20.66 36.89 -2.89
N GLY C 147 -20.88 35.62 -3.18
CA GLY C 147 -22.29 35.26 -3.45
C GLY C 147 -22.63 33.80 -3.27
N PRO C 148 -23.90 33.45 -3.11
CA PRO C 148 -24.23 32.05 -3.11
C PRO C 148 -24.02 31.64 -4.57
N ILE C 149 -23.60 30.40 -4.88
CA ILE C 149 -23.32 29.97 -6.28
C ILE C 149 -24.07 28.70 -6.63
N GLY C 150 -25.10 28.76 -7.47
CA GLY C 150 -25.81 27.57 -7.83
C GLY C 150 -24.96 26.65 -8.67
N ALA C 151 -25.41 25.41 -8.80
CA ALA C 151 -24.74 24.46 -9.67
C ALA C 151 -25.79 23.67 -10.44
N ALA C 152 -25.56 23.47 -11.73
CA ALA C 152 -26.49 22.74 -12.57
C ALA C 152 -25.73 21.88 -13.56
N ARG C 153 -26.34 20.77 -13.94
CA ARG C 153 -25.82 19.93 -15.01
C ARG C 153 -26.85 19.85 -16.12
N VAL C 154 -26.41 20.06 -17.36
CA VAL C 154 -27.30 20.12 -18.50
C VAL C 154 -26.96 18.98 -19.44
N GLY C 155 -27.99 18.36 -20.00
CA GLY C 155 -27.81 17.31 -20.97
C GLY C 155 -28.62 17.58 -22.21
N TYR C 156 -28.13 17.06 -23.34
CA TYR C 156 -28.76 17.27 -24.64
C TYR C 156 -29.43 15.97 -25.04
N ILE C 157 -30.76 15.95 -25.06
CA ILE C 157 -31.53 14.76 -25.40
C ILE C 157 -32.59 15.13 -26.42
N ASN C 158 -32.56 14.46 -27.57
CA ASN C 158 -33.55 14.65 -28.63
C ASN C 158 -33.70 16.12 -29.00
N ASP C 159 -32.60 16.87 -28.95
CA ASP C 159 -32.51 18.28 -29.34
C ASP C 159 -33.17 19.21 -28.34
N GLN C 160 -33.53 18.74 -27.15
CA GLN C 160 -34.05 19.58 -26.08
C GLN C 160 -33.18 19.40 -24.85
N TYR C 161 -32.76 20.51 -24.26
CA TYR C 161 -31.96 20.45 -23.06
C TYR C 161 -32.78 19.91 -21.90
N VAL C 162 -32.13 19.12 -21.04
CA VAL C 162 -32.75 18.60 -19.83
C VAL C 162 -31.87 18.96 -18.65
N LEU C 163 -32.49 19.48 -17.60
CA LEU C 163 -31.73 19.84 -16.40
C LEU C 163 -31.50 18.62 -15.53
N ASN C 164 -30.30 18.52 -14.98
CA ASN C 164 -29.93 17.47 -14.04
C ASN C 164 -30.33 16.07 -14.51
N PRO C 165 -29.88 15.65 -15.68
CA PRO C 165 -30.31 14.34 -16.19
C PRO C 165 -29.83 13.22 -15.28
N THR C 166 -30.68 12.22 -15.09
CA THR C 166 -30.27 11.02 -14.39
C THR C 166 -29.29 10.25 -15.25
N GLN C 167 -28.56 9.33 -14.60
CA GLN C 167 -27.49 8.61 -15.30
C GLN C 167 -28.03 7.88 -16.52
N ASP C 168 -29.19 7.25 -16.38
CA ASP C 168 -29.77 6.51 -17.51
C ASP C 168 -30.09 7.45 -18.66
N GLU C 169 -30.65 8.63 -18.36
CA GLU C 169 -30.85 9.62 -19.39
C GLU C 169 -29.51 10.07 -19.98
N LEU C 170 -28.49 10.19 -19.12
CA LEU C 170 -27.21 10.71 -19.56
C LEU C 170 -26.57 9.80 -20.59
N LYS C 171 -26.76 8.49 -20.46
CA LYS C 171 -26.20 7.58 -21.46
C LYS C 171 -26.71 7.92 -22.86
N GLU C 172 -27.97 8.32 -22.96
CA GLU C 172 -28.52 8.69 -24.26
C GLU C 172 -27.97 10.04 -24.72
N SER C 173 -27.79 10.98 -23.78
CA SER C 173 -27.52 12.36 -24.14
C SER C 173 -26.21 12.51 -24.90
N LYS C 174 -26.16 13.53 -25.75
CA LYS C 174 -24.94 13.82 -26.50
C LYS C 174 -23.96 14.65 -25.69
N LEU C 175 -24.46 15.55 -24.86
CA LEU C 175 -23.63 16.53 -24.17
C LEU C 175 -23.84 16.44 -22.67
N ASP C 176 -22.75 16.39 -21.91
CA ASP C 176 -22.79 16.44 -20.47
C ASP C 176 -22.01 17.66 -20.00
N LEU C 177 -22.70 18.63 -19.41
CA LEU C 177 -22.10 19.92 -19.09
C LEU C 177 -22.45 20.33 -17.68
N VAL C 178 -21.49 20.89 -16.97
CA VAL C 178 -21.68 21.41 -15.62
C VAL C 178 -21.46 22.91 -15.67
N VAL C 179 -22.49 23.69 -15.37
CA VAL C 179 -22.37 25.14 -15.35
C VAL C 179 -22.67 25.63 -13.95
N ALA C 180 -21.69 26.28 -13.34
CA ALA C 180 -21.84 26.84 -12.00
C ALA C 180 -21.58 28.33 -12.05
N GLY C 181 -22.55 29.12 -11.65
CA GLY C 181 -22.44 30.56 -11.74
C GLY C 181 -23.20 31.26 -10.62
N THR C 182 -22.73 32.45 -10.30
CA THR C 182 -23.40 33.28 -9.32
C THR C 182 -24.65 33.90 -9.92
N GLU C 183 -25.33 34.74 -9.13
CA GLU C 183 -26.52 35.41 -9.61
C GLU C 183 -26.22 36.32 -10.80
N ALA C 184 -24.98 36.79 -10.92
CA ALA C 184 -24.65 37.79 -11.92
C ALA C 184 -24.23 37.20 -13.25
N ALA C 185 -23.38 36.17 -13.25
CA ALA C 185 -22.88 35.64 -14.51
C ALA C 185 -22.25 34.27 -14.29
N VAL C 186 -22.05 33.58 -15.41
CA VAL C 186 -21.44 32.26 -15.37
C VAL C 186 -20.07 32.34 -14.73
N LEU C 187 -19.75 31.33 -13.92
CA LEU C 187 -18.48 31.30 -13.22
C LEU C 187 -17.57 30.16 -13.64
N MET C 188 -18.10 29.09 -14.22
CA MET C 188 -17.26 28.00 -14.73
C MET C 188 -18.13 27.06 -15.54
N VAL C 189 -17.50 26.38 -16.49
CA VAL C 189 -18.15 25.38 -17.32
C VAL C 189 -17.15 24.25 -17.54
N GLU C 190 -17.58 23.01 -17.36
CA GLU C 190 -16.70 21.87 -17.62
C GLU C 190 -17.54 20.82 -18.34
N SER C 191 -17.42 20.78 -19.66
CA SER C 191 -18.31 19.99 -20.49
C SER C 191 -17.58 18.82 -21.13
N GLU C 192 -18.36 17.98 -21.78
CA GLU C 192 -17.86 16.94 -22.67
C GLU C 192 -18.96 16.69 -23.68
N ALA C 193 -18.78 17.18 -24.90
CA ALA C 193 -19.86 17.10 -25.87
C ALA C 193 -19.62 15.91 -26.80
N GLN C 194 -20.24 15.94 -27.97
CA GLN C 194 -20.07 14.90 -28.96
C GLN C 194 -20.10 15.56 -30.34
N LEU C 195 -19.21 16.54 -30.51
CA LEU C 195 -19.07 17.30 -31.76
C LEU C 195 -20.36 18.05 -32.09
N LEU C 196 -20.80 18.89 -31.16
CA LEU C 196 -21.88 19.83 -31.43
C LEU C 196 -21.31 21.14 -31.94
N SER C 197 -22.15 21.89 -32.65
CA SER C 197 -21.77 23.22 -33.05
C SER C 197 -21.68 24.13 -31.83
N GLU C 198 -20.98 25.25 -32.00
CA GLU C 198 -20.73 26.14 -30.87
C GLU C 198 -22.01 26.77 -30.35
N ASP C 199 -22.99 27.01 -31.22
CA ASP C 199 -24.22 27.64 -30.80
C ASP C 199 -24.97 26.76 -29.80
N GLN C 200 -24.93 25.45 -30.02
CA GLN C 200 -25.62 24.54 -29.11
C GLN C 200 -24.99 24.57 -27.73
N MET C 201 -23.66 24.56 -27.66
CA MET C 201 -22.99 24.61 -26.36
C MET C 201 -23.28 25.92 -25.66
N LEU C 202 -23.30 27.03 -26.39
CA LEU C 202 -23.61 28.29 -25.74
C LEU C 202 -25.04 28.32 -25.22
N GLY C 203 -25.98 27.80 -26.01
CA GLY C 203 -27.34 27.67 -25.53
C GLY C 203 -27.42 26.84 -24.27
N ALA C 204 -26.67 25.73 -24.23
CA ALA C 204 -26.66 24.89 -23.04
C ALA C 204 -26.18 25.67 -21.82
N VAL C 205 -25.10 26.41 -21.97
CA VAL C 205 -24.57 27.16 -20.84
C VAL C 205 -25.60 28.17 -20.35
N VAL C 206 -26.18 28.94 -21.27
CA VAL C 206 -27.11 29.98 -20.84
C VAL C 206 -28.34 29.35 -20.18
N PHE C 207 -28.78 28.20 -20.70
CA PHE C 207 -29.95 27.54 -20.12
C PHE C 207 -29.66 27.06 -18.70
N GLY C 208 -28.54 26.36 -18.53
CA GLY C 208 -28.18 25.89 -17.20
C GLY C 208 -28.12 27.01 -16.19
N HIS C 209 -27.50 28.12 -16.56
CA HIS C 209 -27.36 29.21 -15.59
C HIS C 209 -28.71 29.84 -15.27
N GLU C 210 -29.47 30.19 -16.31
CA GLU C 210 -30.79 30.77 -16.11
C GLU C 210 -31.66 29.88 -15.23
N GLN C 211 -31.46 28.56 -15.29
CA GLN C 211 -32.28 27.69 -14.46
C GLN C 211 -31.78 27.62 -13.02
N GLN C 212 -30.47 27.45 -12.82
CA GLN C 212 -29.92 27.34 -11.47
C GLN C 212 -30.11 28.62 -10.65
N GLN C 213 -30.53 29.71 -11.31
CA GLN C 213 -31.00 30.87 -10.55
C GLN C 213 -31.89 30.49 -9.36
N VAL C 214 -32.66 29.42 -9.47
CA VAL C 214 -33.60 29.04 -8.41
C VAL C 214 -32.83 28.59 -7.17
N VAL C 215 -31.88 27.67 -7.34
CA VAL C 215 -31.05 27.24 -6.23
C VAL C 215 -30.40 28.44 -5.57
N ILE C 216 -29.96 29.40 -6.39
CA ILE C 216 -29.34 30.59 -5.80
C ILE C 216 -30.32 31.32 -4.89
N GLN C 217 -31.53 31.57 -5.41
CA GLN C 217 -32.52 32.29 -4.60
C GLN C 217 -32.80 31.58 -3.29
N ASN C 218 -32.93 30.26 -3.33
CA ASN C 218 -33.33 29.56 -2.12
C ASN C 218 -32.20 29.47 -1.10
N ILE C 219 -30.96 29.30 -1.56
CA ILE C 219 -29.85 29.36 -0.62
C ILE C 219 -29.79 30.75 0.02
N ASN C 220 -30.09 31.79 -0.76
CA ASN C 220 -30.12 33.13 -0.18
C ASN C 220 -31.18 33.22 0.92
N GLU C 221 -32.36 32.65 0.67
CA GLU C 221 -33.40 32.67 1.69
C GLU C 221 -32.96 31.95 2.96
N LEU C 222 -32.31 30.78 2.80
CA LEU C 222 -31.82 30.07 3.97
C LEU C 222 -30.81 30.90 4.75
N VAL C 223 -29.85 31.52 4.06
CA VAL C 223 -28.89 32.38 4.73
C VAL C 223 -29.62 33.47 5.52
N LYS C 224 -30.63 34.08 4.91
CA LYS C 224 -31.38 35.11 5.61
C LYS C 224 -32.07 34.55 6.85
N GLU C 225 -32.48 33.29 6.81
CA GLU C 225 -33.23 32.72 7.92
C GLU C 225 -32.34 32.31 9.09
N ALA C 226 -31.36 31.45 8.82
CA ALA C 226 -30.64 30.79 9.90
C ALA C 226 -29.13 30.81 9.68
N GLY C 227 -28.60 31.95 9.24
CA GLY C 227 -27.17 32.09 9.05
C GLY C 227 -26.51 32.74 10.25
N LYS C 228 -25.20 32.84 10.17
CA LYS C 228 -24.39 33.49 11.19
C LYS C 228 -24.04 34.91 10.78
N PRO C 229 -23.67 35.76 11.73
CA PRO C 229 -23.33 37.14 11.39
C PRO C 229 -22.00 37.23 10.66
N ARG C 230 -21.96 38.15 9.70
CA ARG C 230 -20.80 38.26 8.83
C ARG C 230 -19.58 38.69 9.62
N TRP C 231 -18.41 38.18 9.25
CA TRP C 231 -17.19 38.58 9.90
C TRP C 231 -16.97 40.07 9.73
N ASP C 232 -16.28 40.66 10.69
CA ASP C 232 -15.88 42.06 10.61
C ASP C 232 -14.47 42.09 10.01
N TRP C 233 -14.40 42.01 8.70
CA TRP C 233 -13.13 41.92 8.00
C TRP C 233 -13.05 43.02 6.96
N GLN C 234 -11.94 43.75 6.98
CA GLN C 234 -11.72 44.84 6.06
C GLN C 234 -10.41 44.62 5.31
N PRO C 235 -10.38 44.79 3.99
CA PRO C 235 -9.12 44.63 3.27
C PRO C 235 -8.10 45.65 3.74
N GLU C 236 -6.84 45.32 3.52
CA GLU C 236 -5.74 46.21 3.88
C GLU C 236 -5.90 47.53 3.14
N PRO C 237 -6.11 48.65 3.84
CA PRO C 237 -6.29 49.94 3.15
C PRO C 237 -5.11 50.25 2.25
N VAL C 238 -5.43 50.53 0.98
CA VAL C 238 -4.40 50.75 -0.03
C VAL C 238 -3.53 51.93 0.35
N ASN C 239 -2.23 51.70 0.47
CA ASN C 239 -1.27 52.76 0.76
C ASN C 239 -1.04 53.52 -0.55
N GLU C 240 -1.90 54.51 -0.79
CA GLU C 240 -1.81 55.27 -2.03
C GLU C 240 -0.47 55.97 -2.17
N ALA C 241 0.09 56.43 -1.05
CA ALA C 241 1.33 57.21 -1.09
C ALA C 241 2.47 56.39 -1.66
N LEU C 242 2.71 55.21 -1.09
CA LEU C 242 3.83 54.37 -1.55
C LEU C 242 3.62 53.90 -2.98
N ASN C 243 2.40 53.48 -3.31
CA ASN C 243 2.10 53.04 -4.66
C ASN C 243 2.37 54.14 -5.67
N ALA C 244 1.87 55.35 -5.38
CA ALA C 244 2.08 56.47 -6.30
C ALA C 244 3.55 56.86 -6.38
N ARG C 245 4.28 56.77 -5.26
CA ARG C 245 5.70 57.11 -5.29
C ARG C 245 6.46 56.14 -6.17
N VAL C 246 6.21 54.85 -6.02
CA VAL C 246 6.89 53.87 -6.86
C VAL C 246 6.44 54.00 -8.31
N ALA C 247 5.17 54.33 -8.54
CA ALA C 247 4.66 54.43 -9.90
C ALA C 247 5.26 55.62 -10.63
N ALA C 248 5.38 56.77 -9.94
CA ALA C 248 5.91 57.97 -10.58
C ALA C 248 7.29 57.72 -11.18
N LEU C 249 8.06 56.79 -10.61
CA LEU C 249 9.35 56.46 -11.18
C LEU C 249 9.30 55.28 -12.13
N ALA C 250 8.42 54.30 -11.89
CA ALA C 250 8.48 53.05 -12.63
C ALA C 250 7.58 53.01 -13.87
N GLU C 251 6.54 53.84 -13.93
CA GLU C 251 5.51 53.67 -14.95
C GLU C 251 6.10 53.75 -16.36
N ALA C 252 6.72 54.88 -16.69
CA ALA C 252 7.20 55.07 -18.06
C ALA C 252 8.33 54.13 -18.40
N ARG C 253 9.29 53.96 -17.47
CA ARG C 253 10.44 53.12 -17.78
C ARG C 253 10.02 51.66 -17.98
N LEU C 254 9.10 51.16 -17.16
CA LEU C 254 8.63 49.79 -17.37
C LEU C 254 7.73 49.68 -18.59
N SER C 255 6.96 50.72 -18.91
CA SER C 255 6.17 50.71 -20.14
C SER C 255 7.07 50.53 -21.35
N ASP C 256 8.14 51.35 -21.44
CA ASP C 256 9.06 51.19 -22.55
C ASP C 256 9.83 49.88 -22.49
N ALA C 257 10.17 49.41 -21.28
CA ALA C 257 10.88 48.15 -21.15
C ALA C 257 10.05 46.99 -21.70
N TYR C 258 8.74 47.03 -21.44
CA TYR C 258 7.86 46.02 -22.02
C TYR C 258 7.52 46.31 -23.48
N ARG C 259 7.74 47.55 -23.93
CA ARG C 259 7.45 47.89 -25.31
C ARG C 259 8.41 47.20 -26.28
N ILE C 260 9.64 46.95 -25.84
CA ILE C 260 10.65 46.41 -26.74
C ILE C 260 10.32 44.95 -27.03
N THR C 261 10.63 44.51 -28.25
CA THR C 261 10.16 43.21 -28.73
C THR C 261 10.84 42.06 -28.01
N ASP C 262 12.17 42.09 -27.93
CA ASP C 262 12.91 40.96 -27.38
C ASP C 262 12.50 40.68 -25.94
N LYS C 263 12.29 39.40 -25.64
CA LYS C 263 11.76 39.01 -24.34
C LYS C 263 12.82 39.05 -23.25
N GLN C 264 14.00 38.46 -23.51
CA GLN C 264 14.97 38.24 -22.45
C GLN C 264 15.67 39.54 -22.04
N GLU C 265 15.88 40.46 -22.98
CA GLU C 265 16.42 41.76 -22.59
C GLU C 265 15.44 42.50 -21.68
N ARG C 266 14.15 42.42 -21.98
CA ARG C 266 13.15 42.98 -21.09
C ARG C 266 13.18 42.27 -19.74
N TYR C 267 13.34 40.95 -19.76
CA TYR C 267 13.48 40.19 -18.51
C TYR C 267 14.56 40.79 -17.64
N ALA C 268 15.77 40.91 -18.20
CA ALA C 268 16.90 41.44 -17.43
C ALA C 268 16.66 42.87 -17.00
N GLN C 269 16.12 43.72 -17.88
CA GLN C 269 15.95 45.13 -17.56
C GLN C 269 14.91 45.32 -16.46
N VAL C 270 13.78 44.63 -16.55
CA VAL C 270 12.76 44.74 -15.52
C VAL C 270 13.27 44.16 -14.21
N ASP C 271 14.07 43.09 -14.25
CA ASP C 271 14.62 42.58 -13.00
C ASP C 271 15.60 43.55 -12.37
N VAL C 272 16.38 44.27 -13.19
CA VAL C 272 17.33 45.21 -12.58
C VAL C 272 16.60 46.44 -12.05
N ILE C 273 15.55 46.89 -12.74
CA ILE C 273 14.72 47.95 -12.16
C ILE C 273 14.05 47.47 -10.88
N LYS C 274 13.67 46.19 -10.83
CA LYS C 274 13.08 45.62 -9.63
C LYS C 274 14.07 45.67 -8.48
N SER C 275 15.30 45.22 -8.72
CA SER C 275 16.33 45.24 -7.68
C SER C 275 16.62 46.67 -7.22
N GLU C 276 16.71 47.61 -8.17
CA GLU C 276 16.95 49.00 -7.80
C GLU C 276 15.82 49.55 -6.94
N THR C 277 14.58 49.31 -7.35
CA THR C 277 13.43 49.82 -6.61
C THR C 277 13.34 49.19 -5.22
N ILE C 278 13.59 47.89 -5.12
CA ILE C 278 13.50 47.24 -3.82
C ILE C 278 14.65 47.67 -2.92
N ALA C 279 15.84 47.90 -3.49
CA ALA C 279 16.96 48.40 -2.70
C ALA C 279 16.67 49.78 -2.14
N THR C 280 16.12 50.66 -2.99
CA THR C 280 15.71 51.98 -2.50
C THR C 280 14.63 51.86 -1.44
N LEU C 281 13.64 50.99 -1.67
CA LEU C 281 12.53 50.82 -0.74
C LEU C 281 13.03 50.36 0.63
N LEU C 282 14.03 49.49 0.65
CA LEU C 282 14.59 49.06 1.93
C LEU C 282 15.45 50.16 2.56
N ALA C 283 16.35 50.75 1.77
CA ALA C 283 17.29 51.72 2.33
C ALA C 283 16.57 52.93 2.91
N GLU C 284 15.54 53.42 2.20
CA GLU C 284 14.80 54.56 2.72
C GLU C 284 14.06 54.21 4.01
N ASP C 285 13.52 52.99 4.10
CA ASP C 285 12.80 52.58 5.30
C ASP C 285 12.84 51.05 5.37
N GLU C 286 13.50 50.53 6.41
CA GLU C 286 13.63 49.09 6.56
C GLU C 286 12.27 48.44 6.84
N THR C 287 11.40 49.13 7.57
CA THR C 287 10.19 48.50 8.09
C THR C 287 9.26 48.03 6.97
N LEU C 288 9.27 48.71 5.82
CA LEU C 288 8.36 48.34 4.74
C LEU C 288 8.58 46.89 4.34
N ASP C 289 7.51 46.10 4.38
CA ASP C 289 7.62 44.66 4.15
C ASP C 289 7.93 44.36 2.70
N GLU C 290 8.73 43.30 2.50
CA GLU C 290 9.12 42.92 1.15
C GLU C 290 7.92 42.48 0.32
N ASN C 291 6.98 41.77 0.96
CA ASN C 291 5.82 41.26 0.23
C ASN C 291 4.95 42.41 -0.28
N GLU C 292 4.87 43.51 0.47
CA GLU C 292 4.12 44.67 0.00
C GLU C 292 4.73 45.23 -1.27
N LEU C 293 6.06 45.34 -1.30
CA LEU C 293 6.73 45.84 -2.49
C LEU C 293 6.54 44.88 -3.67
N GLY C 294 6.56 43.56 -3.39
CA GLY C 294 6.34 42.58 -4.43
C GLY C 294 4.96 42.66 -5.03
N GLU C 295 3.96 42.88 -4.17
CA GLU C 295 2.59 43.13 -4.62
C GLU C 295 2.55 44.38 -5.48
N ILE C 296 3.28 45.43 -5.06
CA ILE C 296 3.31 46.65 -5.85
C ILE C 296 3.86 46.37 -7.25
N LEU C 297 4.96 45.62 -7.31
CA LEU C 297 5.57 45.31 -8.60
C LEU C 297 4.64 44.48 -9.48
N HIS C 298 4.00 43.48 -8.88
CA HIS C 298 3.03 42.68 -9.63
C HIS C 298 1.92 43.57 -10.18
N ALA C 299 1.47 44.54 -9.37
CA ALA C 299 0.43 45.45 -9.83
C ALA C 299 0.91 46.27 -11.02
N ILE C 300 2.13 46.79 -10.94
CA ILE C 300 2.66 47.61 -12.04
C ILE C 300 2.73 46.78 -13.32
N GLU C 301 3.29 45.57 -13.22
CA GLU C 301 3.44 44.72 -14.39
C GLU C 301 2.08 44.40 -15.01
N LYS C 302 1.14 43.93 -14.18
CA LYS C 302 -0.19 43.61 -14.68
C LYS C 302 -0.82 44.81 -15.34
N ASN C 303 -0.74 45.98 -14.69
CA ASN C 303 -1.38 47.17 -15.22
C ASN C 303 -0.80 47.54 -16.58
N VAL C 304 0.53 47.56 -16.70
CA VAL C 304 1.12 48.00 -17.95
C VAL C 304 0.79 47.03 -19.07
N VAL C 305 0.88 45.72 -18.81
CA VAL C 305 0.60 44.76 -19.88
C VAL C 305 -0.85 44.82 -20.30
N ARG C 306 -1.76 44.96 -19.33
CA ARG C 306 -3.18 45.05 -19.66
C ARG C 306 -3.48 46.31 -20.45
N SER C 307 -2.95 47.45 -20.00
CA SER C 307 -3.16 48.69 -20.73
C SER C 307 -2.64 48.58 -22.16
N ARG C 308 -1.52 47.88 -22.34
CA ARG C 308 -0.99 47.72 -23.69
C ARG C 308 -1.91 46.86 -24.55
N VAL C 309 -2.26 45.67 -24.07
CA VAL C 309 -3.04 44.76 -24.90
C VAL C 309 -4.41 45.35 -25.20
N LEU C 310 -4.95 46.16 -24.29
CA LEU C 310 -6.24 46.77 -24.54
C LEU C 310 -6.17 47.75 -25.70
N ALA C 311 -5.11 48.55 -25.77
CA ALA C 311 -4.97 49.55 -26.81
C ALA C 311 -4.75 48.96 -28.19
N GLY C 312 -4.52 47.65 -28.29
CA GLY C 312 -4.23 47.03 -29.57
C GLY C 312 -2.76 46.90 -29.89
N GLU C 313 -1.88 47.26 -28.97
CA GLU C 313 -0.46 47.13 -29.18
C GLU C 313 -0.09 45.64 -29.14
N PRO C 314 0.96 45.24 -29.87
CA PRO C 314 1.31 43.81 -29.92
C PRO C 314 1.66 43.26 -28.55
N ARG C 315 1.32 41.98 -28.34
CA ARG C 315 1.48 41.36 -27.04
C ARG C 315 2.95 41.13 -26.73
N ILE C 316 3.22 40.69 -25.49
CA ILE C 316 4.60 40.48 -25.07
C ILE C 316 5.30 39.48 -25.98
N ASP C 317 4.55 38.50 -26.47
CA ASP C 317 5.12 37.54 -27.41
C ASP C 317 5.49 38.22 -28.73
N GLY C 318 4.77 39.27 -29.09
CA GLY C 318 4.93 39.88 -30.39
C GLY C 318 3.92 39.46 -31.44
N ARG C 319 2.92 38.67 -31.05
CA ARG C 319 1.88 38.23 -31.96
C ARG C 319 0.66 39.14 -31.86
N GLU C 320 -0.13 39.15 -32.92
CA GLU C 320 -1.45 39.76 -32.84
C GLU C 320 -2.38 38.88 -32.02
N LYS C 321 -3.56 39.42 -31.70
CA LYS C 321 -4.49 38.67 -30.87
C LYS C 321 -4.90 37.36 -31.54
N ASP C 322 -5.10 37.38 -32.86
CA ASP C 322 -5.55 36.17 -33.54
C ASP C 322 -4.43 35.16 -33.75
N MET C 323 -3.21 35.64 -34.02
CA MET C 323 -2.14 34.76 -34.47
C MET C 323 -1.81 33.67 -33.45
N ILE C 324 -1.66 32.45 -33.92
CA ILE C 324 -1.22 31.32 -33.12
C ILE C 324 0.29 31.19 -33.21
N ARG C 325 0.91 30.72 -32.14
CA ARG C 325 2.33 30.43 -32.19
C ARG C 325 2.61 29.35 -33.23
N GLY C 326 3.81 29.40 -33.80
CA GLY C 326 4.17 28.41 -34.81
C GLY C 326 4.25 27.02 -34.22
N LEU C 327 3.88 26.03 -35.04
CA LEU C 327 3.84 24.65 -34.61
C LEU C 327 4.78 23.80 -35.44
N ASP C 328 5.15 22.66 -34.88
CA ASP C 328 5.93 21.64 -35.58
C ASP C 328 5.52 20.29 -35.04
N VAL C 329 4.82 19.51 -35.85
CA VAL C 329 4.34 18.20 -35.44
C VAL C 329 5.29 17.13 -35.96
N ARG C 330 5.58 16.15 -35.13
CA ARG C 330 6.45 15.04 -35.50
C ARG C 330 5.78 13.76 -35.06
N THR C 331 5.92 12.72 -35.88
CA THR C 331 5.32 11.44 -35.59
C THR C 331 6.37 10.34 -35.67
N GLY C 332 6.12 9.24 -34.98
CA GLY C 332 7.10 8.17 -34.91
C GLY C 332 8.40 8.57 -34.25
N VAL C 333 8.35 9.44 -33.25
CA VAL C 333 9.56 9.88 -32.58
C VAL C 333 10.15 8.74 -31.76
N LEU C 334 9.32 7.94 -31.15
CA LEU C 334 9.83 6.88 -30.31
C LEU C 334 9.91 5.59 -31.11
N PRO C 335 10.98 4.81 -30.96
CA PRO C 335 11.17 3.66 -31.85
C PRO C 335 10.19 2.52 -31.63
N ARG C 336 9.94 2.12 -30.38
CA ARG C 336 9.28 0.85 -30.13
C ARG C 336 7.89 0.96 -29.53
N THR C 337 7.44 2.15 -29.17
CA THR C 337 6.08 2.26 -28.68
C THR C 337 5.10 1.99 -29.81
N HIS C 338 3.90 1.57 -29.44
CA HIS C 338 2.90 1.19 -30.44
C HIS C 338 2.57 2.36 -31.36
N GLY C 339 2.67 3.57 -30.87
CA GLY C 339 2.50 4.75 -31.68
C GLY C 339 2.83 5.98 -30.87
N SER C 340 3.53 6.94 -31.46
CA SER C 340 3.96 8.09 -30.69
C SER C 340 3.96 9.31 -31.56
N ALA C 341 3.96 10.48 -30.92
CA ALA C 341 4.00 11.74 -31.63
C ALA C 341 4.57 12.78 -30.70
N LEU C 342 4.92 13.93 -31.28
CA LEU C 342 5.50 15.03 -30.52
C LEU C 342 4.94 16.31 -31.10
N PHE C 343 4.06 16.97 -30.36
CA PHE C 343 3.36 18.15 -30.84
C PHE C 343 3.96 19.37 -30.17
N THR C 344 4.86 20.05 -30.88
CA THR C 344 5.51 21.24 -30.37
C THR C 344 4.79 22.46 -30.92
N ARG C 345 4.26 23.29 -30.01
CA ARG C 345 3.67 24.56 -30.37
C ARG C 345 4.37 25.65 -29.58
N GLY C 346 4.98 26.60 -30.27
CA GLY C 346 5.70 27.65 -29.60
C GLY C 346 6.71 27.11 -28.62
N GLU C 347 6.45 27.27 -27.33
CA GLU C 347 7.25 26.65 -26.29
C GLU C 347 6.58 25.49 -25.61
N THR C 348 5.26 25.36 -25.70
CA THR C 348 4.57 24.24 -25.08
C THR C 348 4.73 23.02 -25.97
N GLN C 349 5.18 21.92 -25.39
CA GLN C 349 5.52 20.74 -26.15
C GLN C 349 5.03 19.53 -25.39
N ALA C 350 4.65 18.49 -26.12
CA ALA C 350 4.09 17.31 -25.47
C ALA C 350 4.45 16.09 -26.28
N LEU C 351 4.94 15.06 -25.60
CA LEU C 351 5.34 13.82 -26.23
C LEU C 351 4.30 12.77 -25.88
N VAL C 352 3.37 12.56 -26.79
CA VAL C 352 2.24 11.68 -26.57
C VAL C 352 2.55 10.31 -27.17
N THR C 353 2.13 9.25 -26.50
CA THR C 353 2.41 7.90 -26.94
C THR C 353 1.25 6.99 -26.59
N ALA C 354 0.70 6.30 -27.58
CA ALA C 354 -0.48 5.47 -27.40
C ALA C 354 -0.09 4.01 -27.51
N THR C 355 -0.56 3.21 -26.56
CA THR C 355 -0.18 1.79 -26.48
C THR C 355 -1.43 0.95 -26.34
N LEU C 356 -1.57 -0.06 -27.17
CA LEU C 356 -2.72 -0.94 -27.14
C LEU C 356 -2.49 -2.11 -26.21
N GLY C 357 -3.59 -2.69 -25.72
CA GLY C 357 -3.53 -3.89 -24.90
C GLY C 357 -4.82 -4.66 -25.05
N THR C 358 -4.89 -5.78 -24.36
CA THR C 358 -6.05 -6.65 -24.46
C THR C 358 -7.01 -6.38 -23.31
N ALA C 359 -8.20 -6.97 -23.38
CA ALA C 359 -9.29 -6.64 -22.47
C ALA C 359 -8.97 -6.92 -21.02
N ARG C 360 -7.95 -7.73 -20.74
CA ARG C 360 -7.56 -7.95 -19.35
C ARG C 360 -7.02 -6.68 -18.70
N ASP C 361 -6.57 -5.72 -19.50
CA ASP C 361 -5.89 -4.55 -18.98
C ASP C 361 -6.80 -3.36 -18.75
N ALA C 362 -8.02 -3.39 -19.28
CA ALA C 362 -8.96 -2.30 -19.06
C ALA C 362 -9.17 -2.07 -17.58
N GLN C 363 -9.08 -0.81 -17.16
CA GLN C 363 -9.22 -0.48 -15.75
C GLN C 363 -10.62 -0.81 -15.27
N VAL C 364 -10.72 -1.42 -14.11
CA VAL C 364 -11.99 -1.79 -13.51
C VAL C 364 -12.23 -0.83 -12.36
N LEU C 365 -13.10 0.14 -12.56
CA LEU C 365 -13.34 1.20 -11.61
C LEU C 365 -14.48 0.81 -10.68
N ASP C 366 -14.25 0.97 -9.38
CA ASP C 366 -15.26 0.72 -8.37
C ASP C 366 -15.59 2.06 -7.73
N GLU C 367 -16.66 2.69 -8.17
CA GLU C 367 -17.08 3.97 -7.65
C GLU C 367 -18.48 3.86 -7.07
N LEU C 368 -18.96 4.97 -6.51
CA LEU C 368 -20.20 4.96 -5.74
C LEU C 368 -21.38 4.55 -6.61
N MET C 369 -21.53 5.17 -7.76
CA MET C 369 -22.71 4.95 -8.60
C MET C 369 -22.84 3.47 -8.96
N GLY C 370 -21.86 2.93 -9.68
CA GLY C 370 -21.86 1.51 -9.99
C GLY C 370 -20.49 1.10 -10.46
N GLU C 371 -20.31 -0.20 -10.59
CA GLU C 371 -19.05 -0.71 -11.12
C GLU C 371 -18.98 -0.40 -12.61
N ARG C 372 -17.78 -0.08 -13.08
CA ARG C 372 -17.59 0.35 -14.46
C ARG C 372 -16.19 0.01 -14.91
N THR C 373 -16.08 -0.59 -16.09
CA THR C 373 -14.80 -0.88 -16.70
C THR C 373 -14.48 0.21 -17.70
N ASP C 374 -13.26 0.74 -17.62
CA ASP C 374 -12.82 1.82 -18.50
C ASP C 374 -11.86 1.25 -19.52
N THR C 375 -12.12 1.54 -20.79
CA THR C 375 -11.30 1.03 -21.89
C THR C 375 -10.73 2.16 -22.70
N PHE C 376 -10.29 3.21 -22.02
CA PHE C 376 -9.54 4.29 -22.67
C PHE C 376 -8.93 5.11 -21.54
N LEU C 377 -7.70 4.81 -21.20
CA LEU C 377 -7.01 5.48 -20.11
C LEU C 377 -6.16 6.60 -20.68
N PHE C 378 -6.34 7.80 -20.15
CA PHE C 378 -5.54 8.94 -20.53
C PHE C 378 -4.83 9.45 -19.29
N HIS C 379 -3.51 9.45 -19.33
CA HIS C 379 -2.71 9.94 -18.23
C HIS C 379 -1.88 11.11 -18.72
N TYR C 380 -1.64 12.07 -17.83
CA TYR C 380 -0.96 13.31 -18.20
C TYR C 380 0.08 13.60 -17.13
N ASN C 381 1.35 13.53 -17.48
CA ASN C 381 2.43 13.73 -16.54
C ASN C 381 3.05 15.10 -16.76
N PHE C 382 3.19 15.87 -15.68
CA PHE C 382 3.75 17.21 -15.74
C PHE C 382 5.03 17.25 -14.92
N PRO C 383 6.13 16.74 -15.47
CA PRO C 383 7.35 16.64 -14.69
C PRO C 383 7.93 18.03 -14.47
N PRO C 384 8.67 18.23 -13.37
CA PRO C 384 9.13 19.57 -13.03
C PRO C 384 10.31 20.07 -13.86
N TYR C 385 10.95 19.23 -14.67
CA TYR C 385 11.96 19.75 -15.57
C TYR C 385 11.36 20.44 -16.77
N SER C 386 10.07 20.72 -16.73
CA SER C 386 9.39 21.41 -17.83
C SER C 386 9.47 22.91 -17.63
N VAL C 387 8.87 23.41 -16.54
CA VAL C 387 8.88 24.83 -16.27
C VAL C 387 10.29 25.37 -16.14
N GLY C 388 11.24 24.52 -15.80
CA GLY C 388 12.62 24.93 -15.67
C GLY C 388 13.17 24.91 -14.26
N GLU C 389 12.43 24.37 -13.31
CA GLU C 389 12.83 24.39 -11.91
C GLU C 389 12.82 22.97 -11.36
N THR C 390 13.78 22.69 -10.49
CA THR C 390 13.81 21.39 -9.83
C THR C 390 12.56 21.21 -8.97
N GLY C 391 12.29 19.97 -8.61
CA GLY C 391 11.14 19.65 -7.81
C GLY C 391 10.98 18.16 -7.64
N MET C 392 10.49 17.72 -6.49
CA MET C 392 10.36 16.30 -6.23
C MET C 392 9.24 15.70 -7.05
N VAL C 393 9.55 14.65 -7.81
CA VAL C 393 8.52 13.91 -8.51
C VAL C 393 7.81 13.03 -7.49
N GLY C 394 6.66 12.49 -7.86
CA GLY C 394 5.88 11.72 -6.92
C GLY C 394 4.52 11.39 -7.50
N SER C 395 3.59 11.09 -6.60
CA SER C 395 2.22 10.87 -7.03
C SER C 395 1.71 12.10 -7.78
N PRO C 396 0.83 11.91 -8.75
CA PRO C 396 0.39 13.05 -9.57
C PRO C 396 -0.40 14.06 -8.75
N LYS C 397 -0.04 15.32 -8.92
CA LYS C 397 -0.73 16.36 -8.14
C LYS C 397 -2.12 16.52 -8.68
N ARG C 398 -2.97 17.26 -8.01
CA ARG C 398 -4.36 17.47 -8.40
C ARG C 398 -4.53 18.00 -9.82
N ARG C 399 -3.74 18.99 -10.21
CA ARG C 399 -3.93 19.60 -11.52
C ARG C 399 -3.65 18.60 -12.63
N GLU C 400 -2.70 17.69 -12.43
CA GLU C 400 -2.46 16.67 -13.44
C GLU C 400 -3.63 15.72 -13.57
N ILE C 401 -4.23 15.32 -12.45
CA ILE C 401 -5.42 14.47 -12.52
C ILE C 401 -6.63 15.24 -13.01
N GLY C 402 -6.56 16.56 -13.09
CA GLY C 402 -7.63 17.30 -13.72
C GLY C 402 -7.44 17.38 -15.22
N HIS C 403 -6.22 17.67 -15.64
CA HIS C 403 -5.94 17.82 -17.06
C HIS C 403 -5.96 16.49 -17.79
N GLY C 404 -5.64 15.40 -17.10
CA GLY C 404 -5.84 14.09 -17.69
C GLY C 404 -7.28 13.95 -18.12
N ARG C 405 -8.20 14.19 -17.19
CA ARG C 405 -9.61 14.07 -17.52
C ARG C 405 -10.02 15.05 -18.60
N LEU C 406 -9.45 16.26 -18.60
CA LEU C 406 -9.84 17.22 -19.62
C LEU C 406 -9.46 16.74 -21.00
N ALA C 407 -8.19 16.34 -21.18
CA ALA C 407 -7.79 15.82 -22.48
C ALA C 407 -8.60 14.59 -22.84
N LYS C 408 -8.97 13.77 -21.86
CA LYS C 408 -9.74 12.58 -22.18
C LYS C 408 -11.13 12.95 -22.67
N ARG C 409 -11.73 13.97 -22.08
CA ARG C 409 -12.98 14.49 -22.62
C ARG C 409 -12.77 14.98 -24.04
N GLY C 410 -11.65 15.65 -24.29
CA GLY C 410 -11.40 16.18 -25.62
C GLY C 410 -11.31 15.09 -26.68
N VAL C 411 -10.70 13.96 -26.34
CA VAL C 411 -10.50 12.91 -27.33
C VAL C 411 -11.65 11.91 -27.39
N LEU C 412 -12.40 11.74 -26.30
CA LEU C 412 -13.39 10.68 -26.23
C LEU C 412 -14.48 10.80 -27.27
N ALA C 413 -14.67 11.98 -27.83
CA ALA C 413 -15.76 12.17 -28.79
C ALA C 413 -15.53 11.39 -30.07
N VAL C 414 -14.28 11.03 -30.37
CA VAL C 414 -13.94 10.45 -31.66
C VAL C 414 -13.43 9.03 -31.58
N MET C 415 -13.24 8.47 -30.39
CA MET C 415 -12.74 7.12 -30.31
C MET C 415 -13.75 6.13 -30.88
N PRO C 416 -13.28 5.02 -31.43
CA PRO C 416 -14.20 4.05 -32.02
C PRO C 416 -14.77 3.08 -30.99
N ASP C 417 -15.99 2.65 -31.25
CA ASP C 417 -16.68 1.74 -30.34
C ASP C 417 -15.96 0.40 -30.27
N MET C 418 -16.14 -0.28 -29.14
CA MET C 418 -15.33 -1.45 -28.85
C MET C 418 -15.57 -2.59 -29.82
N ASP C 419 -16.77 -2.69 -30.38
CA ASP C 419 -17.04 -3.74 -31.37
C ASP C 419 -16.22 -3.53 -32.63
N LYS C 420 -15.92 -2.28 -32.98
CA LYS C 420 -15.11 -1.98 -34.15
C LYS C 420 -13.62 -2.09 -33.86
N PHE C 421 -13.23 -2.08 -32.59
CA PHE C 421 -11.82 -2.08 -32.21
C PHE C 421 -11.71 -2.75 -30.85
N PRO C 422 -11.34 -4.01 -30.82
CA PRO C 422 -11.37 -4.79 -29.57
C PRO C 422 -10.13 -4.61 -28.71
N TYR C 423 -9.66 -3.38 -28.57
CA TYR C 423 -8.46 -3.07 -27.80
C TYR C 423 -8.80 -2.05 -26.73
N THR C 424 -7.87 -1.85 -25.81
CA THR C 424 -8.01 -0.89 -24.72
C THR C 424 -6.85 0.08 -24.78
N VAL C 425 -7.03 1.17 -25.52
CA VAL C 425 -5.96 2.13 -25.73
C VAL C 425 -5.65 2.85 -24.43
N ARG C 426 -4.36 3.06 -24.18
CA ARG C 426 -3.92 3.88 -23.06
C ARG C 426 -2.97 4.93 -23.61
N VAL C 427 -3.26 6.20 -23.38
CA VAL C 427 -2.52 7.30 -23.97
C VAL C 427 -1.84 8.07 -22.85
N VAL C 428 -0.51 8.09 -22.86
CA VAL C 428 0.24 8.91 -21.92
C VAL C 428 0.72 10.12 -22.69
N SER C 429 1.04 11.20 -21.98
CA SER C 429 1.49 12.40 -22.67
C SER C 429 2.28 13.26 -21.67
N GLU C 430 3.58 13.02 -21.59
CA GLU C 430 4.43 13.84 -20.75
C GLU C 430 4.62 15.20 -21.40
N ILE C 431 4.73 16.23 -20.57
CA ILE C 431 4.94 17.59 -21.03
C ILE C 431 6.40 17.95 -20.81
N THR C 432 7.19 17.91 -21.88
CA THR C 432 8.60 18.25 -21.75
C THR C 432 8.80 19.75 -21.57
N GLU C 433 8.00 20.57 -22.22
CA GLU C 433 8.09 22.02 -22.08
C GLU C 433 6.70 22.61 -21.94
N SER C 434 6.51 23.45 -20.92
CA SER C 434 5.22 24.08 -20.68
C SER C 434 5.38 25.58 -20.61
N ASN C 435 4.56 26.29 -21.37
CA ASN C 435 4.53 27.74 -21.29
C ASN C 435 3.11 28.26 -21.37
N GLY C 436 2.11 27.39 -21.20
CA GLY C 436 0.73 27.80 -21.30
C GLY C 436 -0.05 26.88 -22.21
N SER C 437 -1.27 26.53 -21.81
CA SER C 437 -2.12 25.64 -22.59
C SER C 437 -1.44 24.31 -22.84
N SER C 438 -1.02 23.66 -21.76
CA SER C 438 -0.37 22.37 -21.91
C SER C 438 -1.37 21.28 -22.25
N SER C 439 -2.56 21.33 -21.65
CA SER C 439 -3.53 20.27 -21.84
C SER C 439 -4.03 20.22 -23.28
N MET C 440 -4.15 21.36 -23.94
CA MET C 440 -4.62 21.32 -25.31
C MET C 440 -3.54 20.82 -26.26
N ALA C 441 -2.28 21.15 -26.01
CA ALA C 441 -1.20 20.49 -26.73
C ALA C 441 -1.25 18.99 -26.52
N SER C 442 -1.60 18.56 -25.32
CA SER C 442 -1.72 17.13 -25.06
C SER C 442 -2.85 16.53 -25.87
N VAL C 443 -3.96 17.25 -26.02
CA VAL C 443 -5.06 16.74 -26.82
C VAL C 443 -4.63 16.57 -28.27
N CYS C 444 -3.95 17.58 -28.82
CA CYS C 444 -3.48 17.49 -30.19
C CYS C 444 -2.55 16.30 -30.37
N GLY C 445 -1.59 16.16 -29.46
CA GLY C 445 -0.66 15.05 -29.57
C GLY C 445 -1.32 13.71 -29.40
N ALA C 446 -2.39 13.63 -28.61
CA ALA C 446 -3.11 12.38 -28.49
C ALA C 446 -3.83 12.03 -29.78
N SER C 447 -4.43 13.04 -30.41
CA SER C 447 -5.02 12.79 -31.72
C SER C 447 -3.97 12.28 -32.69
N LEU C 448 -2.80 12.89 -32.68
CA LEU C 448 -1.72 12.48 -33.57
C LEU C 448 -1.32 11.03 -33.31
N ALA C 449 -0.98 10.71 -32.06
CA ALA C 449 -0.52 9.38 -31.72
C ALA C 449 -1.56 8.33 -32.07
N LEU C 450 -2.81 8.54 -31.64
CA LEU C 450 -3.88 7.62 -32.02
C LEU C 450 -3.92 7.43 -33.52
N MET C 451 -3.85 8.53 -34.28
CA MET C 451 -3.84 8.43 -35.73
C MET C 451 -2.65 7.64 -36.23
N ASP C 452 -1.58 7.54 -35.44
CA ASP C 452 -0.38 6.86 -35.91
C ASP C 452 -0.35 5.39 -35.53
N ALA C 453 -0.68 5.06 -34.28
CA ALA C 453 -0.65 3.66 -33.86
C ALA C 453 -1.65 2.81 -34.61
N GLY C 454 -2.61 3.43 -35.29
CA GLY C 454 -3.54 2.71 -36.14
C GLY C 454 -4.96 2.67 -35.64
N VAL C 455 -5.27 3.31 -34.52
CA VAL C 455 -6.66 3.32 -34.08
C VAL C 455 -7.51 4.00 -35.15
N PRO C 456 -8.63 3.44 -35.55
CA PRO C 456 -9.41 4.06 -36.63
C PRO C 456 -10.35 5.13 -36.12
N ILE C 457 -9.78 6.21 -35.58
CA ILE C 457 -10.61 7.27 -35.04
C ILE C 457 -11.33 7.99 -36.16
N LYS C 458 -12.40 8.70 -35.79
CA LYS C 458 -13.26 9.36 -36.77
C LYS C 458 -12.51 10.48 -37.49
N ALA C 459 -12.04 11.46 -36.73
CA ALA C 459 -11.35 12.59 -37.34
C ALA C 459 -10.47 13.25 -36.29
N ALA C 460 -9.36 13.83 -36.75
CA ALA C 460 -8.39 14.41 -35.84
C ALA C 460 -9.05 15.51 -35.01
N VAL C 461 -8.61 15.62 -33.76
CA VAL C 461 -9.10 16.63 -32.85
C VAL C 461 -7.94 17.55 -32.47
N ALA C 462 -8.27 18.78 -32.09
CA ALA C 462 -7.25 19.74 -31.76
C ALA C 462 -7.80 20.72 -30.75
N GLY C 463 -6.94 21.19 -29.86
CA GLY C 463 -7.40 22.09 -28.82
C GLY C 463 -6.59 23.36 -28.72
N ILE C 464 -7.26 24.50 -28.58
CA ILE C 464 -6.59 25.79 -28.48
C ILE C 464 -7.14 26.53 -27.28
N ALA C 465 -6.27 26.87 -26.33
CA ALA C 465 -6.69 27.70 -25.22
C ALA C 465 -6.90 29.13 -25.68
N MET C 466 -7.70 29.88 -24.92
CA MET C 466 -7.96 31.27 -25.24
C MET C 466 -7.96 32.10 -23.97
N GLY C 467 -8.02 33.42 -24.16
CA GLY C 467 -8.06 34.34 -23.05
C GLY C 467 -9.00 35.49 -23.33
N LEU C 468 -9.20 36.32 -22.32
CA LEU C 468 -10.05 37.48 -22.45
C LEU C 468 -9.58 38.57 -21.50
N VAL C 469 -9.44 39.78 -22.02
CA VAL C 469 -9.09 40.94 -21.23
C VAL C 469 -10.16 41.98 -21.49
N LYS C 470 -10.96 42.28 -20.48
CA LYS C 470 -12.06 43.21 -20.63
C LYS C 470 -12.02 44.22 -19.50
N GLU C 471 -12.12 45.50 -19.84
CA GLU C 471 -12.19 46.57 -18.87
C GLU C 471 -13.37 47.46 -19.25
N GLY C 472 -14.29 47.64 -18.31
CA GLY C 472 -15.50 48.40 -18.61
C GLY C 472 -16.27 47.73 -19.73
N ASP C 473 -16.41 48.45 -20.84
CA ASP C 473 -17.05 47.90 -22.04
C ASP C 473 -16.03 47.63 -23.14
N ASN C 474 -14.77 47.99 -22.94
CA ASN C 474 -13.73 47.71 -23.92
C ASN C 474 -13.14 46.34 -23.65
N TYR C 475 -13.26 45.44 -24.61
CA TYR C 475 -12.81 44.07 -24.44
C TYR C 475 -12.10 43.62 -25.71
N VAL C 476 -11.15 42.71 -25.53
CA VAL C 476 -10.43 42.12 -26.64
C VAL C 476 -10.10 40.68 -26.30
N VAL C 477 -10.35 39.79 -27.24
CA VAL C 477 -10.14 38.37 -27.03
C VAL C 477 -8.74 37.99 -27.52
N LEU C 478 -8.17 36.95 -26.90
CA LEU C 478 -6.81 36.53 -27.16
C LEU C 478 -6.81 35.07 -27.56
N SER C 479 -5.81 34.66 -28.32
CA SER C 479 -5.68 33.27 -28.75
C SER C 479 -4.31 32.73 -28.35
N ASP C 480 -4.28 31.47 -27.92
CA ASP C 480 -3.05 30.79 -27.53
C ASP C 480 -2.31 31.58 -26.45
N ILE C 481 -3.02 31.96 -25.40
CA ILE C 481 -2.44 32.80 -24.36
C ILE C 481 -1.28 32.09 -23.68
N LEU C 482 -0.18 32.81 -23.52
CA LEU C 482 0.91 32.34 -22.68
C LEU C 482 0.47 32.36 -21.22
N GLY C 483 1.27 31.71 -20.37
CA GLY C 483 0.95 31.71 -18.95
C GLY C 483 0.99 33.09 -18.34
N ASP C 484 2.02 33.87 -18.69
CA ASP C 484 2.12 35.24 -18.19
C ASP C 484 0.91 36.05 -18.60
N GLU C 485 0.43 35.85 -19.82
CA GLU C 485 -0.80 36.51 -20.26
C GLU C 485 -2.00 36.00 -19.47
N ASP C 486 -2.00 34.71 -19.15
CA ASP C 486 -3.15 34.14 -18.46
C ASP C 486 -3.31 34.74 -17.08
N HIS C 487 -2.21 34.92 -16.35
CA HIS C 487 -2.32 35.54 -15.03
C HIS C 487 -2.95 36.92 -15.13
N LEU C 488 -2.57 37.68 -16.15
CA LEU C 488 -3.12 39.01 -16.33
C LEU C 488 -4.50 38.96 -16.97
N GLY C 489 -4.75 37.96 -17.81
CA GLY C 489 -6.03 37.87 -18.49
C GLY C 489 -7.16 37.62 -17.51
N ASP C 490 -8.36 38.11 -17.87
CA ASP C 490 -9.52 38.01 -17.01
C ASP C 490 -10.28 36.70 -17.17
N MET C 491 -9.95 35.88 -18.16
CA MET C 491 -10.66 34.63 -18.37
C MET C 491 -9.77 33.71 -19.17
N ASP C 492 -9.81 32.41 -18.85
CA ASP C 492 -9.18 31.40 -19.67
C ASP C 492 -10.22 30.34 -20.02
N PHE C 493 -10.42 30.11 -21.31
CA PHE C 493 -11.46 29.20 -21.76
C PHE C 493 -10.86 28.31 -22.85
N LYS C 494 -11.00 27.01 -22.68
CA LYS C 494 -10.30 26.01 -23.48
C LYS C 494 -11.32 25.19 -24.27
N VAL C 495 -11.31 25.35 -25.59
CA VAL C 495 -12.19 24.58 -26.47
C VAL C 495 -11.35 23.59 -27.24
N ALA C 496 -11.84 22.36 -27.39
CA ALA C 496 -11.07 21.31 -28.06
C ALA C 496 -12.04 20.40 -28.80
N GLY C 497 -12.07 20.50 -30.12
CA GLY C 497 -12.92 19.61 -30.89
C GLY C 497 -12.46 19.47 -32.31
N SER C 498 -13.09 18.55 -33.02
CA SER C 498 -12.80 18.40 -34.43
C SER C 498 -13.29 19.61 -35.21
N ARG C 499 -13.01 19.61 -36.51
CA ARG C 499 -13.44 20.72 -37.34
C ARG C 499 -14.95 20.84 -37.38
N ASP C 500 -15.66 19.71 -37.35
CA ASP C 500 -17.11 19.76 -37.43
C ASP C 500 -17.74 20.31 -36.16
N GLY C 501 -17.30 19.83 -35.00
CA GLY C 501 -17.98 20.17 -33.76
C GLY C 501 -17.05 20.22 -32.57
N ILE C 502 -17.56 20.79 -31.49
CA ILE C 502 -16.80 20.98 -30.26
C ILE C 502 -16.85 19.68 -29.46
N SER C 503 -15.67 19.19 -29.05
CA SER C 503 -15.65 17.98 -28.24
C SER C 503 -15.62 18.29 -26.76
N ALA C 504 -14.97 19.39 -26.35
CA ALA C 504 -14.82 19.68 -24.94
C ALA C 504 -14.62 21.16 -24.72
N LEU C 505 -15.27 21.68 -23.69
CA LEU C 505 -15.18 23.08 -23.27
C LEU C 505 -14.75 23.10 -21.82
N GLN C 506 -14.07 24.15 -21.39
CA GLN C 506 -13.73 24.31 -19.98
C GLN C 506 -13.45 25.76 -19.66
N MET C 507 -14.47 26.59 -19.71
CA MET C 507 -14.33 28.00 -19.36
C MET C 507 -13.97 28.14 -17.88
N ASP C 508 -13.52 29.33 -17.49
CA ASP C 508 -13.22 29.63 -16.10
C ASP C 508 -13.13 31.14 -15.93
N ILE C 509 -14.24 31.83 -16.21
CA ILE C 509 -14.30 33.28 -16.07
C ILE C 509 -14.08 33.66 -14.62
N LYS C 510 -13.48 34.84 -14.39
CA LYS C 510 -13.13 35.29 -13.06
C LYS C 510 -13.64 36.66 -12.67
N ILE C 511 -14.03 37.51 -13.62
CA ILE C 511 -14.33 38.91 -13.32
C ILE C 511 -15.74 39.25 -13.77
N GLU C 512 -16.47 39.94 -12.90
CA GLU C 512 -17.76 40.62 -13.17
C GLU C 512 -18.63 39.73 -14.05
N GLY C 513 -19.27 40.26 -15.10
CA GLY C 513 -20.15 39.50 -15.93
C GLY C 513 -19.80 39.56 -17.40
N ILE C 514 -19.79 38.41 -18.06
CA ILE C 514 -19.51 38.30 -19.48
C ILE C 514 -20.83 38.05 -20.21
N THR C 515 -21.18 38.98 -21.08
CA THR C 515 -22.40 38.85 -21.86
C THR C 515 -22.29 37.68 -22.82
N LYS C 516 -23.44 37.06 -23.13
CA LYS C 516 -23.50 35.94 -24.05
C LYS C 516 -22.78 36.22 -25.36
N GLU C 517 -22.97 37.42 -25.91
CA GLU C 517 -22.36 37.75 -27.20
C GLU C 517 -20.85 37.70 -27.12
N ILE C 518 -20.28 38.09 -25.99
CA ILE C 518 -18.82 38.03 -25.82
C ILE C 518 -18.35 36.58 -25.94
N MET C 519 -19.02 35.69 -25.22
CA MET C 519 -18.69 34.27 -25.30
C MET C 519 -18.85 33.76 -26.72
N GLN C 520 -19.87 34.24 -27.43
CA GLN C 520 -20.08 33.80 -28.81
C GLN C 520 -18.91 34.21 -29.69
N VAL C 521 -18.46 35.46 -29.57
CA VAL C 521 -17.34 35.93 -30.37
C VAL C 521 -16.09 35.12 -30.04
N ALA C 522 -15.82 34.90 -28.75
CA ALA C 522 -14.65 34.15 -28.37
C ALA C 522 -14.71 32.73 -28.92
N LEU C 523 -15.87 32.10 -28.85
CA LEU C 523 -16.01 30.74 -29.34
C LEU C 523 -15.77 30.68 -30.85
N ASN C 524 -16.30 31.64 -31.60
CA ASN C 524 -16.11 31.63 -33.04
C ASN C 524 -14.64 31.82 -33.40
N GLN C 525 -13.97 32.75 -32.73
CA GLN C 525 -12.54 32.93 -32.99
C GLN C 525 -11.77 31.66 -32.68
N ALA C 526 -12.15 30.99 -31.60
CA ALA C 526 -11.50 29.72 -31.28
C ALA C 526 -11.73 28.69 -32.36
N LYS C 527 -12.93 28.67 -32.94
CA LYS C 527 -13.19 27.77 -34.05
C LYS C 527 -12.21 28.03 -35.19
N GLY C 528 -12.01 29.31 -35.52
CA GLY C 528 -11.07 29.62 -36.58
C GLY C 528 -9.65 29.15 -36.28
N ALA C 529 -9.17 29.48 -35.08
CA ALA C 529 -7.81 29.08 -34.70
C ALA C 529 -7.65 27.57 -34.71
N ARG C 530 -8.64 26.86 -34.18
CA ARG C 530 -8.58 25.41 -34.14
C ARG C 530 -8.61 24.82 -35.54
N LEU C 531 -9.33 25.44 -36.46
CA LEU C 531 -9.30 24.98 -37.84
C LEU C 531 -7.91 25.12 -38.42
N HIS C 532 -7.23 26.23 -38.13
CA HIS C 532 -5.87 26.41 -38.63
C HIS C 532 -4.94 25.34 -38.06
N ILE C 533 -5.00 25.11 -36.74
CA ILE C 533 -4.16 24.09 -36.12
C ILE C 533 -4.44 22.74 -36.74
N LEU C 534 -5.71 22.43 -36.98
CA LEU C 534 -6.04 21.14 -37.56
C LEU C 534 -5.50 21.02 -38.97
N GLY C 535 -5.48 22.10 -39.73
CA GLY C 535 -4.86 22.06 -41.04
C GLY C 535 -3.40 21.68 -40.95
N VAL C 536 -2.65 22.39 -40.10
CA VAL C 536 -1.23 22.10 -39.97
C VAL C 536 -1.02 20.66 -39.52
N MET C 537 -1.83 20.20 -38.57
CA MET C 537 -1.70 18.82 -38.10
C MET C 537 -2.01 17.82 -39.21
N GLU C 538 -2.96 18.15 -40.08
CA GLU C 538 -3.29 17.27 -41.20
C GLU C 538 -2.17 17.22 -42.22
N GLN C 539 -1.34 18.26 -42.29
CA GLN C 539 -0.25 18.25 -43.25
C GLN C 539 0.71 17.08 -43.00
N ALA C 540 0.89 16.68 -41.74
CA ALA C 540 1.85 15.62 -41.44
C ALA C 540 1.27 14.24 -41.73
N ILE C 541 0.11 13.94 -41.16
CA ILE C 541 -0.54 12.66 -41.37
C ILE C 541 -2.05 12.88 -41.35
N ASN C 542 -2.73 12.44 -42.41
CA ASN C 542 -4.12 12.79 -42.62
C ASN C 542 -5.11 11.67 -42.35
N ALA C 543 -4.70 10.42 -42.52
CA ALA C 543 -5.58 9.29 -42.29
C ALA C 543 -4.85 8.26 -41.45
N PRO C 544 -5.54 7.59 -40.53
CA PRO C 544 -4.86 6.62 -39.67
C PRO C 544 -4.20 5.52 -40.49
N ARG C 545 -3.10 5.01 -39.97
CA ARG C 545 -2.33 4.01 -40.69
C ARG C 545 -3.17 2.79 -40.99
N GLY C 546 -2.69 1.98 -41.94
CA GLY C 546 -3.45 0.82 -42.36
C GLY C 546 -3.74 -0.14 -41.22
N ASP C 547 -2.70 -0.60 -40.54
CA ASP C 547 -2.85 -1.55 -39.45
C ASP C 547 -2.03 -1.09 -38.26
N ILE C 548 -2.19 -1.79 -37.14
CA ILE C 548 -1.41 -1.48 -35.97
C ILE C 548 0.05 -1.85 -36.19
N SER C 549 0.92 -1.29 -35.35
CA SER C 549 2.34 -1.54 -35.49
C SER C 549 2.64 -3.02 -35.28
N GLU C 550 3.75 -3.48 -35.87
CA GLU C 550 4.09 -4.89 -35.81
C GLU C 550 4.23 -5.36 -34.35
N PHE C 551 4.70 -4.47 -33.48
CA PHE C 551 4.85 -4.84 -32.08
C PHE C 551 3.50 -5.07 -31.40
N ALA C 552 2.47 -4.34 -31.84
CA ALA C 552 1.15 -4.40 -31.23
C ALA C 552 0.62 -5.83 -31.12
N PRO C 553 0.00 -6.18 -30.02
CA PRO C 553 -0.54 -7.53 -29.87
C PRO C 553 -1.73 -7.77 -30.79
N ARG C 554 -1.57 -8.65 -31.77
CA ARG C 554 -2.69 -9.02 -32.62
C ARG C 554 -3.60 -9.99 -31.86
N ILE C 555 -4.80 -10.19 -32.39
CA ILE C 555 -5.80 -11.03 -31.74
C ILE C 555 -6.05 -12.26 -32.58
N HIS C 556 -5.91 -13.43 -31.98
CA HIS C 556 -6.21 -14.70 -32.61
C HIS C 556 -7.22 -15.44 -31.74
N THR C 557 -8.26 -15.99 -32.37
CA THR C 557 -9.36 -16.60 -31.64
C THR C 557 -9.45 -18.08 -31.97
N ILE C 558 -9.51 -18.91 -30.93
CA ILE C 558 -9.67 -20.36 -31.03
C ILE C 558 -10.88 -20.76 -30.20
N LYS C 559 -11.52 -21.85 -30.58
CA LYS C 559 -12.70 -22.35 -29.90
C LYS C 559 -12.40 -23.70 -29.27
N ILE C 560 -12.74 -23.86 -27.99
CA ILE C 560 -12.55 -25.10 -27.25
C ILE C 560 -13.81 -25.42 -26.45
N ASN C 561 -13.91 -26.68 -26.03
CA ASN C 561 -15.09 -27.17 -25.34
C ASN C 561 -15.16 -26.59 -23.92
N PRO C 562 -16.37 -26.35 -23.40
CA PRO C 562 -16.51 -25.76 -22.06
C PRO C 562 -15.77 -26.49 -20.94
N ASP C 563 -15.69 -27.82 -20.98
CA ASP C 563 -14.88 -28.51 -19.98
C ASP C 563 -13.40 -28.24 -20.19
N LYS C 564 -13.00 -28.05 -21.46
CA LYS C 564 -11.60 -27.83 -21.78
C LYS C 564 -11.08 -26.57 -21.11
N ILE C 565 -11.94 -25.56 -20.91
CA ILE C 565 -11.48 -24.35 -20.24
C ILE C 565 -11.07 -24.66 -18.80
N LYS C 566 -11.85 -25.49 -18.11
CA LYS C 566 -11.45 -25.88 -16.76
C LYS C 566 -10.21 -26.75 -16.79
N ASP C 567 -10.08 -27.60 -17.82
CA ASP C 567 -8.87 -28.40 -17.95
C ASP C 567 -7.64 -27.51 -18.08
N VAL C 568 -7.73 -26.47 -18.91
CA VAL C 568 -6.58 -25.59 -19.11
C VAL C 568 -6.34 -24.71 -17.89
N ILE C 569 -7.38 -24.44 -17.10
CA ILE C 569 -7.14 -23.73 -15.84
C ILE C 569 -6.26 -24.57 -14.93
N GLY C 570 -6.66 -25.81 -14.67
CA GLY C 570 -5.89 -26.55 -13.69
C GLY C 570 -6.04 -25.95 -12.29
N LYS C 571 -5.11 -26.34 -11.42
CA LYS C 571 -5.16 -25.93 -10.02
C LYS C 571 -4.75 -24.47 -9.90
N GLY C 572 -5.71 -23.60 -9.58
CA GLY C 572 -5.44 -22.19 -9.41
C GLY C 572 -4.91 -21.50 -10.65
N GLY C 573 -4.88 -22.21 -11.76
CA GLY C 573 -4.37 -21.67 -13.00
C GLY C 573 -2.95 -22.06 -13.34
N SER C 574 -2.45 -23.16 -12.79
CA SER C 574 -1.05 -23.53 -13.02
C SER C 574 -0.78 -23.80 -14.50
N VAL C 575 -1.75 -24.42 -15.18
CA VAL C 575 -1.55 -24.75 -16.59
C VAL C 575 -1.43 -23.48 -17.43
N ILE C 576 -2.33 -22.52 -17.21
CA ILE C 576 -2.26 -21.29 -17.98
C ILE C 576 -1.01 -20.50 -17.62
N ARG C 577 -0.58 -20.54 -16.36
CA ARG C 577 0.66 -19.85 -16.00
C ARG C 577 1.84 -20.45 -16.73
N ALA C 578 1.95 -21.78 -16.70
CA ALA C 578 3.05 -22.45 -17.41
C ALA C 578 2.99 -22.18 -18.90
N LEU C 579 1.78 -22.16 -19.48
CA LEU C 579 1.63 -21.93 -20.90
C LEU C 579 2.10 -20.52 -21.28
N THR C 580 1.68 -19.53 -20.49
CA THR C 580 2.11 -18.16 -20.76
C THR C 580 3.61 -18.00 -20.56
N GLU C 581 4.19 -18.68 -19.57
CA GLU C 581 5.62 -18.56 -19.36
C GLU C 581 6.42 -19.24 -20.47
N GLU C 582 5.92 -20.36 -20.98
CA GLU C 582 6.65 -21.08 -22.02
C GLU C 582 6.46 -20.45 -23.39
N THR C 583 5.31 -19.81 -23.64
CA THR C 583 5.02 -19.27 -24.95
C THR C 583 5.31 -17.77 -25.05
N GLY C 584 5.13 -17.03 -23.97
CA GLY C 584 5.41 -15.61 -23.98
C GLY C 584 4.31 -14.75 -24.56
N THR C 585 3.07 -15.22 -24.53
CA THR C 585 1.93 -14.47 -25.05
C THR C 585 1.03 -14.05 -23.90
N THR C 586 -0.26 -13.86 -24.21
CA THR C 586 -1.28 -13.57 -23.22
C THR C 586 -2.56 -14.26 -23.65
N ILE C 587 -3.12 -15.08 -22.76
CA ILE C 587 -4.29 -15.90 -23.08
C ILE C 587 -5.45 -15.47 -22.20
N GLU C 588 -6.62 -15.31 -22.81
CA GLU C 588 -7.85 -15.02 -22.09
C GLU C 588 -8.79 -16.21 -22.19
N ILE C 589 -9.47 -16.50 -21.09
CA ILE C 589 -10.32 -17.68 -20.97
C ILE C 589 -11.73 -17.23 -20.63
N GLU C 590 -12.69 -17.67 -21.43
CA GLU C 590 -14.10 -17.40 -21.20
C GLU C 590 -14.83 -18.70 -20.97
N ASP C 591 -15.99 -18.60 -20.30
CA ASP C 591 -16.73 -19.80 -19.93
C ASP C 591 -17.41 -20.46 -21.11
N ASP C 592 -17.67 -19.73 -22.19
CA ASP C 592 -18.31 -20.31 -23.36
C ASP C 592 -17.33 -21.08 -24.23
N GLY C 593 -16.07 -21.18 -23.83
CA GLY C 593 -15.08 -21.93 -24.59
C GLY C 593 -14.30 -21.13 -25.60
N THR C 594 -14.54 -19.82 -25.70
CA THR C 594 -13.74 -18.99 -26.60
C THR C 594 -12.34 -18.78 -26.02
N VAL C 595 -11.34 -18.81 -26.89
CA VAL C 595 -9.96 -18.58 -26.50
C VAL C 595 -9.46 -17.34 -27.21
N LYS C 596 -8.75 -16.48 -26.48
CA LYS C 596 -8.17 -15.26 -27.03
C LYS C 596 -6.66 -15.42 -27.03
N ILE C 597 -6.09 -15.61 -28.21
CA ILE C 597 -4.65 -15.71 -28.38
C ILE C 597 -4.12 -14.33 -28.74
N ALA C 598 -3.33 -13.74 -27.86
CA ALA C 598 -2.81 -12.39 -28.05
C ALA C 598 -1.30 -12.44 -27.94
N ALA C 599 -0.61 -12.16 -29.05
CA ALA C 599 0.84 -12.18 -29.06
C ALA C 599 1.33 -11.23 -30.15
N THR C 600 2.54 -10.71 -29.94
CA THR C 600 3.08 -9.73 -30.86
C THR C 600 3.39 -10.36 -32.22
N ASP C 601 4.28 -11.33 -32.23
CA ASP C 601 4.72 -11.97 -33.47
C ASP C 601 3.88 -13.22 -33.73
N GLY C 602 3.56 -13.44 -35.00
CA GLY C 602 2.72 -14.58 -35.36
C GLY C 602 3.31 -15.92 -34.97
N GLU C 603 4.64 -16.00 -34.89
CA GLU C 603 5.27 -17.27 -34.53
C GLU C 603 4.90 -17.68 -33.11
N LYS C 604 4.99 -16.74 -32.16
CA LYS C 604 4.55 -17.05 -30.80
C LYS C 604 3.07 -17.42 -30.78
N ALA C 605 2.28 -16.79 -31.65
CA ALA C 605 0.86 -17.08 -31.69
C ALA C 605 0.61 -18.52 -32.11
N LYS C 606 1.17 -18.94 -33.24
CA LYS C 606 0.98 -20.32 -33.68
C LYS C 606 1.63 -21.30 -32.71
N HIS C 607 2.73 -20.91 -32.07
CA HIS C 607 3.33 -21.73 -31.02
C HIS C 607 2.31 -22.00 -29.92
N ALA C 608 1.68 -20.94 -29.42
CA ALA C 608 0.64 -21.10 -28.41
C ALA C 608 -0.49 -21.97 -28.92
N ILE C 609 -0.90 -21.77 -30.18
CA ILE C 609 -2.01 -22.56 -30.71
C ILE C 609 -1.68 -24.03 -30.71
N ARG C 610 -0.47 -24.39 -31.17
CA ARG C 610 -0.09 -25.80 -31.18
C ARG C 610 0.02 -26.36 -29.76
N ARG C 611 0.70 -25.64 -28.87
CA ARG C 611 0.90 -26.12 -27.51
C ARG C 611 -0.43 -26.37 -26.82
N ILE C 612 -1.37 -25.44 -26.94
CA ILE C 612 -2.69 -25.65 -26.37
C ILE C 612 -3.43 -26.76 -27.13
N GLU C 613 -3.28 -26.83 -28.44
CA GLU C 613 -4.08 -27.74 -29.24
C GLU C 613 -3.78 -29.20 -28.91
N GLU C 614 -2.52 -29.51 -28.60
CA GLU C 614 -2.23 -30.90 -28.25
C GLU C 614 -3.02 -31.34 -27.01
N ILE C 615 -3.15 -30.46 -26.02
CA ILE C 615 -3.91 -30.83 -24.82
C ILE C 615 -5.41 -30.76 -25.08
N THR C 616 -5.85 -29.80 -25.91
CA THR C 616 -7.27 -29.71 -26.22
C THR C 616 -7.72 -30.87 -27.09
N ALA C 617 -6.85 -31.35 -27.98
CA ALA C 617 -7.25 -32.42 -28.88
C ALA C 617 -7.64 -33.66 -28.08
N GLU C 618 -8.89 -34.07 -28.22
CA GLU C 618 -9.35 -35.28 -27.56
C GLU C 618 -8.77 -36.50 -28.28
N ILE C 619 -8.40 -37.50 -27.49
CA ILE C 619 -7.90 -38.74 -28.09
C ILE C 619 -9.03 -39.38 -28.88
N GLU C 620 -8.74 -39.71 -30.13
CA GLU C 620 -9.76 -40.12 -31.09
C GLU C 620 -9.50 -41.54 -31.55
N VAL C 621 -10.57 -42.26 -31.83
CA VAL C 621 -10.48 -43.68 -32.17
C VAL C 621 -9.76 -43.84 -33.50
N GLY C 622 -8.81 -44.77 -33.55
CA GLY C 622 -8.00 -44.97 -34.73
C GLY C 622 -6.74 -44.12 -34.75
N ARG C 623 -6.82 -42.93 -34.16
CA ARG C 623 -5.67 -42.03 -34.10
C ARG C 623 -4.84 -42.36 -32.86
N VAL C 624 -3.58 -42.69 -33.07
CA VAL C 624 -2.69 -43.05 -31.98
C VAL C 624 -2.16 -41.80 -31.31
N TYR C 625 -2.00 -41.85 -29.99
CA TYR C 625 -1.54 -40.70 -29.22
C TYR C 625 -0.04 -40.80 -28.97
N THR C 626 0.61 -39.65 -28.94
CA THR C 626 2.05 -39.58 -28.71
C THR C 626 2.30 -39.53 -27.21
N GLY C 627 2.77 -40.62 -26.66
CA GLY C 627 3.01 -40.71 -25.22
C GLY C 627 4.41 -41.20 -24.94
N LYS C 628 5.05 -40.55 -23.96
CA LYS C 628 6.41 -40.88 -23.54
C LYS C 628 6.39 -41.24 -22.06
N VAL C 629 6.76 -42.49 -21.75
CA VAL C 629 6.85 -42.95 -20.37
C VAL C 629 7.94 -42.20 -19.65
N THR C 630 7.57 -41.49 -18.58
CA THR C 630 8.53 -40.68 -17.85
C THR C 630 9.32 -41.49 -16.82
N ARG C 631 8.74 -42.60 -16.32
CA ARG C 631 9.40 -43.40 -15.30
C ARG C 631 9.16 -44.88 -15.58
N ILE C 632 10.22 -45.67 -15.46
CA ILE C 632 10.16 -47.12 -15.64
C ILE C 632 10.57 -47.79 -14.34
N VAL C 633 9.78 -48.77 -13.90
CA VAL C 633 10.05 -49.55 -12.71
C VAL C 633 10.01 -51.03 -13.11
N ASP C 634 10.56 -51.86 -12.22
CA ASP C 634 10.66 -53.30 -12.51
C ASP C 634 9.29 -53.96 -12.62
N PHE C 635 8.28 -53.42 -11.96
CA PHE C 635 6.95 -54.02 -11.92
C PHE C 635 5.98 -53.38 -12.89
N GLY C 636 6.45 -52.51 -13.76
CA GLY C 636 5.61 -51.89 -14.76
C GLY C 636 6.02 -50.45 -15.02
N ALA C 637 5.83 -50.03 -16.27
CA ALA C 637 6.11 -48.66 -16.70
C ALA C 637 4.83 -48.06 -17.27
N PHE C 638 4.41 -46.92 -16.72
CA PHE C 638 3.18 -46.28 -17.12
C PHE C 638 3.50 -45.10 -18.03
N VAL C 639 2.82 -45.04 -19.18
CA VAL C 639 3.11 -44.03 -20.20
C VAL C 639 2.24 -42.83 -19.87
N ALA C 640 2.83 -41.86 -19.18
CA ALA C 640 2.13 -40.61 -18.88
C ALA C 640 1.77 -39.89 -20.17
N ILE C 641 0.49 -39.54 -20.31
CA ILE C 641 -0.01 -38.95 -21.55
C ILE C 641 -0.44 -37.49 -21.38
N GLY C 642 -0.83 -37.09 -20.17
CA GLY C 642 -1.28 -35.73 -19.95
C GLY C 642 -2.79 -35.60 -20.06
N GLY C 643 -3.24 -34.35 -19.93
CA GLY C 643 -4.67 -34.08 -19.96
C GLY C 643 -5.39 -34.38 -18.68
N GLY C 644 -4.67 -34.52 -17.57
CA GLY C 644 -5.27 -34.88 -16.30
C GLY C 644 -5.69 -36.33 -16.17
N LYS C 645 -5.68 -37.09 -17.27
CA LYS C 645 -6.13 -38.48 -17.27
C LYS C 645 -5.04 -39.34 -17.87
N GLU C 646 -4.47 -40.22 -17.07
CA GLU C 646 -3.36 -41.08 -17.47
C GLU C 646 -3.82 -42.53 -17.52
N GLY C 647 -3.46 -43.22 -18.60
CA GLY C 647 -3.74 -44.63 -18.74
C GLY C 647 -2.51 -45.44 -18.41
N LEU C 648 -2.68 -46.43 -17.52
CA LEU C 648 -1.58 -47.20 -16.97
C LEU C 648 -1.57 -48.58 -17.61
N VAL C 649 -0.39 -49.02 -18.05
CA VAL C 649 -0.22 -50.33 -18.67
C VAL C 649 0.39 -51.23 -17.59
N HIS C 650 -0.47 -51.92 -16.86
CA HIS C 650 -0.01 -52.80 -15.79
C HIS C 650 0.81 -53.95 -16.36
N ILE C 651 1.70 -54.49 -15.53
CA ILE C 651 2.62 -55.56 -15.90
C ILE C 651 1.85 -56.79 -16.37
N SER C 652 0.60 -56.92 -15.96
CA SER C 652 -0.23 -58.07 -16.29
C SER C 652 -1.01 -57.88 -17.58
N GLN C 653 -0.96 -56.71 -18.19
CA GLN C 653 -1.73 -56.43 -19.40
C GLN C 653 -0.85 -56.31 -20.64
N ILE C 654 0.48 -56.30 -20.48
CA ILE C 654 1.36 -56.22 -21.64
C ILE C 654 1.27 -57.49 -22.47
N ALA C 655 1.78 -58.60 -21.93
CA ALA C 655 1.77 -59.85 -22.68
C ALA C 655 1.62 -61.01 -21.71
N ASP C 656 1.18 -62.15 -22.25
CA ASP C 656 1.09 -63.36 -21.45
C ASP C 656 2.46 -63.93 -21.11
N LYS C 657 3.48 -63.61 -21.89
CA LYS C 657 4.83 -63.99 -21.52
C LYS C 657 5.30 -63.13 -20.35
N ARG C 658 6.11 -63.75 -19.47
CA ARG C 658 6.56 -63.07 -18.27
C ARG C 658 7.47 -61.91 -18.61
N VAL C 659 6.96 -60.68 -18.47
CA VAL C 659 7.76 -59.49 -18.74
C VAL C 659 8.85 -59.41 -17.67
N GLU C 660 10.10 -59.67 -18.07
CA GLU C 660 11.19 -59.75 -17.11
C GLU C 660 11.67 -58.37 -16.68
N LYS C 661 11.86 -57.47 -17.64
CA LYS C 661 12.29 -56.11 -17.34
C LYS C 661 11.77 -55.20 -18.43
N VAL C 662 11.33 -54.00 -18.04
CA VAL C 662 10.80 -53.07 -19.03
C VAL C 662 11.91 -52.47 -19.87
N THR C 663 13.15 -52.45 -19.36
CA THR C 663 14.24 -51.79 -20.07
C THR C 663 14.52 -52.45 -21.43
N ASP C 664 14.49 -53.78 -21.47
CA ASP C 664 14.64 -54.48 -22.74
C ASP C 664 13.33 -54.58 -23.52
N TYR C 665 12.21 -54.18 -22.90
CA TYR C 665 10.92 -54.11 -23.56
C TYR C 665 10.59 -52.69 -24.02
N LEU C 666 10.86 -51.70 -23.18
CA LEU C 666 10.72 -50.29 -23.55
C LEU C 666 12.04 -49.60 -23.26
N GLN C 667 12.62 -48.97 -24.26
CA GLN C 667 13.91 -48.33 -24.15
C GLN C 667 13.76 -46.83 -23.99
N MET C 668 14.79 -46.20 -23.42
CA MET C 668 14.79 -44.75 -23.22
C MET C 668 14.69 -44.03 -24.55
N GLY C 669 13.56 -43.39 -24.80
CA GLY C 669 13.30 -42.72 -26.06
C GLY C 669 12.53 -43.54 -27.07
N GLN C 670 11.80 -44.55 -26.63
CA GLN C 670 11.01 -45.41 -27.53
C GLN C 670 9.68 -44.71 -27.80
N GLU C 671 9.67 -43.88 -28.84
CA GLU C 671 8.46 -43.19 -29.28
C GLU C 671 7.72 -44.11 -30.25
N VAL C 672 6.66 -44.74 -29.76
CA VAL C 672 5.92 -45.73 -30.54
C VAL C 672 4.44 -45.34 -30.52
N PRO C 673 3.72 -45.48 -31.62
CA PRO C 673 2.27 -45.26 -31.58
C PRO C 673 1.60 -46.25 -30.64
N VAL C 674 0.61 -45.77 -29.89
CA VAL C 674 -0.13 -46.60 -28.96
C VAL C 674 -1.58 -46.71 -29.43
N LYS C 675 -2.07 -47.93 -29.53
CA LYS C 675 -3.44 -48.20 -29.97
C LYS C 675 -4.38 -48.04 -28.79
N VAL C 676 -5.22 -47.03 -28.83
CA VAL C 676 -6.26 -46.80 -27.83
C VAL C 676 -7.59 -47.24 -28.42
N LEU C 677 -8.30 -48.10 -27.69
CA LEU C 677 -9.57 -48.64 -28.17
C LEU C 677 -10.76 -47.81 -27.72
N GLU C 678 -10.69 -47.16 -26.57
CA GLU C 678 -11.82 -46.44 -26.01
C GLU C 678 -11.32 -45.43 -24.99
N VAL C 679 -12.24 -44.57 -24.55
CA VAL C 679 -11.99 -43.61 -23.49
C VAL C 679 -12.92 -43.96 -22.34
N ASP C 680 -12.37 -44.53 -21.28
CA ASP C 680 -13.15 -44.95 -20.12
C ASP C 680 -13.13 -43.89 -19.03
N ARG C 681 -14.06 -44.01 -18.10
CA ARG C 681 -14.19 -43.05 -17.02
C ARG C 681 -13.60 -43.55 -15.70
N GLN C 682 -13.33 -44.85 -15.58
CA GLN C 682 -12.87 -45.43 -14.33
C GLN C 682 -11.45 -45.01 -13.94
N GLY C 683 -10.77 -44.19 -14.74
CA GLY C 683 -9.43 -43.76 -14.42
C GLY C 683 -8.33 -44.68 -14.89
N ARG C 684 -8.65 -45.74 -15.62
CA ARG C 684 -7.66 -46.72 -16.08
C ARG C 684 -7.79 -46.86 -17.60
N ILE C 685 -7.32 -45.84 -18.32
CA ILE C 685 -7.34 -45.88 -19.78
C ILE C 685 -6.45 -47.01 -20.28
N ARG C 686 -6.96 -47.79 -21.23
CA ARG C 686 -6.20 -48.92 -21.76
C ARG C 686 -5.30 -48.44 -22.90
N LEU C 687 -3.99 -48.61 -22.71
CA LEU C 687 -3.00 -48.40 -23.75
C LEU C 687 -2.41 -49.72 -24.19
N SER C 688 -2.00 -49.78 -25.46
CA SER C 688 -1.50 -51.03 -26.02
C SER C 688 -0.48 -50.71 -27.10
N ILE C 689 0.78 -51.05 -26.82
CA ILE C 689 1.84 -50.99 -27.82
C ILE C 689 1.96 -52.30 -28.57
N LYS C 690 1.29 -53.36 -28.10
CA LYS C 690 1.46 -54.69 -28.66
C LYS C 690 1.04 -54.75 -30.12
N GLU C 691 -0.07 -54.11 -30.47
CA GLU C 691 -0.53 -54.14 -31.86
C GLU C 691 0.36 -53.29 -32.76
N ALA C 692 0.93 -52.21 -32.23
CA ALA C 692 1.80 -51.37 -33.03
C ALA C 692 3.20 -51.94 -33.19
N THR C 693 3.61 -52.84 -32.31
CA THR C 693 4.92 -53.48 -32.42
C THR C 693 4.90 -54.74 -33.26
N GLU C 694 3.72 -55.26 -33.61
CA GLU C 694 3.65 -56.47 -34.42
C GLU C 694 4.21 -56.24 -35.81
N GLN C 695 3.95 -55.07 -36.39
CA GLN C 695 4.47 -54.74 -37.71
C GLN C 695 5.62 -53.73 -37.60
#